data_2HRI
# 
_entry.id   2HRI 
# 
_audit_conform.dict_name       mmcif_pdbx.dic 
_audit_conform.dict_version    5.377 
_audit_conform.dict_location   http://mmcif.pdb.org/dictionaries/ascii/mmcif_pdbx.dic 
# 
loop_
_database_2.database_id 
_database_2.database_code 
_database_2.pdbx_database_accession 
_database_2.pdbx_DOI 
PDB   2HRI         pdb_00002hri 10.2210/pdb2hri/pdb 
NDB   UD0071       ?            ?                   
RCSB  RCSB038677   ?            ?                   
WWPDB D_1000038677 ?            ?                   
# 
_pdbx_database_status.status_code                     REL 
_pdbx_database_status.entry_id                        2HRI 
_pdbx_database_status.recvd_initial_deposition_date   2006-07-20 
_pdbx_database_status.deposit_site                    RCSB 
_pdbx_database_status.process_site                    RCSB 
_pdbx_database_status.status_code_sf                  REL 
_pdbx_database_status.status_code_mr                  ? 
_pdbx_database_status.SG_entry                        ? 
_pdbx_database_status.status_code_cs                  ? 
_pdbx_database_status.pdb_format_compatible           Y 
_pdbx_database_status.status_code_nmr_data            ? 
_pdbx_database_status.methods_development_category    ? 
# 
loop_
_audit_author.name 
_audit_author.pdbx_ordinal 
'Parkinson, G.N.' 1 
'Ghosh, R.'       2 
'Neidle, S.'      3 
# 
_citation.id                        primary 
_citation.title                     'Structural basis for binding of porphyrin to human telomeres.' 
_citation.journal_abbrev            Biochemistry 
_citation.journal_volume            46 
_citation.page_first                2390 
_citation.page_last                 2397 
_citation.year                      2007 
_citation.journal_id_ASTM           BICHAW 
_citation.country                   US 
_citation.journal_id_ISSN           0006-2960 
_citation.journal_id_CSD            0033 
_citation.book_publisher            ? 
_citation.pdbx_database_id_PubMed   17274602 
_citation.pdbx_database_id_DOI      10.1021/bi062244n 
# 
loop_
_citation_author.citation_id 
_citation_author.name 
_citation_author.ordinal 
_citation_author.identifier_ORCID 
primary 'Parkinson, G.N.' 1 ? 
primary 'Ghosh, R.'       2 ? 
primary 'Neidle, S.'      3 ? 
# 
_cell.entry_id           2HRI 
_cell.length_a           37.290 
_cell.length_b           61.990 
_cell.length_c           61.400 
_cell.angle_alpha        90.00 
_cell.angle_beta         90.00 
_cell.angle_gamma        90.00 
_cell.Z_PDB              16 
_cell.pdbx_unique_axis   ? 
_cell.length_a_esd       ? 
_cell.length_b_esd       ? 
_cell.length_c_esd       ? 
_cell.angle_alpha_esd    ? 
_cell.angle_beta_esd     ? 
_cell.angle_gamma_esd    ? 
# 
_symmetry.entry_id                         2HRI 
_symmetry.space_group_name_H-M             'C 2 2 21' 
_symmetry.pdbx_full_space_group_name_H-M   ? 
_symmetry.cell_setting                     ? 
_symmetry.Int_Tables_number                20 
_symmetry.space_group_name_Hall            ? 
# 
loop_
_entity.id 
_entity.type 
_entity.src_method 
_entity.pdbx_description 
_entity.formula_weight 
_entity.pdbx_number_of_molecules 
_entity.pdbx_ec 
_entity.pdbx_mutation 
_entity.pdbx_fragment 
_entity.details 
1 polymer     syn "5'-D(*TP*AP*GP*GP*GP*TP*TP*AP*GP*GP*G)-3'"                                             3469.269 2  ? ? Telomere 
'Telomeric DNA' 
2 non-polymer syn 'POTASSIUM ION'                                                                         39.098   3  ? ? ?        
?               
3 non-polymer syn '(1Z,4Z,9Z,15Z)-5,10,15,20-tetrakis(1-methylpyridin-1-ium-4-yl)-21,23-dihydroporphyrin' 678.826  2  ? ? ?        
?               
4 water       nat water                                                                                   18.015   46 ? ? ?        
?               
# 
_entity_poly.entity_id                      1 
_entity_poly.type                           polydeoxyribonucleotide 
_entity_poly.nstd_linkage                   no 
_entity_poly.nstd_monomer                   no 
_entity_poly.pdbx_seq_one_letter_code       '(DT)(DA)(DG)(DG)(DG)(DT)(DT)(DA)(DG)(DG)(DG)' 
_entity_poly.pdbx_seq_one_letter_code_can   TAGGGTTAGGG 
_entity_poly.pdbx_strand_id                 A,B 
_entity_poly.pdbx_target_identifier         ? 
# 
loop_
_entity_poly_seq.entity_id 
_entity_poly_seq.num 
_entity_poly_seq.mon_id 
_entity_poly_seq.hetero 
1 1  DT n 
1 2  DA n 
1 3  DG n 
1 4  DG n 
1 5  DG n 
1 6  DT n 
1 7  DT n 
1 8  DA n 
1 9  DG n 
1 10 DG n 
1 11 DG n 
# 
_pdbx_entity_src_syn.entity_id              1 
_pdbx_entity_src_syn.pdbx_src_id            1 
_pdbx_entity_src_syn.pdbx_alt_source_flag   sample 
_pdbx_entity_src_syn.pdbx_beg_seq_num       ? 
_pdbx_entity_src_syn.pdbx_end_seq_num       ? 
_pdbx_entity_src_syn.organism_scientific    ? 
_pdbx_entity_src_syn.organism_common_name   ? 
_pdbx_entity_src_syn.ncbi_taxonomy_id       ? 
_pdbx_entity_src_syn.details                'This sequence occurs naturally in humans' 
# 
_struct_ref.id                         1 
_struct_ref.entity_id                  1 
_struct_ref.db_name                    PDB 
_struct_ref.db_code                    2HRI 
_struct_ref.pdbx_db_accession          2HRI 
_struct_ref.pdbx_align_begin           ? 
_struct_ref.pdbx_seq_one_letter_code   ? 
_struct_ref.pdbx_db_isoform            ? 
# 
loop_
_struct_ref_seq.align_id 
_struct_ref_seq.ref_id 
_struct_ref_seq.pdbx_PDB_id_code 
_struct_ref_seq.pdbx_strand_id 
_struct_ref_seq.seq_align_beg 
_struct_ref_seq.pdbx_seq_align_beg_ins_code 
_struct_ref_seq.seq_align_end 
_struct_ref_seq.pdbx_seq_align_end_ins_code 
_struct_ref_seq.pdbx_db_accession 
_struct_ref_seq.db_align_beg 
_struct_ref_seq.pdbx_db_align_beg_ins_code 
_struct_ref_seq.db_align_end 
_struct_ref_seq.pdbx_db_align_end_ins_code 
_struct_ref_seq.pdbx_auth_seq_align_beg 
_struct_ref_seq.pdbx_auth_seq_align_end 
1 1 2HRI A 1 ? 11 ? 2HRI 1  ? 11 ? 1  11 
2 1 2HRI B 1 ? 11 ? 2HRI 12 ? 22 ? 12 22 
# 
loop_
_chem_comp.id 
_chem_comp.type 
_chem_comp.mon_nstd_flag 
_chem_comp.name 
_chem_comp.pdbx_synonyms 
_chem_comp.formula 
_chem_comp.formula_weight 
DA  'DNA linking' y "2'-DEOXYADENOSINE-5'-MONOPHOSPHATE"                                                    ?      
'C10 H14 N5 O6 P' 331.222 
DG  'DNA linking' y "2'-DEOXYGUANOSINE-5'-MONOPHOSPHATE"                                                    ?      
'C10 H14 N5 O7 P' 347.221 
DT  'DNA linking' y "THYMIDINE-5'-MONOPHOSPHATE"                                                            ?      
'C10 H15 N2 O8 P' 322.208 
HOH non-polymer   . WATER                                                                                   ?      'H2 O' 18.015  
K   non-polymer   . 'POTASSIUM ION'                                                                         ?      'K 1' 39.098  
POH non-polymer   . '(1Z,4Z,9Z,15Z)-5,10,15,20-tetrakis(1-methylpyridin-1-ium-4-yl)-21,23-dihydroporphyrin' TMPyP4 'C44 H38 N8 4' 
678.826 
# 
_exptl.entry_id          2HRI 
_exptl.method            'X-RAY DIFFRACTION' 
_exptl.crystals_number   1 
# 
_exptl_crystal.id                    1 
_exptl_crystal.density_meas          ? 
_exptl_crystal.density_Matthews      2.47 
_exptl_crystal.density_percent_sol   50.12 
_exptl_crystal.description           ? 
_exptl_crystal.F_000                 ? 
_exptl_crystal.preparation           ? 
# 
_exptl_crystal_grow.crystal_id      1 
_exptl_crystal_grow.method          'VAPOR DIFFUSION' 
_exptl_crystal_grow.temp            285 
_exptl_crystal_grow.temp_details    ? 
_exptl_crystal_grow.pH              6.5 
_exptl_crystal_grow.pdbx_details    
;500 mM ammonium sulphate, 80 mM lithium sulphate, 80 mM sodium chloride, 80 mM potassium chloride, 20mM potassium cacodylate, pH 6.5, VAPOR DIFFUSION, temperature 285K
;
_exptl_crystal_grow.pdbx_pH_range   . 
# 
loop_
_exptl_crystal_grow_comp.crystal_id 
_exptl_crystal_grow_comp.id 
_exptl_crystal_grow_comp.sol_id 
_exptl_crystal_grow_comp.name 
_exptl_crystal_grow_comp.volume 
_exptl_crystal_grow_comp.conc 
_exptl_crystal_grow_comp.details 
1 1  1 'ammonium sulphate'    ? ? ? 
1 2  1 'lithium sulphate'     ? ? ? 
1 3  1 'sodium chloride'      ? ? ? 
1 4  1 'potassium chloride'   ? ? ? 
1 5  1 'potassium cacodylate' ? ? ? 
1 6  1 H2O                    ? ? ? 
1 7  2 'ammonium sulphate'    ? ? ? 
1 8  2 'lithium sulphate'     ? ? ? 
1 9  2 'sodium chloride'      ? ? ? 
1 10 2 'potassium chloride'   ? ? ? 
1 11 2 'potassium cacodylate' ? ? ? 
1 12 2 H2O                    ? ? ? 
# 
_diffrn.id                     1 
_diffrn.ambient_temp           105 
_diffrn.ambient_temp_details   ? 
_diffrn.crystal_id             1 
# 
_diffrn_detector.diffrn_id              1 
_diffrn_detector.detector               'IMAGE PLATE' 
_diffrn_detector.type                   'RIGAKU RAXIS IV' 
_diffrn_detector.pdbx_collection_date   2006-06-07 
_diffrn_detector.details                'osmic mirrors' 
# 
_diffrn_radiation.diffrn_id                        1 
_diffrn_radiation.wavelength_id                    1 
_diffrn_radiation.pdbx_monochromatic_or_laue_m_l   M 
_diffrn_radiation.monochromator                    'Osmic Mirrors' 
_diffrn_radiation.pdbx_diffrn_protocol             'SINGLE WAVELENGTH' 
_diffrn_radiation.pdbx_scattering_type             x-ray 
# 
_diffrn_radiation_wavelength.id           1 
_diffrn_radiation_wavelength.wavelength   1.5418 
_diffrn_radiation_wavelength.wt           1.0 
# 
_diffrn_source.diffrn_id                   1 
_diffrn_source.source                      'ROTATING ANODE' 
_diffrn_source.type                        'RIGAKU RU200' 
_diffrn_source.pdbx_synchrotron_site       ? 
_diffrn_source.pdbx_synchrotron_beamline   ? 
_diffrn_source.pdbx_wavelength             ? 
_diffrn_source.pdbx_wavelength_list        1.5418 
# 
_reflns.entry_id                     2HRI 
_reflns.observed_criterion_sigma_F   0.0 
_reflns.observed_criterion_sigma_I   0.0 
_reflns.d_resolution_high            2.09 
_reflns.d_resolution_low             28.35 
_reflns.number_all                   4443 
_reflns.number_obs                   4443 
_reflns.percent_possible_obs         99.9 
_reflns.pdbx_Rmerge_I_obs            0.043 
_reflns.pdbx_Rsym_value              ? 
_reflns.pdbx_netI_over_sigmaI        18.2 
_reflns.B_iso_Wilson_estimate        45 
_reflns.pdbx_redundancy              5.07 
_reflns.R_free_details               ? 
_reflns.pdbx_chi_squared             ? 
_reflns.pdbx_scaling_rejects         ? 
_reflns.pdbx_ordinal                 1 
_reflns.pdbx_diffrn_id               1 
# 
_reflns_shell.d_res_high             2.09 
_reflns_shell.d_res_low              2.16 
_reflns_shell.percent_possible_all   99.5 
_reflns_shell.Rmerge_I_obs           0.201 
_reflns_shell.pdbx_Rsym_value        ? 
_reflns_shell.meanI_over_sigI_obs    6.5 
_reflns_shell.pdbx_redundancy        4.9 
_reflns_shell.percent_possible_obs   ? 
_reflns_shell.number_unique_all      433 
_reflns_shell.number_measured_all    ? 
_reflns_shell.number_measured_obs    ? 
_reflns_shell.number_unique_obs      ? 
_reflns_shell.pdbx_chi_squared       ? 
_reflns_shell.pdbx_ordinal           1 
_reflns_shell.pdbx_diffrn_id         1 
# 
_refine.entry_id                                 2HRI 
_refine.ls_number_reflns_obs                     4239 
_refine.ls_number_reflns_all                     4239 
_refine.pdbx_ls_sigma_I                          ? 
_refine.pdbx_ls_sigma_F                          0.0 
_refine.pdbx_data_cutoff_high_absF               ? 
_refine.pdbx_data_cutoff_low_absF                ? 
_refine.pdbx_data_cutoff_high_rms_absF           ? 
_refine.ls_d_res_low                             28.35 
_refine.ls_d_res_high                            2.09 
_refine.ls_percent_reflns_obs                    99.82 
_refine.ls_R_factor_obs                          0.20062 
_refine.ls_R_factor_all                          0.20062 
_refine.ls_R_factor_R_work                       0.19829 
_refine.ls_R_factor_R_free                       0.24833 
_refine.ls_R_factor_R_free_error                 ? 
_refine.ls_R_factor_R_free_error_details         ? 
_refine.ls_percent_reflns_R_free                 4.6 
_refine.ls_number_reflns_R_free                  204 
_refine.ls_number_parameters                     ? 
_refine.ls_number_restraints                     ? 
_refine.occupancy_min                            ? 
_refine.occupancy_max                            ? 
_refine.correlation_coeff_Fo_to_Fc               0.964 
_refine.correlation_coeff_Fo_to_Fc_free          0.936 
_refine.B_iso_mean                               24.671 
_refine.aniso_B[1][1]                            -2.19 
_refine.aniso_B[2][2]                            2.06 
_refine.aniso_B[3][3]                            0.13 
_refine.aniso_B[1][2]                            0.00 
_refine.aniso_B[1][3]                            0.00 
_refine.aniso_B[2][3]                            0.00 
_refine.solvent_model_details                    MASK 
_refine.solvent_model_param_ksol                 ? 
_refine.solvent_model_param_bsol                 ? 
_refine.pdbx_solvent_vdw_probe_radii             1.40 
_refine.pdbx_solvent_ion_probe_radii             0.80 
_refine.pdbx_solvent_shrinkage_radii             0.80 
_refine.pdbx_ls_cross_valid_method               THROUGHOUT 
_refine.details                                  'HYDROGENS HAVE BEEN ADDED IN THE RIDING POSITIONS' 
_refine.pdbx_starting_model                      'PDB ENTRY 2A5R' 
_refine.pdbx_method_to_determine_struct          'MOLECULAR REPLACEMENT' 
_refine.pdbx_isotropic_thermal_model             Isotropic 
_refine.pdbx_stereochemistry_target_values       'MAXIMUM LIKELIHOOD' 
_refine.pdbx_stereochem_target_val_spec_case     ? 
_refine.pdbx_R_Free_selection_details            RANDOM 
_refine.pdbx_overall_ESU_R                       0.248 
_refine.pdbx_overall_ESU_R_Free                  0.201 
_refine.overall_SU_ML                            0.122 
_refine.overall_SU_B                             4.389 
_refine.ls_redundancy_reflns_obs                 ? 
_refine.overall_SU_R_Cruickshank_DPI             ? 
_refine.overall_SU_R_free                        ? 
_refine.ls_wR_factor_R_free                      ? 
_refine.ls_wR_factor_R_work                      ? 
_refine.overall_FOM_free_R_set                   ? 
_refine.overall_FOM_work_R_set                   ? 
_refine.pdbx_refine_id                           'X-RAY DIFFRACTION' 
_refine.pdbx_overall_phase_error                 ? 
_refine.pdbx_diffrn_id                           1 
_refine.pdbx_TLS_residual_ADP_flag               ? 
_refine.pdbx_overall_SU_R_free_Cruickshank_DPI   ? 
_refine.pdbx_overall_SU_R_Blow_DPI               ? 
_refine.pdbx_overall_SU_R_free_Blow_DPI          ? 
# 
_refine_hist.pdbx_refine_id                   'X-RAY DIFFRACTION' 
_refine_hist.cycle_id                         LAST 
_refine_hist.pdbx_number_atoms_protein        0 
_refine_hist.pdbx_number_atoms_nucleic_acid   462 
_refine_hist.pdbx_number_atoms_ligand         107 
_refine_hist.number_atoms_solvent             46 
_refine_hist.number_atoms_total               615 
_refine_hist.d_res_high                       2.09 
_refine_hist.d_res_low                        28.35 
# 
loop_
_refine_ls_restr.type 
_refine_ls_restr.dev_ideal 
_refine_ls_restr.dev_ideal_target 
_refine_ls_restr.weight 
_refine_ls_restr.number 
_refine_ls_restr.pdbx_refine_id 
_refine_ls_restr.pdbx_restraint_function 
r_bond_refined_d             0.013 0.021 ? 640 'X-RAY DIFFRACTION' ? 
r_bond_other_d               ?     ?     ? ?   'X-RAY DIFFRACTION' ? 
r_angle_refined_deg          2.160 3.000 ? 980 'X-RAY DIFFRACTION' ? 
r_angle_other_deg            ?     ?     ? ?   'X-RAY DIFFRACTION' ? 
r_dihedral_angle_1_deg       ?     ?     ? ?   'X-RAY DIFFRACTION' ? 
r_dihedral_angle_2_deg       ?     ?     ? ?   'X-RAY DIFFRACTION' ? 
r_dihedral_angle_3_deg       ?     ?     ? ?   'X-RAY DIFFRACTION' ? 
r_dihedral_angle_4_deg       ?     ?     ? ?   'X-RAY DIFFRACTION' ? 
r_chiral_restr               0.092 0.200 ? 86  'X-RAY DIFFRACTION' ? 
r_gen_planes_refined         0.017 0.020 ? 364 'X-RAY DIFFRACTION' ? 
r_gen_planes_other           ?     ?     ? ?   'X-RAY DIFFRACTION' ? 
r_nbd_refined                0.322 0.200 ? 181 'X-RAY DIFFRACTION' ? 
r_nbd_other                  ?     ?     ? ?   'X-RAY DIFFRACTION' ? 
r_nbtor_refined              0.308 0.200 ? 343 'X-RAY DIFFRACTION' ? 
r_nbtor_other                ?     ?     ? ?   'X-RAY DIFFRACTION' ? 
r_xyhbond_nbd_refined        0.173 0.200 ? 31  'X-RAY DIFFRACTION' ? 
r_xyhbond_nbd_other          ?     ?     ? ?   'X-RAY DIFFRACTION' ? 
r_metal_ion_refined          0.107 0.200 ? 5   'X-RAY DIFFRACTION' ? 
r_metal_ion_other            ?     ?     ? ?   'X-RAY DIFFRACTION' ? 
r_symmetry_vdw_refined       0.249 0.200 ? 55  'X-RAY DIFFRACTION' ? 
r_symmetry_vdw_other         ?     ?     ? ?   'X-RAY DIFFRACTION' ? 
r_symmetry_hbond_refined     0.262 0.200 ? 5   'X-RAY DIFFRACTION' ? 
r_symmetry_hbond_other       ?     ?     ? ?   'X-RAY DIFFRACTION' ? 
r_symmetry_metal_ion_refined ?     ?     ? ?   'X-RAY DIFFRACTION' ? 
r_symmetry_metal_ion_other   ?     ?     ? ?   'X-RAY DIFFRACTION' ? 
r_mcbond_it                  ?     ?     ? ?   'X-RAY DIFFRACTION' ? 
r_mcbond_other               ?     ?     ? ?   'X-RAY DIFFRACTION' ? 
r_mcangle_it                 ?     ?     ? ?   'X-RAY DIFFRACTION' ? 
r_scbond_it                  1.874 3.000 ? 724 'X-RAY DIFFRACTION' ? 
r_scangle_it                 2.577 4.500 ? 980 'X-RAY DIFFRACTION' ? 
r_rigid_bond_restr           ?     ?     ? ?   'X-RAY DIFFRACTION' ? 
r_sphericity_free            ?     ?     ? ?   'X-RAY DIFFRACTION' ? 
r_sphericity_bonded          ?     ?     ? ?   'X-RAY DIFFRACTION' ? 
# 
_refine_ls_shell.pdbx_total_number_of_bins_used   20 
_refine_ls_shell.d_res_high                       2.090 
_refine_ls_shell.d_res_low                        2.144 
_refine_ls_shell.number_reflns_R_work             309 
_refine_ls_shell.R_factor_R_work                  0.364 
_refine_ls_shell.percent_reflns_obs               99.38 
_refine_ls_shell.R_factor_R_free                  0.611 
_refine_ls_shell.R_factor_R_free_error            ? 
_refine_ls_shell.percent_reflns_R_free            ? 
_refine_ls_shell.number_reflns_R_free             13 
_refine_ls_shell.number_reflns_all                ? 
_refine_ls_shell.R_factor_all                     ? 
_refine_ls_shell.number_reflns_obs                ? 
_refine_ls_shell.redundancy_reflns_obs            ? 
_refine_ls_shell.pdbx_refine_id                   'X-RAY DIFFRACTION' 
# 
_struct.entry_id                  2HRI 
_struct.title                     'A parallel stranded human telomeric quadruplex in complex with the porphyrin TMPyP4' 
_struct.pdbx_model_details        ? 
_struct.pdbx_CASP_flag            ? 
_struct.pdbx_model_type_details   ? 
# 
_struct_keywords.entry_id        2HRI 
_struct_keywords.pdbx_keywords   DNA 
_struct_keywords.text            'QUADRUPLEX, DNA, PROPELLER, DIMERIC, HUMAN TELOMERE PARALLEL STRANDED, LIGAND, COMPLEX' 
# 
loop_
_struct_asym.id 
_struct_asym.pdbx_blank_PDB_chainid_flag 
_struct_asym.pdbx_modified 
_struct_asym.entity_id 
_struct_asym.details 
A N N 1 ? 
B N N 1 ? 
C N N 2 ? 
D N N 2 ? 
E N N 2 ? 
F N N 3 ? 
G N N 3 ? 
H N N 4 ? 
I N N 4 ? 
# 
_struct_biol.id        1 
_struct_biol.details   ? 
# 
loop_
_struct_conn.id 
_struct_conn.conn_type_id 
_struct_conn.pdbx_leaving_atom_flag 
_struct_conn.pdbx_PDB_id 
_struct_conn.ptnr1_label_asym_id 
_struct_conn.ptnr1_label_comp_id 
_struct_conn.ptnr1_label_seq_id 
_struct_conn.ptnr1_label_atom_id 
_struct_conn.pdbx_ptnr1_label_alt_id 
_struct_conn.pdbx_ptnr1_PDB_ins_code 
_struct_conn.pdbx_ptnr1_standard_comp_id 
_struct_conn.ptnr1_symmetry 
_struct_conn.ptnr2_label_asym_id 
_struct_conn.ptnr2_label_comp_id 
_struct_conn.ptnr2_label_seq_id 
_struct_conn.ptnr2_label_atom_id 
_struct_conn.pdbx_ptnr2_label_alt_id 
_struct_conn.pdbx_ptnr2_PDB_ins_code 
_struct_conn.ptnr1_auth_asym_id 
_struct_conn.ptnr1_auth_comp_id 
_struct_conn.ptnr1_auth_seq_id 
_struct_conn.ptnr2_auth_asym_id 
_struct_conn.ptnr2_auth_comp_id 
_struct_conn.ptnr2_auth_seq_id 
_struct_conn.ptnr2_symmetry 
_struct_conn.pdbx_ptnr3_label_atom_id 
_struct_conn.pdbx_ptnr3_label_seq_id 
_struct_conn.pdbx_ptnr3_label_comp_id 
_struct_conn.pdbx_ptnr3_label_asym_id 
_struct_conn.pdbx_ptnr3_label_alt_id 
_struct_conn.pdbx_ptnr3_PDB_ins_code 
_struct_conn.details 
_struct_conn.pdbx_dist_value 
_struct_conn.pdbx_value_order 
_struct_conn.pdbx_role 
metalc1  metalc ? ? A DG 3  O6 ? ? ? 1_555 E K  .  K  ? ? A DG 3  A K  25 1_555 ? ? ? ? ? ? ?                       2.614 ? ? 
metalc2  metalc ? ? A DG 4  O6 ? ? ? 1_555 C K  .  K  ? ? A DG 4  A K  23 1_555 ? ? ? ? ? ? ?                       2.860 ? ? 
metalc3  metalc ? ? A DG 4  O6 ? ? ? 1_555 E K  .  K  ? ? A DG 4  A K  25 1_555 ? ? ? ? ? ? ?                       3.020 ? ? 
metalc4  metalc ? ? A DG 5  O6 ? ? ? 1_555 C K  .  K  ? ? A DG 5  A K  23 1_555 ? ? ? ? ? ? ?                       2.878 ? ? 
metalc5  metalc ? ? A DG 5  O6 ? ? ? 1_555 D K  .  K  ? ? A DG 5  A K  24 1_555 ? ? ? ? ? ? ?                       2.798 ? ? 
metalc6  metalc ? ? A DG 5  O6 ? ? ? 3_554 D K  .  K  ? ? A DG 5  A K  24 1_555 ? ? ? ? ? ? ?                       2.818 ? ? 
metalc7  metalc ? ? A DG 9  O6 ? ? ? 1_555 E K  .  K  ? ? A DG 9  A K  25 1_555 ? ? ? ? ? ? ?                       2.731 ? ? 
metalc8  metalc ? ? A DG 10 O6 ? ? ? 1_555 C K  .  K  ? ? A DG 10 A K  23 1_555 ? ? ? ? ? ? ?                       2.807 ? ? 
metalc9  metalc ? ? A DG 10 O6 ? ? ? 1_555 E K  .  K  ? ? A DG 10 A K  25 1_555 ? ? ? ? ? ? ?                       2.899 ? ? 
metalc10 metalc ? ? A DG 11 O6 ? ? ? 1_555 C K  .  K  ? ? A DG 11 A K  23 1_555 ? ? ? ? ? ? ?                       2.939 ? ? 
metalc11 metalc ? ? A DG 11 O6 ? ? ? 1_555 D K  .  K  ? ? A DG 11 A K  24 1_555 ? ? ? ? ? ? ?                       2.918 ? ? 
metalc12 metalc ? ? A DG 11 O6 ? ? ? 3_554 D K  .  K  ? ? A DG 11 A K  24 1_555 ? ? ? ? ? ? ?                       2.892 ? ? 
metalc13 metalc ? ? C K  .  K  ? ? ? 1_555 D K  .  K  ? ? A K  23 A K  24 1_555 ? ? ? ? ? ? ?                       3.379 ? ? 
metalc14 metalc ? ? C K  .  K  ? ? ? 1_555 D K  .  K  ? ? A K  23 A K  24 3_554 ? ? ? ? ? ? ?                       3.471 ? ? 
metalc15 metalc ? ? C K  .  K  ? ? ? 1_555 E K  .  K  ? ? A K  23 A K  25 1_555 ? ? ? ? ? ? ?                       3.567 ? ? 
metalc16 metalc ? ? C K  .  K  ? ? ? 1_555 B DG 4  O6 ? ? A K  23 B DG 15 1_555 ? ? ? ? ? ? ?                       2.774 ? ? 
metalc17 metalc ? ? C K  .  K  ? ? ? 1_555 B DG 5  O6 ? ? A K  23 B DG 16 1_555 ? ? ? ? ? ? ?                       2.826 ? ? 
metalc18 metalc ? ? C K  .  K  ? ? ? 1_555 B DG 10 O6 ? ? A K  23 B DG 21 1_555 ? ? ? ? ? ? ?                       2.833 ? ? 
metalc19 metalc ? ? C K  .  K  ? ? ? 1_555 B DG 11 O6 ? ? A K  23 B DG 22 1_555 ? ? ? ? ? ? ?                       2.837 ? ? 
metalc20 metalc ? ? D K  .  K  ? ? ? 1_555 B DG 5  O6 ? ? A K  24 B DG 16 1_555 ? ? ? ? ? ? ?                       2.821 ? ? 
metalc21 metalc ? ? D K  .  K  ? ? ? 1_555 B DG 5  O6 ? ? A K  24 B DG 16 3_554 ? ? ? ? ? ? ?                       2.906 ? ? 
metalc22 metalc ? ? D K  .  K  ? ? ? 1_555 B DG 11 O6 ? ? A K  24 B DG 22 1_555 ? ? ? ? ? ? ?                       2.877 ? ? 
metalc23 metalc ? ? D K  .  K  ? ? ? 1_555 B DG 11 O6 ? ? A K  24 B DG 22 3_554 ? ? ? ? ? ? ?                       3.011 ? ? 
metalc24 metalc ? ? E K  .  K  ? ? ? 1_555 B DA 2  N6 ? ? A K  25 B DA 13 1_555 ? ? ? ? ? ? ?                       3.689 ? ? 
metalc25 metalc ? ? E K  .  K  ? ? ? 1_555 B DG 3  O6 ? ? A K  25 B DG 14 1_555 ? ? ? ? ? ? ?                       2.710 ? ? 
metalc26 metalc ? ? E K  .  K  ? ? ? 1_555 B DG 4  O6 ? ? A K  25 B DG 15 1_555 ? ? ? ? ? ? ?                       3.002 ? ? 
metalc27 metalc ? ? E K  .  K  ? ? ? 1_555 B DG 9  O6 ? ? A K  25 B DG 20 1_555 ? ? ? ? ? ? ?                       2.665 ? ? 
metalc28 metalc ? ? E K  .  K  ? ? ? 1_555 B DG 10 O6 ? ? A K  25 B DG 21 1_555 ? ? ? ? ? ? ?                       3.086 ? ? 
hydrog1  hydrog ? ? A DT 1  N3 ? ? ? 1_555 A DA 8  N1 ? ? A DT 1  A DA 8  1_555 ? ? ? ? ? ? 'REVERSED WATSON-CRICK' ?     ? ? 
hydrog2  hydrog ? ? A DT 1  O2 ? ? ? 1_555 A DA 8  N6 ? ? A DT 1  A DA 8  1_555 ? ? ? ? ? ? 'REVERSED WATSON-CRICK' ?     ? ? 
hydrog3  hydrog ? ? A DA 2  N6 ? ? ? 1_555 B DA 2  N1 ? ? A DA 2  B DA 13 1_555 ? ? ? ? ? ? TYPE_5_PAIR             ?     ? ? 
hydrog4  hydrog ? ? A DA 2  N7 ? ? ? 1_555 B DA 2  N6 ? ? A DA 2  B DA 13 1_555 ? ? ? ? ? ? TYPE_5_PAIR             ?     ? ? 
hydrog5  hydrog ? ? A DG 3  N1 ? ? ? 1_555 A DG 9  O6 ? ? A DG 3  A DG 9  1_555 ? ? ? ? ? ? TYPE_6_PAIR             ?     ? ? 
hydrog6  hydrog ? ? A DG 3  N2 ? ? ? 1_555 A DG 9  N7 ? ? A DG 3  A DG 9  1_555 ? ? ? ? ? ? TYPE_6_PAIR             ?     ? ? 
hydrog7  hydrog ? ? A DG 3  N7 ? ? ? 1_555 B DG 9  N2 ? ? A DG 3  B DG 20 1_555 ? ? ? ? ? ? TYPE_6_PAIR             ?     ? ? 
hydrog8  hydrog ? ? A DG 3  O6 ? ? ? 1_555 B DG 9  N1 ? ? A DG 3  B DG 20 1_555 ? ? ? ? ? ? TYPE_6_PAIR             ?     ? ? 
hydrog9  hydrog ? ? A DG 4  N1 ? ? ? 1_555 A DG 10 O6 ? ? A DG 4  A DG 10 1_555 ? ? ? ? ? ? TYPE_6_PAIR             ?     ? ? 
hydrog10 hydrog ? ? A DG 4  N2 ? ? ? 1_555 A DG 10 N7 ? ? A DG 4  A DG 10 1_555 ? ? ? ? ? ? TYPE_6_PAIR             ?     ? ? 
hydrog11 hydrog ? ? A DG 4  N7 ? ? ? 1_555 B DG 10 N2 ? ? A DG 4  B DG 21 1_555 ? ? ? ? ? ? TYPE_6_PAIR             ?     ? ? 
hydrog12 hydrog ? ? A DG 4  O6 ? ? ? 1_555 B DG 10 N1 ? ? A DG 4  B DG 21 1_555 ? ? ? ? ? ? TYPE_6_PAIR             ?     ? ? 
hydrog13 hydrog ? ? A DG 5  N1 ? ? ? 1_555 A DG 11 O6 ? ? A DG 5  A DG 11 1_555 ? ? ? ? ? ? TYPE_6_PAIR             ?     ? ? 
hydrog14 hydrog ? ? A DG 5  N2 ? ? ? 1_555 A DG 11 N7 ? ? A DG 5  A DG 11 1_555 ? ? ? ? ? ? TYPE_6_PAIR             ?     ? ? 
hydrog15 hydrog ? ? A DG 5  N7 ? ? ? 1_555 B DG 11 N2 ? ? A DG 5  B DG 22 1_555 ? ? ? ? ? ? TYPE_6_PAIR             ?     ? ? 
hydrog16 hydrog ? ? A DG 5  O6 ? ? ? 1_555 B DG 11 N1 ? ? A DG 5  B DG 22 1_555 ? ? ? ? ? ? TYPE_6_PAIR             ?     ? ? 
hydrog17 hydrog ? ? A DG 9  N1 ? ? ? 1_555 B DA 2  N7 ? ? A DG 9  B DA 13 1_555 ? ? ? ? ? ? TYPE_9_PAIR             ?     ? ? 
hydrog18 hydrog ? ? A DG 9  O6 ? ? ? 1_555 B DA 2  N6 ? ? A DG 9  B DA 13 1_555 ? ? ? ? ? ? TYPE_9_PAIR             ?     ? ? 
hydrog19 hydrog ? ? A DG 9  N1 ? ? ? 1_555 B DG 3  O6 ? ? A DG 9  B DG 14 1_555 ? ? ? ? ? ? TYPE_6_PAIR             ?     ? ? 
hydrog20 hydrog ? ? A DG 9  N2 ? ? ? 1_555 B DG 3  N7 ? ? A DG 9  B DG 14 1_555 ? ? ? ? ? ? TYPE_6_PAIR             ?     ? ? 
hydrog21 hydrog ? ? A DG 10 N1 ? ? ? 1_555 B DG 4  O6 ? ? A DG 10 B DG 15 1_555 ? ? ? ? ? ? TYPE_6_PAIR             ?     ? ? 
hydrog22 hydrog ? ? A DG 10 N2 ? ? ? 1_555 B DG 4  N7 ? ? A DG 10 B DG 15 1_555 ? ? ? ? ? ? TYPE_6_PAIR             ?     ? ? 
hydrog23 hydrog ? ? A DG 11 N1 ? ? ? 1_555 B DG 5  O6 ? ? A DG 11 B DG 16 1_555 ? ? ? ? ? ? TYPE_6_PAIR             ?     ? ? 
hydrog24 hydrog ? ? A DG 11 N2 ? ? ? 1_555 B DG 5  N7 ? ? A DG 11 B DG 16 1_555 ? ? ? ? ? ? TYPE_6_PAIR             ?     ? ? 
hydrog25 hydrog ? ? B DA 2  N6 ? ? ? 1_555 B DG 9  O6 ? ? B DA 13 B DG 20 1_555 ? ? ? ? ? ? 'DA-DG MISPAIR'         ?     ? ? 
hydrog26 hydrog ? ? B DG 3  N1 ? ? ? 1_555 B DG 9  O6 ? ? B DG 14 B DG 20 1_555 ? ? ? ? ? ? TYPE_6_PAIR             ?     ? ? 
hydrog27 hydrog ? ? B DG 3  N2 ? ? ? 1_555 B DG 9  N7 ? ? B DG 14 B DG 20 1_555 ? ? ? ? ? ? TYPE_6_PAIR             ?     ? ? 
hydrog28 hydrog ? ? B DG 4  N1 ? ? ? 1_555 B DG 10 O6 ? ? B DG 15 B DG 21 1_555 ? ? ? ? ? ? TYPE_6_PAIR             ?     ? ? 
hydrog29 hydrog ? ? B DG 4  N2 ? ? ? 1_555 B DG 10 N7 ? ? B DG 15 B DG 21 1_555 ? ? ? ? ? ? TYPE_6_PAIR             ?     ? ? 
hydrog30 hydrog ? ? B DG 5  N1 ? ? ? 1_555 B DG 11 O6 ? ? B DG 16 B DG 22 1_555 ? ? ? ? ? ? TYPE_6_PAIR             ?     ? ? 
hydrog31 hydrog ? ? B DG 5  N2 ? ? ? 1_555 B DG 11 N7 ? ? B DG 16 B DG 22 1_555 ? ? ? ? ? ? TYPE_6_PAIR             ?     ? ? 
# 
loop_
_struct_conn_type.id 
_struct_conn_type.criteria 
_struct_conn_type.reference 
metalc ? ? 
hydrog ? ? 
# 
loop_
_struct_site.id 
_struct_site.pdbx_evidence_code 
_struct_site.pdbx_auth_asym_id 
_struct_site.pdbx_auth_comp_id 
_struct_site.pdbx_auth_seq_id 
_struct_site.pdbx_auth_ins_code 
_struct_site.pdbx_num_residues 
_struct_site.details 
AC1 Software A K   23 ? 11 'BINDING SITE FOR RESIDUE K A 23'   
AC2 Software A K   24 ? 10 'BINDING SITE FOR RESIDUE K A 24'   
AC3 Software A K   25 ? 10 'BINDING SITE FOR RESIDUE K A 25'   
AC4 Software A POH 26 ? 8  'BINDING SITE FOR RESIDUE POH A 26' 
AC5 Software A POH 27 ? 9  'BINDING SITE FOR RESIDUE POH A 27' 
# 
loop_
_struct_site_gen.id 
_struct_site_gen.site_id 
_struct_site_gen.pdbx_num_res 
_struct_site_gen.label_comp_id 
_struct_site_gen.label_asym_id 
_struct_site_gen.label_seq_id 
_struct_site_gen.pdbx_auth_ins_code 
_struct_site_gen.auth_comp_id 
_struct_site_gen.auth_asym_id 
_struct_site_gen.auth_seq_id 
_struct_site_gen.label_atom_id 
_struct_site_gen.label_alt_id 
_struct_site_gen.symmetry 
_struct_site_gen.details 
1  AC1 11 DG A 4  ? DG A 4  . ? 1_555 ? 
2  AC1 11 DG A 5  ? DG A 5  . ? 1_555 ? 
3  AC1 11 DG A 10 ? DG A 10 . ? 1_555 ? 
4  AC1 11 DG A 11 ? DG A 11 . ? 1_555 ? 
5  AC1 11 K  D .  ? K  A 24 . ? 3_554 ? 
6  AC1 11 K  D .  ? K  A 24 . ? 1_555 ? 
7  AC1 11 K  E .  ? K  A 25 . ? 1_555 ? 
8  AC1 11 DG B 4  ? DG B 15 . ? 1_555 ? 
9  AC1 11 DG B 5  ? DG B 16 . ? 1_555 ? 
10 AC1 11 DG B 10 ? DG B 21 . ? 1_555 ? 
11 AC1 11 DG B 11 ? DG B 22 . ? 1_555 ? 
12 AC2 10 DG A 5  ? DG A 5  . ? 1_555 ? 
13 AC2 10 DG A 5  ? DG A 5  . ? 3_554 ? 
14 AC2 10 DG A 11 ? DG A 11 . ? 3_554 ? 
15 AC2 10 DG A 11 ? DG A 11 . ? 1_555 ? 
16 AC2 10 K  C .  ? K  A 23 . ? 1_555 ? 
17 AC2 10 K  C .  ? K  A 23 . ? 3_554 ? 
18 AC2 10 DG B 5  ? DG B 16 . ? 3_554 ? 
19 AC2 10 DG B 5  ? DG B 16 . ? 1_555 ? 
20 AC2 10 DG B 11 ? DG B 22 . ? 3_554 ? 
21 AC2 10 DG B 11 ? DG B 22 . ? 1_555 ? 
22 AC3 10 DG A 3  ? DG A 3  . ? 1_555 ? 
23 AC3 10 DG A 4  ? DG A 4  . ? 1_555 ? 
24 AC3 10 DG A 9  ? DG A 9  . ? 1_555 ? 
25 AC3 10 DG A 10 ? DG A 10 . ? 1_555 ? 
26 AC3 10 K  C .  ? K  A 23 . ? 1_555 ? 
27 AC3 10 DA B 2  ? DA B 13 . ? 1_555 ? 
28 AC3 10 DG B 3  ? DG B 14 . ? 1_555 ? 
29 AC3 10 DG B 4  ? DG B 15 . ? 1_555 ? 
30 AC3 10 DG B 9  ? DG B 20 . ? 1_555 ? 
31 AC3 10 DG B 10 ? DG B 21 . ? 1_555 ? 
32 AC4 8  DT A 1  ? DT A 1  . ? 3_454 ? 
33 AC4 8  DT A 1  ? DT A 1  . ? 1_555 ? 
34 AC4 8  DA A 8  ? DA A 8  . ? 1_555 ? 
35 AC4 8  DA A 8  ? DA A 8  . ? 3_454 ? 
36 AC4 8  DT B 1  ? DT B 12 . ? 3_454 ? 
37 AC4 8  DT B 1  ? DT B 12 . ? 1_555 ? 
38 AC4 8  DA B 2  ? DA B 13 . ? 3_454 ? 
39 AC4 8  DA B 2  ? DA B 13 . ? 1_555 ? 
40 AC5 9  DT A 6  ? DT A 6  . ? 4_555 ? 
41 AC5 9  DT A 6  ? DT A 6  . ? 1_555 ? 
42 AC5 9  DG A 9  ? DG A 9  . ? 4_555 ? 
43 AC5 9  DG A 9  ? DG A 9  . ? 1_555 ? 
44 AC5 9  DG A 10 ? DG A 10 . ? 1_555 ? 
45 AC5 9  DT B 7  ? DT B 18 . ? 6_445 ? 
46 AC5 9  DT B 7  ? DT B 18 . ? 7_454 ? 
47 AC5 9  DA B 8  ? DA B 19 . ? 7_454 ? 
48 AC5 9  DA B 8  ? DA B 19 . ? 6_445 ? 
# 
_atom_sites.entry_id                    2HRI 
_atom_sites.fract_transf_matrix[1][1]   -0.02320390 
_atom_sites.fract_transf_matrix[1][2]   0.01258372 
_atom_sites.fract_transf_matrix[1][3]   0.00473081 
_atom_sites.fract_transf_matrix[2][1]   -0.00659326 
_atom_sites.fract_transf_matrix[2][2]   -0.00736489 
_atom_sites.fract_transf_matrix[2][3]   -0.01274867 
_atom_sites.fract_transf_matrix[3][1]   -0.00472799 
_atom_sites.fract_transf_matrix[3][2]   -0.01231131 
_atom_sites.fract_transf_matrix[3][3]   0.00955741 
_atom_sites.fract_transf_vector[1]      -0.226399 
_atom_sites.fract_transf_vector[2]      -0.200610 
_atom_sites.fract_transf_vector[3]      -0.231776 
# 
loop_
_atom_type.symbol 
C 
K 
N 
O 
P 
# 
loop_
_atom_site.group_PDB 
_atom_site.id 
_atom_site.type_symbol 
_atom_site.label_atom_id 
_atom_site.label_alt_id 
_atom_site.label_comp_id 
_atom_site.label_asym_id 
_atom_site.label_entity_id 
_atom_site.label_seq_id 
_atom_site.pdbx_PDB_ins_code 
_atom_site.Cartn_x 
_atom_site.Cartn_y 
_atom_site.Cartn_z 
_atom_site.occupancy 
_atom_site.B_iso_or_equiv 
_atom_site.pdbx_formal_charge 
_atom_site.auth_seq_id 
_atom_site.auth_comp_id 
_atom_site.auth_asym_id 
_atom_site.auth_atom_id 
_atom_site.pdbx_PDB_model_num 
ATOM   1   O "O5'" . DT  A 1 1  ? 10.110  3.695   -2.308  1.00 34.46 ? 1  DT  A "O5'" 1 
ATOM   2   C "C5'" . DT  A 1 1  ? 8.838   3.418   -2.769  1.00 30.26 ? 1  DT  A "C5'" 1 
ATOM   3   C "C4'" . DT  A 1 1  ? 8.956   2.390   -3.867  1.00 27.97 ? 1  DT  A "C4'" 1 
ATOM   4   O "O4'" . DT  A 1 1  ? 8.954   1.066   -3.326  1.00 27.99 ? 1  DT  A "O4'" 1 
ATOM   5   C "C3'" . DT  A 1 1  ? 7.843   2.389   -4.885  1.00 28.80 ? 1  DT  A "C3'" 1 
ATOM   6   O "O3'" . DT  A 1 1  ? 8.440   1.997   -6.103  1.00 34.00 ? 1  DT  A "O3'" 1 
ATOM   7   C "C2'" . DT  A 1 1  ? 6.900   1.324   -4.381  1.00 27.66 ? 1  DT  A "C2'" 1 
ATOM   8   C "C1'" . DT  A 1 1  ? 7.890   0.318   -3.850  1.00 25.60 ? 1  DT  A "C1'" 1 
ATOM   9   N N1    . DT  A 1 1  ? 7.329   -0.572  -2.792  1.00 23.08 ? 1  DT  A N1    1 
ATOM   10  C C2    . DT  A 1 1  ? 6.594   -1.647  -3.231  1.00 24.29 ? 1  DT  A C2    1 
ATOM   11  O O2    . DT  A 1 1  ? 6.363   -1.847  -4.430  1.00 23.20 ? 1  DT  A O2    1 
ATOM   12  N N3    . DT  A 1 1  ? 6.165   -2.453  -2.223  1.00 23.26 ? 1  DT  A N3    1 
ATOM   13  C C4    . DT  A 1 1  ? 6.340   -2.227  -0.853  1.00 24.28 ? 1  DT  A C4    1 
ATOM   14  O O4    . DT  A 1 1  ? 5.880   -2.974  0.001   1.00 23.11 ? 1  DT  A O4    1 
ATOM   15  C C5    . DT  A 1 1  ? 7.110   -1.089  -0.465  1.00 23.79 ? 1  DT  A C5    1 
ATOM   16  C C7    . DT  A 1 1  ? 7.447   -0.864  0.995   1.00 22.85 ? 1  DT  A C7    1 
ATOM   17  C C6    . DT  A 1 1  ? 7.573   -0.307  -1.451  1.00 23.94 ? 1  DT  A C6    1 
ATOM   18  P P     . DA  A 1 2  ? 8.326   2.867   -7.429  1.00 35.06 ? 2  DA  A P     1 
ATOM   19  O OP1   . DA  A 1 2  ? 9.276   2.228   -8.368  1.00 36.52 ? 2  DA  A OP1   1 
ATOM   20  O OP2   . DA  A 1 2  ? 8.295   4.324   -7.144  1.00 34.36 ? 2  DA  A OP2   1 
ATOM   21  O "O5'" . DA  A 1 2  ? 6.897   2.345   -7.908  1.00 34.95 ? 2  DA  A "O5'" 1 
ATOM   22  C "C5'" . DA  A 1 2  ? 5.824   3.156   -8.249  1.00 33.18 ? 2  DA  A "C5'" 1 
ATOM   23  C "C4'" . DA  A 1 2  ? 4.532   2.367   -8.062  1.00 30.57 ? 2  DA  A "C4'" 1 
ATOM   24  O "O4'" . DA  A 1 2  ? 4.392   1.841   -6.708  1.00 29.69 ? 2  DA  A "O4'" 1 
ATOM   25  C "C3'" . DA  A 1 2  ? 3.366   3.314   -8.210  1.00 29.67 ? 2  DA  A "C3'" 1 
ATOM   26  O "O3'" . DA  A 1 2  ? 2.273   2.536   -8.627  1.00 33.39 ? 2  DA  A "O3'" 1 
ATOM   27  C "C2'" . DA  A 1 2  ? 3.264   3.889   -6.798  1.00 27.20 ? 2  DA  A "C2'" 1 
ATOM   28  C "C1'" . DA  A 1 2  ? 3.405   2.595   -6.008  1.00 26.74 ? 2  DA  A "C1'" 1 
ATOM   29  N N9    . DA  A 1 2  ? 3.808   2.741   -4.608  1.00 24.21 ? 2  DA  A N9    1 
ATOM   30  C C8    . DA  A 1 2  ? 3.471   1.868   -3.623  1.00 20.33 ? 2  DA  A C8    1 
ATOM   31  N N7    . DA  A 1 2  ? 3.948   2.174   -2.455  1.00 22.93 ? 2  DA  A N7    1 
ATOM   32  C C5    . DA  A 1 2  ? 4.643   3.349   -2.689  1.00 22.29 ? 2  DA  A C5    1 
ATOM   33  C C6    . DA  A 1 2  ? 5.402   4.181   -1.852  1.00 20.20 ? 2  DA  A C6    1 
ATOM   34  N N6    . DA  A 1 2  ? 5.584   3.982   -0.532  1.00 23.92 ? 2  DA  A N6    1 
ATOM   35  N N1    . DA  A 1 2  ? 5.972   5.235   -2.415  1.00 20.97 ? 2  DA  A N1    1 
ATOM   36  C C2    . DA  A 1 2  ? 5.819   5.509   -3.701  1.00 22.71 ? 2  DA  A C2    1 
ATOM   37  N N3    . DA  A 1 2  ? 5.127   4.816   -4.589  1.00 22.10 ? 2  DA  A N3    1 
ATOM   38  C C4    . DA  A 1 2  ? 4.586   3.710   -4.025  1.00 22.61 ? 2  DA  A C4    1 
ATOM   39  P P     . DG  A 1 3  ? 1.402   3.077   -9.859  1.00 36.95 ? 3  DG  A P     1 
ATOM   40  O OP1   . DG  A 1 3  ? 2.184   2.861   -11.088 1.00 37.71 ? 3  DG  A OP1   1 
ATOM   41  O OP2   . DG  A 1 3  ? 0.912   4.420   -9.469  1.00 35.53 ? 3  DG  A OP2   1 
ATOM   42  O "O5'" . DG  A 1 3  ? 0.160   2.096   -9.898  1.00 35.97 ? 3  DG  A "O5'" 1 
ATOM   43  C "C5'" . DG  A 1 3  ? 0.326   0.719   -10.135 1.00 33.35 ? 3  DG  A "C5'" 1 
ATOM   44  C "C4'" . DG  A 1 3  ? -0.915  0.019   -9.619  1.00 30.46 ? 3  DG  A "C4'" 1 
ATOM   45  O "O4'" . DG  A 1 3  ? -0.742  -0.183  -8.195  1.00 31.36 ? 3  DG  A "O4'" 1 
ATOM   46  C "C3'" . DG  A 1 3  ? -2.249  0.721   -9.751  1.00 31.26 ? 3  DG  A "C3'" 1 
ATOM   47  O "O3'" . DG  A 1 3  ? -3.174  -0.279  -10.104 1.00 31.51 ? 3  DG  A "O3'" 1 
ATOM   48  C "C2'" . DG  A 1 3  ? -2.560  1.265   -8.350  1.00 28.40 ? 3  DG  A "C2'" 1 
ATOM   49  C "C1'" . DG  A 1 3  ? -1.813  0.329   -7.418  1.00 27.00 ? 3  DG  A "C1'" 1 
ATOM   50  N N9    . DG  A 1 3  ? -1.192  0.979   -6.251  1.00 25.34 ? 3  DG  A N9    1 
ATOM   51  C C8    . DG  A 1 3  ? -0.594  2.230   -6.176  1.00 23.24 ? 3  DG  A C8    1 
ATOM   52  N N7    . DG  A 1 3  ? -0.101  2.501   -4.982  1.00 24.06 ? 3  DG  A N7    1 
ATOM   53  C C5    . DG  A 1 3  ? -0.371  1.344   -4.253  1.00 20.99 ? 3  DG  A C5    1 
ATOM   54  C C6    . DG  A 1 3  ? -0.099  1.023   -2.914  1.00 20.98 ? 3  DG  A C6    1 
ATOM   55  O O6    . DG  A 1 3  ? 0.447   1.717   -2.058  1.00 22.46 ? 3  DG  A O6    1 
ATOM   56  N N1    . DG  A 1 3  ? -0.519  -0.260  -2.565  1.00 20.29 ? 3  DG  A N1    1 
ATOM   57  C C2    . DG  A 1 3  ? -1.218  -1.093  -3.414  1.00 19.54 ? 3  DG  A C2    1 
ATOM   58  N N2    . DG  A 1 3  ? -1.587  -2.283  -2.935  1.00 19.83 ? 3  DG  A N2    1 
ATOM   59  N N3    . DG  A 1 3  ? -1.470  -0.799  -4.662  1.00 18.79 ? 3  DG  A N3    1 
ATOM   60  C C4    . DG  A 1 3  ? -1.051  0.424   -5.009  1.00 21.39 ? 3  DG  A C4    1 
ATOM   61  P P     . DG  A 1 4  ? -4.735  -0.035  -10.373 1.00 34.71 ? 4  DG  A P     1 
ATOM   62  O OP1   . DG  A 1 4  ? -5.091  -1.029  -11.401 1.00 33.28 ? 4  DG  A OP1   1 
ATOM   63  O OP2   . DG  A 1 4  ? -5.103  1.385   -10.498 1.00 33.52 ? 4  DG  A OP2   1 
ATOM   64  O "O5'" . DG  A 1 4  ? -5.388  -0.563  -9.034  1.00 33.35 ? 4  DG  A "O5'" 1 
ATOM   65  C "C5'" . DG  A 1 4  ? -5.107  -1.912  -8.662  1.00 29.41 ? 4  DG  A "C5'" 1 
ATOM   66  C "C4'" . DG  A 1 4  ? -5.668  -2.191  -7.283  1.00 25.90 ? 4  DG  A "C4'" 1 
ATOM   67  O "O4'" . DG  A 1 4  ? -4.850  -1.482  -6.306  1.00 24.02 ? 4  DG  A "O4'" 1 
ATOM   68  C "C3'" . DG  A 1 4  ? -7.083  -1.707  -7.069  1.00 24.95 ? 4  DG  A "C3'" 1 
ATOM   69  O "O3'" . DG  A 1 4  ? -7.841  -2.863  -6.706  1.00 25.90 ? 4  DG  A "O3'" 1 
ATOM   70  C "C2'" . DG  A 1 4  ? -6.983  -0.672  -5.943  1.00 21.87 ? 4  DG  A "C2'" 1 
ATOM   71  C "C1'" . DG  A 1 4  ? -5.697  -1.082  -5.266  1.00 19.87 ? 4  DG  A "C1'" 1 
ATOM   72  N N9    . DG  A 1 4  ? -4.990  -0.010  -4.560  1.00 19.11 ? 4  DG  A N9    1 
ATOM   73  C C8    . DG  A 1 4  ? -4.601  1.214   -5.046  1.00 16.43 ? 4  DG  A C8    1 
ATOM   74  N N7    . DG  A 1 4  ? -3.962  1.917   -4.143  1.00 17.79 ? 4  DG  A N7    1 
ATOM   75  C C5    . DG  A 1 4  ? -3.990  1.117   -3.006  1.00 14.16 ? 4  DG  A C5    1 
ATOM   76  C C6    . DG  A 1 4  ? -3.492  1.344   -1.722  1.00 14.46 ? 4  DG  A C6    1 
ATOM   77  O O6    . DG  A 1 4  ? -2.896  2.349   -1.348  1.00 17.56 ? 4  DG  A O6    1 
ATOM   78  N N1    . DG  A 1 4  ? -3.646  0.284   -0.842  1.00 12.14 ? 4  DG  A N1    1 
ATOM   79  C C2    . DG  A 1 4  ? -4.321  -0.863  -1.146  1.00 11.52 ? 4  DG  A C2    1 
ATOM   80  N N2    . DG  A 1 4  ? -4.412  -1.794  -0.185  1.00 13.13 ? 4  DG  A N2    1 
ATOM   81  N N3    . DG  A 1 4  ? -4.800  -1.096  -2.363  1.00 14.46 ? 4  DG  A N3    1 
ATOM   82  C C4    . DG  A 1 4  ? -4.589  -0.074  -3.245  1.00 14.10 ? 4  DG  A C4    1 
ATOM   83  P P     . DG  A 1 5  ? -9.373  -2.846  -6.282  1.00 25.71 ? 5  DG  A P     1 
ATOM   84  O OP1   . DG  A 1 5  ? -9.947  -4.128  -6.703  1.00 27.87 ? 5  DG  A OP1   1 
ATOM   85  O OP2   . DG  A 1 5  ? -10.125 -1.626  -6.580  1.00 24.26 ? 5  DG  A OP2   1 
ATOM   86  O "O5'" . DG  A 1 5  ? -9.279  -3.042  -4.705  1.00 26.51 ? 5  DG  A "O5'" 1 
ATOM   87  C "C5'" . DG  A 1 5  ? -8.470  -4.094  -4.123  1.00 22.12 ? 5  DG  A "C5'" 1 
ATOM   88  C "C4'" . DG  A 1 5  ? -8.640  -4.032  -2.592  1.00 23.50 ? 5  DG  A "C4'" 1 
ATOM   89  O "O4'" . DG  A 1 5  ? -7.886  -2.926  -2.020  1.00 21.33 ? 5  DG  A "O4'" 1 
ATOM   90  C "C3'" . DG  A 1 5  ? -10.064 -3.808  -2.091  1.00 21.59 ? 5  DG  A "C3'" 1 
ATOM   91  O "O3'" . DG  A 1 5  ? -10.276 -4.607  -0.959  1.00 24.08 ? 5  DG  A "O3'" 1 
ATOM   92  C "C2'" . DG  A 1 5  ? -10.141 -2.361  -1.632  1.00 20.57 ? 5  DG  A "C2'" 1 
ATOM   93  C "C1'" . DG  A 1 5  ? -8.716  -2.200  -1.126  1.00 17.02 ? 5  DG  A "C1'" 1 
ATOM   94  N N9    . DG  A 1 5  ? -8.194  -0.826  -1.137  1.00 18.94 ? 5  DG  A N9    1 
ATOM   95  C C8    . DG  A 1 5  ? -8.033  0.046   -2.194  1.00 14.43 ? 5  DG  A C8    1 
ATOM   96  N N7    . DG  A 1 5  ? -7.501  1.213   -1.828  1.00 17.55 ? 5  DG  A N7    1 
ATOM   97  C C5    . DG  A 1 5  ? -7.176  0.999   -0.493  1.00 15.76 ? 5  DG  A C5    1 
ATOM   98  C C6    . DG  A 1 5  ? -6.581  1.837   0.448   1.00 15.21 ? 5  DG  A C6    1 
ATOM   99  O O6    . DG  A 1 5  ? -6.143  2.962   0.261   1.00 16.89 ? 5  DG  A O6    1 
ATOM   100 N N1    . DG  A 1 5  ? -6.491  1.306   1.735   1.00 14.50 ? 5  DG  A N1    1 
ATOM   101 C C2    . DG  A 1 5  ? -6.960  0.071   2.076   1.00 14.89 ? 5  DG  A C2    1 
ATOM   102 N N2    . DG  A 1 5  ? -6.830  -0.264  3.369   1.00 16.95 ? 5  DG  A N2    1 
ATOM   103 N N3    . DG  A 1 5  ? -7.555  -0.748  1.209   1.00 16.97 ? 5  DG  A N3    1 
ATOM   104 C C4    . DG  A 1 5  ? -7.642  -0.211  -0.042  1.00 15.94 ? 5  DG  A C4    1 
ATOM   105 P P     . DT  A 1 6  ? -10.640 -6.157  -0.978  1.00 24.20 ? 6  DT  A P     1 
ATOM   106 O OP1   . DT  A 1 6  ? -11.269 -6.542  -2.255  1.00 22.38 ? 6  DT  A OP1   1 
ATOM   107 O OP2   . DT  A 1 6  ? -11.357 -6.394  0.253   1.00 22.85 ? 6  DT  A OP2   1 
ATOM   108 O "O5'" . DT  A 1 6  ? -9.225  -6.848  -0.860  1.00 20.13 ? 6  DT  A "O5'" 1 
ATOM   109 C "C5'" . DT  A 1 6  ? -8.335  -6.594  0.229   1.00 20.70 ? 6  DT  A "C5'" 1 
ATOM   110 C "C4'" . DT  A 1 6  ? -7.393  -7.761  0.381   1.00 20.24 ? 6  DT  A "C4'" 1 
ATOM   111 O "O4'" . DT  A 1 6  ? -8.278  -8.900  0.491   1.00 21.96 ? 6  DT  A "O4'" 1 
ATOM   112 C "C3'" . DT  A 1 6  ? -6.508  -8.164  -0.780  1.00 22.06 ? 6  DT  A "C3'" 1 
ATOM   113 O "O3'" . DT  A 1 6  ? -5.208  -7.594  -0.751  1.00 22.07 ? 6  DT  A "O3'" 1 
ATOM   114 C "C2'" . DT  A 1 6  ? -6.310  -9.662  -0.559  1.00 19.96 ? 6  DT  A "C2'" 1 
ATOM   115 C "C1'" . DT  A 1 6  ? -7.704  -10.038 -0.125  1.00 21.67 ? 6  DT  A "C1'" 1 
ATOM   116 N N1    . DT  A 1 6  ? -8.633  -10.637 -1.202  1.00 21.48 ? 6  DT  A N1    1 
ATOM   117 C C2    . DT  A 1 6  ? -8.234  -11.812 -1.778  1.00 20.55 ? 6  DT  A C2    1 
ATOM   118 O O2    . DT  A 1 6  ? -7.164  -12.328 -1.574  1.00 21.25 ? 6  DT  A O2    1 
ATOM   119 N N3    . DT  A 1 6  ? -9.145  -12.409 -2.601  1.00 22.12 ? 6  DT  A N3    1 
ATOM   120 C C4    . DT  A 1 6  ? -10.378 -11.939 -2.940  1.00 22.16 ? 6  DT  A C4    1 
ATOM   121 O O4    . DT  A 1 6  ? -11.068 -12.555 -3.733  1.00 23.19 ? 6  DT  A O4    1 
ATOM   122 C C5    . DT  A 1 6  ? -10.765 -10.710 -2.284  1.00 20.57 ? 6  DT  A C5    1 
ATOM   123 C C7    . DT  A 1 6  ? -12.124 -10.143 -2.491  1.00 22.79 ? 6  DT  A C7    1 
ATOM   124 C C6    . DT  A 1 6  ? -9.893  -10.125 -1.453  1.00 18.93 ? 6  DT  A C6    1 
ATOM   125 P P     . DT  A 1 7  ? -4.518  -7.088  -2.074  1.00 24.17 ? 7  DT  A P     1 
ATOM   126 O OP1   . DT  A 1 7  ? -3.193  -6.560  -1.742  1.00 24.57 ? 7  DT  A OP1   1 
ATOM   127 O OP2   . DT  A 1 7  ? -5.454  -6.249  -2.816  1.00 23.67 ? 7  DT  A OP2   1 
ATOM   128 O "O5'" . DT  A 1 7  ? -4.283  -8.433  -2.869  1.00 25.31 ? 7  DT  A "O5'" 1 
ATOM   129 C "C5'" . DT  A 1 7  ? -3.429  -9.438  -2.401  1.00 24.45 ? 7  DT  A "C5'" 1 
ATOM   130 C "C4'" . DT  A 1 7  ? -3.462  -10.558 -3.417  1.00 27.07 ? 7  DT  A "C4'" 1 
ATOM   131 O "O4'" . DT  A 1 7  ? -4.852  -10.906 -3.547  1.00 28.17 ? 7  DT  A "O4'" 1 
ATOM   132 C "C3'" . DT  A 1 7  ? -2.985  -10.169 -4.803  1.00 27.74 ? 7  DT  A "C3'" 1 
ATOM   133 O "O3'" . DT  A 1 7  ? -2.190  -11.212 -5.288  1.00 31.26 ? 7  DT  A "O3'" 1 
ATOM   134 C "C2'" . DT  A 1 7  ? -4.268  -10.065 -5.612  1.00 28.02 ? 7  DT  A "C2'" 1 
ATOM   135 C "C1'" . DT  A 1 7  ? -5.169  -11.069 -4.910  1.00 26.17 ? 7  DT  A "C1'" 1 
ATOM   136 N N1    . DT  A 1 7  ? -6.604  -10.799 -5.138  1.00 22.39 ? 7  DT  A N1    1 
ATOM   137 C C2    . DT  A 1 7  ? -7.356  -11.696 -5.867  1.00 23.34 ? 7  DT  A C2    1 
ATOM   138 O O2    . DT  A 1 7  ? -6.945  -12.752 -6.293  1.00 25.17 ? 7  DT  A O2    1 
ATOM   139 N N3    . DT  A 1 7  ? -8.652  -11.344 -6.040  1.00 19.78 ? 7  DT  A N3    1 
ATOM   140 C C4    . DT  A 1 7  ? -9.263  -10.195 -5.626  1.00 23.46 ? 7  DT  A C4    1 
ATOM   141 O O4    . DT  A 1 7  ? -10.451 -9.999  -5.864  1.00 27.95 ? 7  DT  A O4    1 
ATOM   142 C C5    . DT  A 1 7  ? -8.435  -9.275  -4.861  1.00 20.70 ? 7  DT  A C5    1 
ATOM   143 C C7    . DT  A 1 7  ? -8.897  -7.873  -4.610  1.00 21.76 ? 7  DT  A C7    1 
ATOM   144 C C6    . DT  A 1 7  ? -7.166  -9.628  -4.672  1.00 20.40 ? 7  DT  A C6    1 
ATOM   145 P P     . DA  A 1 8  ? -0.790  -11.004 -6.006  1.00 33.04 ? 8  DA  A P     1 
ATOM   146 O OP1   . DA  A 1 8  ? -0.900  -9.791  -6.836  1.00 31.59 ? 8  DA  A OP1   1 
ATOM   147 O OP2   . DA  A 1 8  ? -0.365  -12.277 -6.618  1.00 34.50 ? 8  DA  A OP2   1 
ATOM   148 O "O5'" . DA  A 1 8  ? 0.266   -10.750 -4.851  1.00 30.47 ? 8  DA  A "O5'" 1 
ATOM   149 C "C5'" . DA  A 1 8  ? 0.668   -11.757 -3.893  1.00 28.97 ? 8  DA  A "C5'" 1 
ATOM   150 C "C4'" . DA  A 1 8  ? 1.177   -11.090 -2.608  1.00 26.40 ? 8  DA  A "C4'" 1 
ATOM   151 O "O4'" . DA  A 1 8  ? 2.259   -10.167 -2.908  1.00 28.35 ? 8  DA  A "O4'" 1 
ATOM   152 C "C3'" . DA  A 1 8  ? 0.165   -10.221 -1.871  1.00 27.12 ? 8  DA  A "C3'" 1 
ATOM   153 O "O3'" . DA  A 1 8  ? 0.463   -10.240 -0.492  1.00 27.10 ? 8  DA  A "O3'" 1 
ATOM   154 C "C2'" . DA  A 1 8  ? 0.419   -8.809  -2.377  1.00 25.49 ? 8  DA  A "C2'" 1 
ATOM   155 C "C1'" . DA  A 1 8  ? 1.928   -8.844  -2.532  1.00 24.47 ? 8  DA  A "C1'" 1 
ATOM   156 N N9    . DA  A 1 8  ? 2.405   -7.840  -3.498  1.00 23.63 ? 8  DA  A N9    1 
ATOM   157 C C8    . DA  A 1 8  ? 2.081   -7.678  -4.817  1.00 22.31 ? 8  DA  A C8    1 
ATOM   158 N N7    . DA  A 1 8  ? 2.649   -6.652  -5.400  1.00 24.72 ? 8  DA  A N7    1 
ATOM   159 C C5    . DA  A 1 8  ? 3.418   -6.112  -4.359  1.00 23.90 ? 8  DA  A C5    1 
ATOM   160 C C6    . DA  A 1 8  ? 4.271   -5.006  -4.282  1.00 23.84 ? 8  DA  A C6    1 
ATOM   161 N N6    . DA  A 1 8  ? 4.530   -4.186  -5.314  1.00 22.65 ? 8  DA  A N6    1 
ATOM   162 N N1    . DA  A 1 8  ? 4.826   -4.740  -3.089  1.00 22.19 ? 8  DA  A N1    1 
ATOM   163 C C2    . DA  A 1 8  ? 4.597   -5.544  -2.066  1.00 20.60 ? 8  DA  A C2    1 
ATOM   164 N N3    . DA  A 1 8  ? 3.814   -6.611  -2.002  1.00 23.21 ? 8  DA  A N3    1 
ATOM   165 C C4    . DA  A 1 8  ? 3.247   -6.818  -3.196  1.00 22.52 ? 8  DA  A C4    1 
ATOM   166 P P     . DG  A 1 9  ? -0.575  -10.636 0.628   1.00 26.96 ? 9  DG  A P     1 
ATOM   167 O OP1   . DG  A 1 9  ? 0.159   -10.640 1.904   1.00 24.66 ? 9  DG  A OP1   1 
ATOM   168 O OP2   . DG  A 1 9  ? -1.298  -11.845 0.231   1.00 30.03 ? 9  DG  A OP2   1 
ATOM   169 O "O5'" . DG  A 1 9  ? -1.665  -9.487  0.554   1.00 22.48 ? 9  DG  A "O5'" 1 
ATOM   170 C "C5'" . DG  A 1 9  ? -1.328  -8.167  0.833   1.00 24.68 ? 9  DG  A "C5'" 1 
ATOM   171 C "C4'" . DG  A 1 9  ? -1.800  -7.810  2.237   1.00 22.87 ? 9  DG  A "C4'" 1 
ATOM   172 O "O4'" . DG  A 1 9  ? -1.263  -6.508  2.609   1.00 24.37 ? 9  DG  A "O4'" 1 
ATOM   173 C "C3'" . DG  A 1 9  ? -3.289  -7.668  2.385   1.00 23.04 ? 9  DG  A "C3'" 1 
ATOM   174 O "O3'" . DG  A 1 9  ? -3.536  -7.983  3.761   1.00 25.75 ? 9  DG  A "O3'" 1 
ATOM   175 C "C2'" . DG  A 1 9  ? -3.513  -6.208  2.033   1.00 19.93 ? 9  DG  A "C2'" 1 
ATOM   176 C "C1'" . DG  A 1 9  ? -2.251  -5.522  2.501   1.00 20.52 ? 9  DG  A "C1'" 1 
ATOM   177 N N9    . DG  A 1 9  ? -1.793  -4.429  1.623   1.00 20.69 ? 9  DG  A N9    1 
ATOM   178 C C8    . DG  A 1 9  ? -1.934  -4.288  0.264   1.00 16.88 ? 9  DG  A C8    1 
ATOM   179 N N7    . DG  A 1 9  ? -1.420  -3.179  -0.193  1.00 19.26 ? 9  DG  A N7    1 
ATOM   180 C C5    . DG  A 1 9  ? -0.935  -2.548  0.938   1.00 14.75 ? 9  DG  A C5    1 
ATOM   181 C C6    . DG  A 1 9  ? -0.264  -1.345  1.099   1.00 15.02 ? 9  DG  A C6    1 
ATOM   182 O O6    . DG  A 1 9  ? 0.006   -0.489  0.269   1.00 19.32 ? 9  DG  A O6    1 
ATOM   183 N N1    . DG  A 1 9  ? 0.036   -1.079  2.431   1.00 18.48 ? 9  DG  A N1    1 
ATOM   184 C C2    . DG  A 1 9  ? -0.187  -1.923  3.493   1.00 16.03 ? 9  DG  A C2    1 
ATOM   185 N N2    . DG  A 1 9  ? 0.160   -1.488  4.716   1.00 16.53 ? 9  DG  A N2    1 
ATOM   186 N N3    . DG  A 1 9  ? -0.769  -3.099  3.352   1.00 17.33 ? 9  DG  A N3    1 
ATOM   187 C C4    . DG  A 1 9  ? -1.150  -3.311  2.062   1.00 16.65 ? 9  DG  A C4    1 
ATOM   188 P P     . DG  A 1 10 ? -4.914  -7.764  4.534   1.00 25.57 ? 10 DG  A P     1 
ATOM   189 O OP1   . DG  A 1 10 ? -4.998  -8.756  5.610   1.00 24.51 ? 10 DG  A OP1   1 
ATOM   190 O OP2   . DG  A 1 10 ? -5.999  -7.626  3.601   1.00 24.40 ? 10 DG  A OP2   1 
ATOM   191 O "O5'" . DG  A 1 10 ? -4.689  -6.379  5.287   1.00 24.60 ? 10 DG  A "O5'" 1 
ATOM   192 C "C5'" . DG  A 1 10 ? -3.687  -6.273  6.283   1.00 23.61 ? 10 DG  A "C5'" 1 
ATOM   193 C "C4'" . DG  A 1 10 ? -3.712  -4.858  6.835   1.00 22.37 ? 10 DG  A "C4'" 1 
ATOM   194 O "O4'" . DG  A 1 10 ? -3.328  -3.971  5.787   1.00 21.07 ? 10 DG  A "O4'" 1 
ATOM   195 C "C3'" . DG  A 1 10 ? -5.059  -4.318  7.238   1.00 20.91 ? 10 DG  A "C3'" 1 
ATOM   196 O "O3'" . DG  A 1 10 ? -4.986  -4.198  8.638   1.00 23.93 ? 10 DG  A "O3'" 1 
ATOM   197 C "C2'" . DG  A 1 10 ? -5.213  -2.959  6.534   1.00 17.45 ? 10 DG  A "C2'" 1 
ATOM   198 C "C1'" . DG  A 1 10 ? -3.804  -2.683  6.081   1.00 18.27 ? 10 DG  A "C1'" 1 
ATOM   199 N N9    . DG  A 1 10 ? -3.730  -1.953  4.812   1.00 16.51 ? 10 DG  A N9    1 
ATOM   200 C C8    . DG  A 1 10 ? -4.201  -2.322  3.564   1.00 16.26 ? 10 DG  A C8    1 
ATOM   201 N N7    . DG  A 1 10 ? -3.961  -1.422  2.625   1.00 15.35 ? 10 DG  A N7    1 
ATOM   202 C C5    . DG  A 1 10 ? -3.294  -0.408  3.325   1.00 14.88 ? 10 DG  A C5    1 
ATOM   203 C C6    . DG  A 1 10 ? -2.764  0.809   2.904   1.00 13.75 ? 10 DG  A C6    1 
ATOM   204 O O6    . DG  A 1 10 ? -2.769  1.249   1.749   1.00 17.65 ? 10 DG  A O6    1 
ATOM   205 N N1    . DG  A 1 10 ? -2.160  1.561   3.922   1.00 12.73 ? 10 DG  A N1    1 
ATOM   206 C C2    . DG  A 1 10 ? -2.077  1.142   5.218   1.00 15.66 ? 10 DG  A C2    1 
ATOM   207 N N2    . DG  A 1 10 ? -1.523  1.941   6.157   1.00 16.38 ? 10 DG  A N2    1 
ATOM   208 N N3    . DG  A 1 10 ? -2.575  -0.008  5.623   1.00 15.63 ? 10 DG  A N3    1 
ATOM   209 C C4    . DG  A 1 10 ? -3.161  -0.725  4.645   1.00 15.56 ? 10 DG  A C4    1 
ATOM   210 P P     . DG  A 1 11 ? -6.245  -3.790  9.503   1.00 24.43 ? 11 DG  A P     1 
ATOM   211 O OP1   . DG  A 1 11 ? -6.058  -4.473  10.782  1.00 28.20 ? 11 DG  A OP1   1 
ATOM   212 O OP2   . DG  A 1 11 ? -7.485  -3.819  8.776   1.00 22.32 ? 11 DG  A OP2   1 
ATOM   213 O "O5'" . DG  A 1 11 ? -6.012  -2.250  9.776   1.00 22.73 ? 11 DG  A "O5'" 1 
ATOM   214 C "C5'" . DG  A 1 11 ? -4.861  -1.798  10.433  1.00 22.50 ? 11 DG  A "C5'" 1 
ATOM   215 C "C4'" . DG  A 1 11 ? -4.895  -0.288  10.449  1.00 21.49 ? 11 DG  A "C4'" 1 
ATOM   216 O "O4'" . DG  A 1 11 ? -4.491  0.142   9.135   1.00 20.46 ? 11 DG  A "O4'" 1 
ATOM   217 C "C3'" . DG  A 1 11 ? -6.249  0.346   10.608  1.00 22.15 ? 11 DG  A "C3'" 1 
ATOM   218 O "O3'" . DG  A 1 11 ? -6.525  0.538   12.030  1.00 26.15 ? 11 DG  A "O3'" 1 
ATOM   219 C "C2'" . DG  A 1 11 ? -6.098  1.677   9.846   1.00 18.10 ? 11 DG  A "C2'" 1 
ATOM   220 C "C1'" . DG  A 1 11 ? -4.853  1.478   8.984   1.00 18.35 ? 11 DG  A "C1'" 1 
ATOM   221 N N9    . DG  A 1 11 ? -5.070  1.661   7.567   1.00 17.63 ? 11 DG  A N9    1 
ATOM   222 C C8    . DG  A 1 11 ? -5.712  0.747   6.738   1.00 15.07 ? 11 DG  A C8    1 
ATOM   223 N N7    . DG  A 1 11 ? -5.844  1.163   5.515   1.00 17.53 ? 11 DG  A N7    1 
ATOM   224 C C5    . DG  A 1 11 ? -5.169  2.403   5.549   1.00 16.98 ? 11 DG  A C5    1 
ATOM   225 C C6    . DG  A 1 11 ? -4.934  3.360   4.549   1.00 15.77 ? 11 DG  A C6    1 
ATOM   226 O O6    . DG  A 1 11 ? -5.199  3.306   3.347   1.00 18.80 ? 11 DG  A O6    1 
ATOM   227 N N1    . DG  A 1 11 ? -4.226  4.478   4.974   1.00 15.40 ? 11 DG  A N1    1 
ATOM   228 C C2    . DG  A 1 11 ? -3.791  4.679   6.253   1.00 14.62 ? 11 DG  A C2    1 
ATOM   229 N N2    . DG  A 1 11 ? -3.166  5.843   6.526   1.00 16.48 ? 11 DG  A N2    1 
ATOM   230 N N3    . DG  A 1 11 ? -4.033  3.812   7.223   1.00 17.55 ? 11 DG  A N3    1 
ATOM   231 C C4    . DG  A 1 11 ? -4.745  2.732   6.814   1.00 15.67 ? 11 DG  A C4    1 
ATOM   232 O "O5'" . DT  B 1 1  ? 4.030   -8.488  0.258   1.00 26.77 ? 12 DT  B "O5'" 1 
ATOM   233 C "C5'" . DT  B 1 1  ? 3.102   -8.022  1.236   1.00 25.14 ? 12 DT  B "C5'" 1 
ATOM   234 C "C4'" . DT  B 1 1  ? 3.578   -6.772  1.967   1.00 25.31 ? 12 DT  B "C4'" 1 
ATOM   235 O "O4'" . DT  B 1 1  ? 3.769   -5.600  1.121   1.00 23.58 ? 12 DT  B "O4'" 1 
ATOM   236 C "C3'" . DT  B 1 1  ? 2.600   -6.275  3.011   1.00 26.59 ? 12 DT  B "C3'" 1 
ATOM   237 O "O3'" . DT  B 1 1  ? 3.406   -5.700  4.006   1.00 28.67 ? 12 DT  B "O3'" 1 
ATOM   238 C "C2'" . DT  B 1 1  ? 1.819   -5.154  2.335   1.00 23.40 ? 12 DT  B "C2'" 1 
ATOM   239 C "C1'" . DT  B 1 1  ? 2.812   -4.587  1.349   1.00 22.41 ? 12 DT  B "C1'" 1 
ATOM   240 N N1    . DT  B 1 1  ? 2.315   -4.182  -0.001  1.00 21.30 ? 12 DT  B N1    1 
ATOM   241 C C2    . DT  B 1 1  ? 1.452   -4.978  -0.729  1.00 21.61 ? 12 DT  B C2    1 
ATOM   242 O O2    . DT  B 1 1  ? 0.991   -6.016  -0.331  1.00 22.00 ? 12 DT  B O2    1 
ATOM   243 N N3    . DT  B 1 1  ? 1.100   -4.521  -1.974  1.00 19.91 ? 12 DT  B N3    1 
ATOM   244 C C4    . DT  B 1 1  ? 1.559   -3.395  -2.592  1.00 21.27 ? 12 DT  B C4    1 
ATOM   245 O O4    . DT  B 1 1  ? 1.199   -3.099  -3.715  1.00 22.53 ? 12 DT  B O4    1 
ATOM   246 C C5    . DT  B 1 1  ? 2.446   -2.582  -1.803  1.00 21.60 ? 12 DT  B C5    1 
ATOM   247 C C7    . DT  B 1 1  ? 2.991   -1.321  -2.397  1.00 20.38 ? 12 DT  B C7    1 
ATOM   248 C C6    . DT  B 1 1  ? 2.772   -3.008  -0.565  1.00 22.20 ? 12 DT  B C6    1 
ATOM   249 P P     . DA  B 1 2  ? 3.765   -6.437  5.376   1.00 28.53 ? 13 DA  B P     1 
ATOM   250 O OP1   . DA  B 1 2  ? 4.751   -7.513  5.129   1.00 27.25 ? 13 DA  B OP1   1 
ATOM   251 O OP2   . DA  B 1 2  ? 2.502   -6.762  6.041   1.00 30.68 ? 13 DA  B OP2   1 
ATOM   252 O "O5'" . DA  B 1 2  ? 4.405   -5.266  6.231   1.00 28.14 ? 13 DA  B "O5'" 1 
ATOM   253 C "C5'" . DA  B 1 2  ? 3.667   -4.160  6.620   1.00 25.60 ? 13 DA  B "C5'" 1 
ATOM   254 C "C4'" . DA  B 1 2  ? 4.642   -3.018  6.849   1.00 24.18 ? 13 DA  B "C4'" 1 
ATOM   255 O "O4'" . DA  B 1 2  ? 5.251   -2.662  5.600   1.00 26.54 ? 13 DA  B "O4'" 1 
ATOM   256 C "C3'" . DA  B 1 2  ? 3.946   -1.750  7.289   1.00 27.09 ? 13 DA  B "C3'" 1 
ATOM   257 O "O3'" . DA  B 1 2  ? 4.044   -1.701  8.710   1.00 30.43 ? 13 DA  B "O3'" 1 
ATOM   258 C "C2'" . DA  B 1 2  ? 4.707   -0.606  6.632   1.00 24.59 ? 13 DA  B "C2'" 1 
ATOM   259 C "C1'" . DA  B 1 2  ? 5.294   -1.256  5.402   1.00 22.79 ? 13 DA  B "C1'" 1 
ATOM   260 N N9    . DA  B 1 2  ? 4.519   -0.972  4.192   1.00 23.17 ? 13 DA  B N9    1 
ATOM   261 C C8    . DA  B 1 2  ? 3.564   -1.763  3.635   1.00 21.94 ? 13 DA  B C8    1 
ATOM   262 N N7    . DA  B 1 2  ? 3.117   -1.278  2.501   1.00 22.48 ? 13 DA  B N7    1 
ATOM   263 C C5    . DA  B 1 2  ? 3.797   -0.105  2.305   1.00 20.86 ? 13 DA  B C5    1 
ATOM   264 C C6    . DA  B 1 2  ? 3.799   0.859   1.265   1.00 20.56 ? 13 DA  B C6    1 
ATOM   265 N N6    . DA  B 1 2  ? 3.006   0.827   0.187   1.00 18.96 ? 13 DA  B N6    1 
ATOM   266 N N1    . DA  B 1 2  ? 4.655   1.885   1.380   1.00 21.39 ? 13 DA  B N1    1 
ATOM   267 C C2    . DA  B 1 2  ? 5.450   1.947   2.457   1.00 19.23 ? 13 DA  B C2    1 
ATOM   268 N N3    . DA  B 1 2  ? 5.544   1.112   3.485   1.00 19.22 ? 13 DA  B N3    1 
ATOM   269 C C4    . DA  B 1 2  ? 4.705   0.075   3.332   1.00 21.90 ? 13 DA  B C4    1 
ATOM   270 P P     . DG  B 1 3  ? 2.838   -1.184  9.606   1.00 32.22 ? 14 DG  B P     1 
ATOM   271 O OP1   . DG  B 1 3  ? 3.018   -1.770  10.951  1.00 32.10 ? 14 DG  B OP1   1 
ATOM   272 O OP2   . DG  B 1 3  ? 1.532   -1.372  8.916   1.00 32.21 ? 14 DG  B OP2   1 
ATOM   273 O "O5'" . DG  B 1 3  ? 3.165   0.358   9.688   1.00 30.25 ? 14 DG  B "O5'" 1 
ATOM   274 C "C5'" . DG  B 1 3  ? 4.419   0.869   10.135  1.00 28.51 ? 14 DG  B "C5'" 1 
ATOM   275 C "C4'" . DG  B 1 3  ? 4.379   2.346   9.789   1.00 27.98 ? 14 DG  B "C4'" 1 
ATOM   276 O "O4'" . DG  B 1 3  ? 4.361   2.509   8.337   1.00 28.20 ? 14 DG  B "O4'" 1 
ATOM   277 C "C3'" . DG  B 1 3  ? 3.182   3.138   10.299  1.00 27.78 ? 14 DG  B "C3'" 1 
ATOM   278 O "O3'" . DG  B 1 3  ? 3.645   4.437   10.719  1.00 29.39 ? 14 DG  B "O3'" 1 
ATOM   279 C "C2'" . DG  B 1 3  ? 2.269   3.281   9.082   1.00 25.43 ? 14 DG  B "C2'" 1 
ATOM   280 C "C1'" . DG  B 1 3  ? 3.236   3.239   7.903   1.00 25.00 ? 14 DG  B "C1'" 1 
ATOM   281 N N9    . DG  B 1 3  ? 2.614   2.595   6.728   1.00 22.51 ? 14 DG  B N9    1 
ATOM   282 C C8    . DG  B 1 3  ? 1.814   1.475   6.728   1.00 19.52 ? 14 DG  B C8    1 
ATOM   283 N N7    . DG  B 1 3  ? 1.393   1.122   5.542   1.00 22.22 ? 14 DG  B N7    1 
ATOM   284 C C5    . DG  B 1 3  ? 1.880   2.129   4.716   1.00 18.57 ? 14 DG  B C5    1 
ATOM   285 C C6    . DG  B 1 3  ? 1.679   2.356   3.358   1.00 19.37 ? 14 DG  B C6    1 
ATOM   286 O O6    . DG  B 1 3  ? 1.060   1.654   2.570   1.00 19.86 ? 14 DG  B O6    1 
ATOM   287 N N1    . DG  B 1 3  ? 2.325   3.492   2.885   1.00 18.97 ? 14 DG  B N1    1 
ATOM   288 C C2    . DG  B 1 3  ? 3.100   4.347   3.643   1.00 18.77 ? 14 DG  B C2    1 
ATOM   289 N N2    . DG  B 1 3  ? 3.661   5.393   3.019   1.00 16.78 ? 14 DG  B N2    1 
ATOM   290 N N3    . DG  B 1 3  ? 3.272   4.161   4.929   1.00 20.76 ? 14 DG  B N3    1 
ATOM   291 C C4    . DG  B 1 3  ? 2.626   3.051   5.418   1.00 21.69 ? 14 DG  B C4    1 
ATOM   292 P P     . DG  B 1 4  ? 2.699   5.509   11.412  1.00 31.38 ? 15 DG  B P     1 
ATOM   293 O OP1   . DG  B 1 4  ? 3.551   6.190   12.424  1.00 32.46 ? 15 DG  B OP1   1 
ATOM   294 O OP2   . DG  B 1 4  ? 1.402   4.934   11.827  1.00 29.79 ? 15 DG  B OP2   1 
ATOM   295 O "O5'" . DG  B 1 4  ? 2.438   6.610   10.291  1.00 31.03 ? 15 DG  B "O5'" 1 
ATOM   296 C "C5'" . DG  B 1 4  ? 3.502   7.112   9.515   1.00 29.50 ? 15 DG  B "C5'" 1 
ATOM   297 C "C4'" . DG  B 1 4  ? 2.896   7.842   8.333   1.00 27.70 ? 15 DG  B "C4'" 1 
ATOM   298 O "O4'" . DG  B 1 4  ? 2.467   6.902   7.321   1.00 26.53 ? 15 DG  B "O4'" 1 
ATOM   299 C "C3'" . DG  B 1 4  ? 1.646   8.640   8.670   1.00 27.32 ? 15 DG  B "C3'" 1 
ATOM   300 O "O3'" . DG  B 1 4  ? 1.990   10.014  8.499   1.00 24.75 ? 15 DG  B "O3'" 1 
ATOM   301 C "C2'" . DG  B 1 4  ? 0.608   8.206   7.635   1.00 25.96 ? 15 DG  B "C2'" 1 
ATOM   302 C "C1'" . DG  B 1 4  ? 1.448   7.527   6.571   1.00 24.49 ? 15 DG  B "C1'" 1 
ATOM   303 N N9    . DG  B 1 4  ? 0.717   6.470   5.846   1.00 22.37 ? 15 DG  B N9    1 
ATOM   304 C C8    . DG  B 1 4  ? 0.192   5.318   6.364   1.00 18.37 ? 15 DG  B C8    1 
ATOM   305 N N7    . DG  B 1 4  ? -0.367  4.545   5.463   1.00 19.85 ? 15 DG  B N7    1 
ATOM   306 C C5    . DG  B 1 4  ? -0.222  5.262   4.282   1.00 17.72 ? 15 DG  B C5    1 
ATOM   307 C C6    . DG  B 1 4  ? -0.643  4.987   2.977   1.00 17.92 ? 15 DG  B C6    1 
ATOM   308 O O6    . DG  B 1 4  ? -1.262  3.988   2.625   1.00 21.45 ? 15 DG  B O6    1 
ATOM   309 N N1    . DG  B 1 4  ? -0.286  5.970   2.031   1.00 15.77 ? 15 DG  B N1    1 
ATOM   310 C C2    . DG  B 1 4  ? 0.361   7.134   2.345   1.00 16.31 ? 15 DG  B C2    1 
ATOM   311 N N2    . DG  B 1 4  ? 0.575   8.028   1.366   1.00 16.55 ? 15 DG  B N2    1 
ATOM   312 N N3    . DG  B 1 4  ? 0.765   7.400   3.576   1.00 15.87 ? 15 DG  B N3    1 
ATOM   313 C C4    . DG  B 1 4  ? 0.415   6.461   4.495   1.00 17.99 ? 15 DG  B C4    1 
ATOM   314 P P     . DG  B 1 5  ? 1.029   11.218  8.882   1.00 26.68 ? 16 DG  B P     1 
ATOM   315 O OP1   . DG  B 1 5  ? 1.969   12.323  9.175   1.00 28.34 ? 16 DG  B OP1   1 
ATOM   316 O OP2   . DG  B 1 5  ? -0.086  10.896  9.745   1.00 24.81 ? 16 DG  B OP2   1 
ATOM   317 O "O5'" . DG  B 1 5  ? 0.374   11.618  7.489   1.00 25.12 ? 16 DG  B "O5'" 1 
ATOM   318 C "C5'" . DG  B 1 5  ? 1.224   12.036  6.428   1.00 22.96 ? 16 DG  B "C5'" 1 
ATOM   319 C "C4'" . DG  B 1 5  ? 0.433   12.362  5.177   1.00 23.91 ? 16 DG  B "C4'" 1 
ATOM   320 O "O4'" . DG  B 1 5  ? 0.107   11.118  4.510   1.00 21.58 ? 16 DG  B "O4'" 1 
ATOM   321 C "C3'" . DG  B 1 5  ? -0.871  13.121  5.368   1.00 24.34 ? 16 DG  B "C3'" 1 
ATOM   322 O "O3'" . DG  B 1 5  ? -0.921  14.185  4.433   1.00 25.91 ? 16 DG  B "O3'" 1 
ATOM   323 C "C2'" . DG  B 1 5  ? -1.932  12.091  5.018   1.00 22.20 ? 16 DG  B "C2'" 1 
ATOM   324 C "C1'" . DG  B 1 5  ? -1.201  11.241  3.988   1.00 20.39 ? 16 DG  B "C1'" 1 
ATOM   325 N N9    . DG  B 1 5  ? -1.833  9.917   3.951   1.00 18.01 ? 16 DG  B N9    1 
ATOM   326 C C8    . DG  B 1 5  ? -2.010  9.048   5.013   1.00 13.71 ? 16 DG  B C8    1 
ATOM   327 N N7    . DG  B 1 5  ? -2.604  7.932   4.640   1.00 18.88 ? 16 DG  B N7    1 
ATOM   328 C C5    . DG  B 1 5  ? -2.816  8.100   3.283   1.00 15.28 ? 16 DG  B C5    1 
ATOM   329 C C6    . DG  B 1 5  ? -3.424  7.258   2.359   1.00 17.74 ? 16 DG  B C6    1 
ATOM   330 O O6    . DG  B 1 5  ? -3.917  6.157   2.590   1.00 17.52 ? 16 DG  B O6    1 
ATOM   331 N N1    . DG  B 1 5  ? -3.458  7.769   1.076   1.00 17.39 ? 16 DG  B N1    1 
ATOM   332 C C2    . DG  B 1 5  ? -2.939  8.998   0.728   1.00 16.89 ? 16 DG  B C2    1 
ATOM   333 N N2    . DG  B 1 5  ? -3.061  9.405   -0.529  1.00 15.58 ? 16 DG  B N2    1 
ATOM   334 N N3    . DG  B 1 5  ? -2.352  9.787   1.580   1.00 15.03 ? 16 DG  B N3    1 
ATOM   335 C C4    . DG  B 1 5  ? -2.368  9.302   2.840   1.00 17.00 ? 16 DG  B C4    1 
ATOM   336 P P     . DT  B 1 6  ? -1.438  15.631  4.810   1.00 26.92 ? 17 DT  B P     1 
ATOM   337 O OP1   . DT  B 1 6  ? -2.323  15.656  5.983   1.00 28.51 ? 17 DT  B OP1   1 
ATOM   338 O OP2   . DT  B 1 6  ? -1.812  16.340  3.608   1.00 30.60 ? 17 DT  B OP2   1 
ATOM   339 O "O5'" . DT  B 1 6  ? -0.054  16.209  5.344   1.00 29.44 ? 17 DT  B "O5'" 1 
ATOM   340 C "C5'" . DT  B 1 6  ? 0.805   16.737  4.418   1.00 30.68 ? 17 DT  B "C5'" 1 
ATOM   341 C "C4'" . DT  B 1 6  ? 2.221   16.540  4.883   1.00 33.13 ? 17 DT  B "C4'" 1 
ATOM   342 O "O4'" . DT  B 1 6  ? 2.638   15.157  4.822   1.00 34.01 ? 17 DT  B "O4'" 1 
ATOM   343 C "C3'" . DT  B 1 6  ? 3.218   17.240  3.984   1.00 35.04 ? 17 DT  B "C3'" 1 
ATOM   344 O "O3'" . DT  B 1 6  ? 4.397   17.416  4.773   1.00 37.46 ? 17 DT  B "O3'" 1 
ATOM   345 C "C2'" . DT  B 1 6  ? 3.444   16.221  2.873   1.00 33.47 ? 17 DT  B "C2'" 1 
ATOM   346 C "C1'" . DT  B 1 6  ? 3.578   14.980  3.756   1.00 34.35 ? 17 DT  B "C1'" 1 
ATOM   347 N N1    . DT  B 1 6  ? 3.264   13.688  3.081   1.00 33.76 ? 17 DT  B N1    1 
ATOM   348 C C2    . DT  B 1 6  ? 4.044   12.600  3.379   1.00 35.28 ? 17 DT  B C2    1 
ATOM   349 O O2    . DT  B 1 6  ? 4.989   12.634  4.141   1.00 36.43 ? 17 DT  B O2    1 
ATOM   350 N N3    . DT  B 1 6  ? 3.662   11.429  2.757   1.00 36.19 ? 17 DT  B N3    1 
ATOM   351 C C4    . DT  B 1 6  ? 2.588   11.267  1.897   1.00 32.54 ? 17 DT  B C4    1 
ATOM   352 O O4    . DT  B 1 6  ? 2.354   10.177  1.406   1.00 33.07 ? 17 DT  B O4    1 
ATOM   353 C C5    . DT  B 1 6  ? 1.804   12.444  1.634   1.00 33.53 ? 17 DT  B C5    1 
ATOM   354 C C7    . DT  B 1 6  ? 0.561   12.345  0.805   1.00 32.78 ? 17 DT  B C7    1 
ATOM   355 C C6    . DT  B 1 6  ? 2.170   13.597  2.222   1.00 33.07 ? 17 DT  B C6    1 
ATOM   356 P P     . DT  B 1 7  ? 4.933   18.873  5.182   1.00 35.69 ? 18 DT  B P     1 
ATOM   357 O OP1   . DT  B 1 7  ? 5.174   18.796  6.644   1.00 37.25 ? 18 DT  B OP1   1 
ATOM   358 O OP2   . DT  B 1 7  ? 4.104   19.930  4.584   1.00 39.05 ? 18 DT  B OP2   1 
ATOM   359 O "O5'" . DT  B 1 7  ? 6.310   18.939  4.418   1.00 36.06 ? 18 DT  B "O5'" 1 
ATOM   360 C "C5'" . DT  B 1 7  ? 6.558   18.396  3.177   1.00 32.29 ? 18 DT  B "C5'" 1 
ATOM   361 C "C4'" . DT  B 1 7  ? 8.026   18.050  3.186   1.00 30.57 ? 18 DT  B "C4'" 1 
ATOM   362 O "O4'" . DT  B 1 7  ? 8.704   18.785  4.258   1.00 27.97 ? 18 DT  B "O4'" 1 
ATOM   363 C "C3'" . DT  B 1 7  ? 8.288   16.592  3.428   1.00 29.15 ? 18 DT  B "C3'" 1 
ATOM   364 O "O3'" . DT  B 1 7  ? 9.180   16.145  2.501   1.00 32.03 ? 18 DT  B "O3'" 1 
ATOM   365 C "C2'" . DT  B 1 7  ? 9.021   16.575  4.780   1.00 30.28 ? 18 DT  B "C2'" 1 
ATOM   366 C "C1'" . DT  B 1 7  ? 9.687   17.949  4.799   1.00 25.25 ? 18 DT  B "C1'" 1 
ATOM   367 N N1    . DT  B 1 7  ? 9.952   18.441  6.193   1.00 22.76 ? 18 DT  B N1    1 
ATOM   368 C C2    . DT  B 1 7  ? 11.191  18.279  6.708   1.00 21.29 ? 18 DT  B C2    1 
ATOM   369 O O2    . DT  B 1 7  ? 12.078  17.793  6.054   1.00 23.59 ? 18 DT  B O2    1 
ATOM   370 N N3    . DT  B 1 7  ? 11.356  18.714  8.005   1.00 21.61 ? 18 DT  B N3    1 
ATOM   371 C C4    . DT  B 1 7  ? 10.372  19.270  8.796   1.00 22.12 ? 18 DT  B C4    1 
ATOM   372 O O4    . DT  B 1 7  ? 10.610  19.660  9.925   1.00 28.32 ? 18 DT  B O4    1 
ATOM   373 C C5    . DT  B 1 7  ? 9.056   19.390  8.202   1.00 23.60 ? 18 DT  B C5    1 
ATOM   374 C C7    . DT  B 1 7  ? 7.887   19.940  8.974   1.00 22.59 ? 18 DT  B C7    1 
ATOM   375 C C6    . DT  B 1 7  ? 8.921   18.977  6.935   1.00 21.63 ? 18 DT  B C6    1 
ATOM   376 P P     . DA  B 1 8  ? 8.666   15.277  1.281   1.00 33.18 ? 19 DA  B P     1 
ATOM   377 O OP1   . DA  B 1 8  ? 9.796   15.084  0.365   1.00 32.15 ? 19 DA  B OP1   1 
ATOM   378 O OP2   . DA  B 1 8  ? 7.342   15.846  0.975   1.00 33.20 ? 19 DA  B OP2   1 
ATOM   379 O "O5'" . DA  B 1 8  ? 8.453   13.864  1.974   1.00 35.80 ? 19 DA  B "O5'" 1 
ATOM   380 C "C5'" . DA  B 1 8  ? 9.465   12.904  1.708   1.00 35.72 ? 19 DA  B "C5'" 1 
ATOM   381 C "C4'" . DA  B 1 8  ? 9.382   11.791  2.714   1.00 36.57 ? 19 DA  B "C4'" 1 
ATOM   382 O "O4'" . DA  B 1 8  ? 9.685   12.276  4.011   1.00 36.49 ? 19 DA  B "O4'" 1 
ATOM   383 C "C3'" . DA  B 1 8  ? 7.997   11.170  2.862   1.00 34.42 ? 19 DA  B "C3'" 1 
ATOM   384 O "O3'" . DA  B 1 8  ? 8.077   10.086  1.993   1.00 34.77 ? 19 DA  B "O3'" 1 
ATOM   385 C "C2'" . DA  B 1 8  ? 8.023   10.692  4.301   1.00 38.11 ? 19 DA  B "C2'" 1 
ATOM   386 C "C1'" . DA  B 1 8  ? 9.390   11.156  4.804   1.00 40.91 ? 19 DA  B "C1'" 1 
ATOM   387 N N9    . DA  B 1 8  ? 9.398   11.506  6.231   1.00 43.41 ? 19 DA  B N9    1 
ATOM   388 C C8    . DA  B 1 8  ? 8.505   12.298  6.928   1.00 44.31 ? 19 DA  B C8    1 
ATOM   389 N N7    . DA  B 1 8  ? 8.762   12.403  8.222   1.00 44.94 ? 19 DA  B N7    1 
ATOM   390 C C5    . DA  B 1 8  ? 9.907   11.628  8.375   1.00 44.51 ? 19 DA  B C5    1 
ATOM   391 C C6    . DA  B 1 8  ? 10.700  11.335  9.502   1.00 45.62 ? 19 DA  B C6    1 
ATOM   392 N N6    . DA  B 1 8  ? 10.387  11.807  10.728  1.00 45.60 ? 19 DA  B N6    1 
ATOM   393 N N1    . DA  B 1 8  ? 11.792  10.527  9.323   1.00 45.21 ? 19 DA  B N1    1 
ATOM   394 C C2    . DA  B 1 8  ? 12.073  10.051  8.090   1.00 46.20 ? 19 DA  B C2    1 
ATOM   395 N N3    . DA  B 1 8  ? 11.400  10.258  6.950   1.00 44.71 ? 19 DA  B N3    1 
ATOM   396 C C4    . DA  B 1 8  ? 10.320  11.060  7.166   1.00 44.69 ? 19 DA  B C4    1 
ATOM   397 P P     . DG  B 1 9  ? 6.821   9.247   1.522   1.00 29.44 ? 20 DG  B P     1 
ATOM   398 O OP1   . DG  B 1 9  ? 5.837   9.213   2.576   1.00 27.82 ? 20 DG  B OP1   1 
ATOM   399 O OP2   . DG  B 1 9  ? 7.438   8.010   0.988   1.00 30.88 ? 20 DG  B OP2   1 
ATOM   400 O "O5'" . DG  B 1 9  ? 6.219   10.199  0.391   1.00 30.89 ? 20 DG  B "O5'" 1 
ATOM   401 C "C5'" . DG  B 1 9  ? 6.839   10.383  -0.845  1.00 30.29 ? 20 DG  B "C5'" 1 
ATOM   402 C "C4'" . DG  B 1 9  ? 5.816   10.297  -1.962  1.00 28.91 ? 20 DG  B "C4'" 1 
ATOM   403 O "O4'" . DG  B 1 9  ? 5.339   8.940   -2.118  1.00 25.59 ? 20 DG  B "O4'" 1 
ATOM   404 C "C3'" . DG  B 1 9  ? 4.576   11.148  -1.805  1.00 28.88 ? 20 DG  B "C3'" 1 
ATOM   405 O "O3'" . DG  B 1 9  ? 4.365   11.785  -3.101  1.00 29.36 ? 20 DG  B "O3'" 1 
ATOM   406 C "C2'" . DG  B 1 9  ? 3.502   10.120  -1.411  1.00 25.62 ? 20 DG  B "C2'" 1 
ATOM   407 C "C1'" . DG  B 1 9  ? 3.937   8.844   -2.092  1.00 22.81 ? 20 DG  B "C1'" 1 
ATOM   408 N N9    . DG  B 1 9  ? 3.527   7.649   -1.323  1.00 19.54 ? 20 DG  B N9    1 
ATOM   409 C C8    . DG  B 1 9  ? 3.775   7.413   -0.007  1.00 16.64 ? 20 DG  B C8    1 
ATOM   410 N N7    . DG  B 1 9  ? 3.271   6.339   0.479   1.00 19.75 ? 20 DG  B N7    1 
ATOM   411 C C5    . DG  B 1 9  ? 2.672   5.772   -0.635  1.00 19.57 ? 20 DG  B C5    1 
ATOM   412 C C6    . DG  B 1 9  ? 1.959   4.573   -0.758  1.00 19.17 ? 20 DG  B C6    1 
ATOM   413 O O6    . DG  B 1 9  ? 1.767   3.719   0.083   1.00 22.30 ? 20 DG  B O6    1 
ATOM   414 N N1    . DG  B 1 9  ? 1.484   4.345   -2.029  1.00 19.94 ? 20 DG  B N1    1 
ATOM   415 C C2    . DG  B 1 9  ? 1.691   5.228   -3.083  1.00 17.52 ? 20 DG  B C2    1 
ATOM   416 N N2    . DG  B 1 9  ? 1.165   4.911   -4.247  1.00 15.02 ? 20 DG  B N2    1 
ATOM   417 N N3    . DG  B 1 9  ? 2.322   6.384   -2.988  1.00 20.03 ? 20 DG  B N3    1 
ATOM   418 C C4    . DG  B 1 9  ? 2.792   6.587   -1.736  1.00 18.75 ? 20 DG  B C4    1 
ATOM   419 P P     . DG  B 1 10 ? 3.084   12.649  -3.469  1.00 31.65 ? 21 DG  B P     1 
ATOM   420 O OP1   . DG  B 1 10 ? 3.465   13.554  -4.569  1.00 32.08 ? 21 DG  B OP1   1 
ATOM   421 O OP2   . DG  B 1 10 ? 2.446   13.214  -2.284  1.00 29.30 ? 21 DG  B OP2   1 
ATOM   422 O "O5'" . DG  B 1 10 ? 2.075   11.565  -4.065  1.00 29.18 ? 21 DG  B "O5'" 1 
ATOM   423 C "C5'" . DG  B 1 10 ? 2.284   11.012  -5.327  1.00 27.90 ? 21 DG  B "C5'" 1 
ATOM   424 C "C4'" . DG  B 1 10 ? 1.007   10.370  -5.793  1.00 25.50 ? 21 DG  B "C4'" 1 
ATOM   425 O "O4'" . DG  B 1 10 ? 0.782   9.187   -4.975  1.00 24.26 ? 21 DG  B "O4'" 1 
ATOM   426 C "C3'" . DG  B 1 10 ? -0.206  11.254  -5.645  1.00 24.87 ? 21 DG  B "C3'" 1 
ATOM   427 O "O3'" . DG  B 1 10 ? -0.880  11.247  -6.910  1.00 27.67 ? 21 DG  B "O3'" 1 
ATOM   428 C "C2'" . DG  B 1 10 ? -0.980  10.605  -4.505  1.00 21.79 ? 21 DG  B "C2'" 1 
ATOM   429 C "C1'" . DG  B 1 10 ? -0.576  9.149   -4.630  1.00 21.96 ? 21 DG  B "C1'" 1 
ATOM   430 N N9    . DG  B 1 10 ? -0.659  8.393   -3.386  1.00 22.83 ? 21 DG  B N9    1 
ATOM   431 C C8    . DG  B 1 10 ? -0.118  8.740   -2.164  1.00 18.80 ? 21 DG  B C8    1 
ATOM   432 N N7    . DG  B 1 10 ? -0.289  7.812   -1.274  1.00 19.39 ? 21 DG  B N7    1 
ATOM   433 C C5    . DG  B 1 10 ? -0.970  6.786   -1.967  1.00 19.75 ? 21 DG  B C5    1 
ATOM   434 C C6    . DG  B 1 10 ? -1.449  5.525   -1.546  1.00 20.65 ? 21 DG  B C6    1 
ATOM   435 O O6    . DG  B 1 10 ? -1.364  5.039   -0.413  1.00 21.51 ? 21 DG  B O6    1 
ATOM   436 N N1    . DG  B 1 10 ? -2.054  4.765   -2.566  1.00 17.95 ? 21 DG  B N1    1 
ATOM   437 C C2    . DG  B 1 10 ? -2.210  5.230   -3.866  1.00 19.21 ? 21 DG  B C2    1 
ATOM   438 N N2    . DG  B 1 10 ? -2.834  4.460   -4.761  1.00 17.69 ? 21 DG  B N2    1 
ATOM   439 N N3    . DG  B 1 10 ? -1.770  6.399   -4.270  1.00 19.88 ? 21 DG  B N3    1 
ATOM   440 C C4    . DG  B 1 10 ? -1.172  7.118   -3.270  1.00 20.17 ? 21 DG  B C4    1 
ATOM   441 P P     . DG  B 1 11 ? -2.324  11.815  -7.236  1.00 28.15 ? 22 DG  B P     1 
ATOM   442 O OP1   . DG  B 1 11 ? -2.256  12.271  -8.621  1.00 30.18 ? 22 DG  B OP1   1 
ATOM   443 O OP2   . DG  B 1 11 ? -2.891  12.675  -6.183  1.00 26.50 ? 22 DG  B OP2   1 
ATOM   444 O "O5'" . DG  B 1 11 ? -3.267  10.552  -7.236  1.00 24.76 ? 22 DG  B "O5'" 1 
ATOM   445 C "C5'" . DG  B 1 11 ? -2.998  9.403   -8.010  1.00 27.15 ? 22 DG  B "C5'" 1 
ATOM   446 C "C4'" . DG  B 1 11 ? -4.204  8.476   -8.024  1.00 25.20 ? 22 DG  B "C4'" 1 
ATOM   447 O "O4'" . DG  B 1 11 ? -4.163  7.731   -6.798  1.00 25.35 ? 22 DG  B "O4'" 1 
ATOM   448 C "C3'" . DG  B 1 11 ? -5.596  9.075   -8.061  1.00 25.81 ? 22 DG  B "C3'" 1 
ATOM   449 O "O3'" . DG  B 1 11 ? -6.328  8.282   -8.974  1.00 26.48 ? 22 DG  B "O3'" 1 
ATOM   450 C "C2'" . DG  B 1 11 ? -6.132  8.919   -6.637  1.00 22.73 ? 22 DG  B "C2'" 1 
ATOM   451 C "C1'" . DG  B 1 11 ? -5.443  7.644   -6.218  1.00 21.80 ? 22 DG  B "C1'" 1 
ATOM   452 N N9    . DG  B 1 11 ? -5.176  7.514   -4.773  1.00 19.15 ? 22 DG  B N9    1 
ATOM   453 C C8    . DG  B 1 11 ? -4.451  8.378   -3.994  1.00 17.19 ? 22 DG  B C8    1 
ATOM   454 N N7    . DG  B 1 11 ? -4.341  8.010   -2.772  1.00 18.89 ? 22 DG  B N7    1 
ATOM   455 C C5    . DG  B 1 11 ? -4.964  6.768   -2.766  1.00 17.27 ? 22 DG  B C5    1 
ATOM   456 C C6    . DG  B 1 11 ? -5.120  5.813   -1.751  1.00 18.24 ? 22 DG  B C6    1 
ATOM   457 O O6    . DG  B 1 11 ? -4.747  5.869   -0.560  1.00 18.66 ? 22 DG  B O6    1 
ATOM   458 N N1    . DG  B 1 11 ? -5.825  4.672   -2.159  1.00 16.16 ? 22 DG  B N1    1 
ATOM   459 C C2    . DG  B 1 11 ? -6.259  4.454   -3.450  1.00 18.85 ? 22 DG  B C2    1 
ATOM   460 N N2    . DG  B 1 11 ? -6.932  3.335   -3.728  1.00 16.97 ? 22 DG  B N2    1 
ATOM   461 N N3    . DG  B 1 11 ? -6.094  5.322   -4.422  1.00 19.01 ? 22 DG  B N3    1 
ATOM   462 C C4    . DG  B 1 11 ? -5.467  6.455   -4.000  1.00 18.91 ? 22 DG  B C4    1 
HETATM 463 K K     . K   C 2 .  ? -3.510  3.853   1.006   1.00 20.37 ? 23 K   A K     1 
HETATM 464 K K     . K   D 2 .  ? -6.464  5.346   1.688   0.50 21.00 ? 24 K   A K     1 
HETATM 465 K K     . K   E 2 .  ? -0.411  2.208   0.362   1.00 21.20 ? 25 K   A K     1 
HETATM 466 C CX3   . POH F 3 .  ? 7.042   -4.838  3.892   0.50 24.36 ? 26 POH A CX3   1 
HETATM 467 C C2A   . POH F 3 .  ? 6.890   -7.640  -1.120  0.50 23.08 ? 26 POH A C2A   1 
HETATM 468 C C71   . POH F 3 .  ? 8.367   -4.950  1.901   0.50 24.25 ? 26 POH A C71   1 
HETATM 469 C C81   . POH F 3 .  ? 9.439   -5.387  2.668   0.50 23.95 ? 26 POH A C81   1 
HETATM 470 C C91   . POH F 3 .  ? 9.267   -5.547  4.035   0.50 24.32 ? 26 POH A C91   1 
HETATM 471 C CXN   . POH F 3 .  ? 7.957   -5.442  6.058   0.50 22.90 ? 26 POH A CXN   1 
HETATM 472 C C3A   . POH F 3 .  ? 7.207   -6.882  -0.021  0.50 22.20 ? 26 POH A C3A   1 
HETATM 473 C C4A   . POH F 3 .  ? 7.955   -5.811  -0.471  0.50 22.58 ? 26 POH A C4A   1 
HETATM 474 C C1A   . POH F 3 .  ? 7.444   -7.007  -2.223  0.50 23.19 ? 26 POH A C1A   1 
HETATM 475 C CXD   . POH F 3 .  ? 7.145   -4.673  2.518   0.50 24.50 ? 26 POH A CXD   1 
HETATM 476 N NXT   . POH F 3 .  ? 8.089   -5.274  4.609   0.50 24.65 ? 26 POH A NXT   1 
HETATM 477 N NA    . POH F 3 .  ? 8.078   -5.895  -1.803  0.50 23.64 ? 26 POH A NA    1 
HETATM 478 N NB    . POH F 3 .  ? 9.631   -3.388  -1.384  0.50 21.93 ? 26 POH A NB    1 
HETATM 479 N NC    . POH F 3 .  ? 9.766   -2.984  -4.417  0.50 23.95 ? 26 POH A NC    1 
HETATM 480 N ND    . POH F 3 .  ? 8.072   -5.415  -4.835  0.50 22.49 ? 26 POH A ND    1 
HETATM 481 C CHB   . POH F 3 .  ? 8.495   -4.751  0.415   0.50 22.82 ? 26 POH A CHB   1 
HETATM 482 C C1B   . POH F 3 .  ? 9.430   -3.722  -0.104  0.50 22.84 ? 26 POH A C1B   1 
HETATM 483 C CX4   . POH F 3 .  ? 14.374  0.116   -2.783  0.50 23.00 ? 26 POH A CX4   1 
HETATM 484 C C2B   . POH F 3 .  ? 10.235  -2.927  0.689   0.50 21.84 ? 26 POH A C2B   1 
HETATM 485 C C72   . POH F 3 .  ? 12.137  -0.675  -2.439  0.50 23.87 ? 26 POH A C72   1 
HETATM 486 C C82   . POH F 3 .  ? 11.897  0.430   -1.631  0.50 22.84 ? 26 POH A C82   1 
HETATM 487 C C92   . POH F 3 .  ? 12.914  1.351   -1.430  0.50 23.04 ? 26 POH A C92   1 
HETATM 488 C CXO   . POH F 3 .  ? 15.153  2.181   -1.771  0.50 21.49 ? 26 POH A CXO   1 
HETATM 489 C C3B   . POH F 3 .  ? 10.912  -2.099  -0.146  0.50 21.76 ? 26 POH A C3B   1 
HETATM 490 C C4B   . POH F 3 .  ? 10.529  -2.401  -1.441  0.50 22.86 ? 26 POH A C4B   1 
HETATM 491 C CXE   . POH F 3 .  ? 13.399  -0.842  -3.023  0.50 23.64 ? 26 POH A CXE   1 
HETATM 492 N NXU   . POH F 3 .  ? 14.110  1.181   -2.005  0.50 23.27 ? 26 POH A NXU   1 
HETATM 493 C CHC   . POH F 3 .  ? 11.082  -1.728  -2.648  0.50 22.50 ? 26 POH A CHC   1 
HETATM 494 C C1C   . POH F 3 .  ? 10.564  -1.978  -4.020  0.50 23.18 ? 26 POH A C1C   1 
HETATM 495 C CX5   . POH F 3 .  ? 8.005   -3.169  -10.264 0.50 26.20 ? 26 POH A CX5   1 
HETATM 496 C C2C   . POH F 3 .  ? 10.677  -1.069  -5.056  0.50 23.10 ? 26 POH A C2C   1 
HETATM 497 C C73   . POH F 3 .  ? 8.081   -3.024  -7.874  0.50 25.19 ? 26 POH A C73   1 
HETATM 498 C C83   . POH F 3 .  ? 7.389   -1.815  -7.959  0.50 26.13 ? 26 POH A C83   1 
HETATM 499 C C93   . POH F 3 .  ? 7.060   -1.310  -9.214  0.50 26.64 ? 26 POH A C93   1 
HETATM 500 C CXP   . POH F 3 .  ? 6.986   -1.424  -11.617 0.50 25.95 ? 26 POH A CXP   1 
HETATM 501 C C3C   . POH F 3 .  ? 9.894   -1.524  -6.089  0.50 23.57 ? 26 POH A C3C   1 
HETATM 502 C C4C   . POH F 3 .  ? 9.339   -2.720  -5.671  0.50 23.83 ? 26 POH A C4C   1 
HETATM 503 C CXF   . POH F 3 .  ? 8.391   -3.713  -9.045  0.50 26.88 ? 26 POH A CXF   1 
HETATM 504 N NXV   . POH F 3 .  ? 7.364   -1.995  -10.321 0.50 25.91 ? 26 POH A NXV   1 
HETATM 505 C CHD   . POH F 3 .  ? 8.441   -3.556  -6.521  0.50 23.88 ? 26 POH A CHD   1 
HETATM 506 C C1D   . POH F 3 .  ? 7.862   -4.837  -6.033  0.50 22.96 ? 26 POH A C1D   1 
HETATM 507 C CX6   . POH F 3 .  ? 4.775   -10.190 -4.480  0.50 27.18 ? 26 POH A CX6   1 
HETATM 508 C C2D   . POH F 3 .  ? 7.013   -5.649  -6.770  0.50 22.73 ? 26 POH A C2D   1 
HETATM 509 C C74   . POH F 3 .  ? 6.569   -8.807  -3.726  0.50 24.59 ? 26 POH A C74   1 
HETATM 510 C C84   . POH F 3 .  ? 7.136   -9.934  -3.141  0.50 26.86 ? 26 POH A C84   1 
HETATM 511 C C94   . POH F 3 .  ? 6.481   -11.156 -3.213  0.50 26.58 ? 26 POH A C94   1 
HETATM 512 C CXQ   . POH F 3 .  ? 4.655   -12.547 -3.956  0.50 26.16 ? 26 POH A CXQ   1 
HETATM 513 C C3D   . POH F 3 .  ? 6.730   -6.737  -5.991  0.50 23.05 ? 26 POH A C3D   1 
HETATM 514 C C4D   . POH F 3 .  ? 7.392   -6.574  -4.783  0.50 22.97 ? 26 POH A C4D   1 
HETATM 515 C CXG   . POH F 3 .  ? 5.373   -8.942  -4.421  0.50 27.16 ? 26 POH A CXG   1 
HETATM 516 C CHA   . POH F 3 .  ? 7.318   -7.515  -3.624  0.50 23.80 ? 26 POH A CHA   1 
HETATM 517 N NXW   . POH F 3 .  ? 5.329   -11.250 -3.875  0.50 27.15 ? 26 POH A NXW   1 
HETATM 518 C CX3   . POH G 3 .  ? -14.288 -13.583 -2.035  0.50 25.49 ? 27 POH A CX3   1 
HETATM 519 C C2A   . POH G 3 .  ? -11.949 -18.369 -3.672  0.50 19.92 ? 27 POH A C2A   1 
HETATM 520 C C71   . POH G 3 .  ? -12.486 -14.910 -1.157  0.50 22.78 ? 27 POH A C71   1 
HETATM 521 C C81   . POH G 3 .  ? -13.078 -14.812 0.092   0.50 24.07 ? 27 POH A C81   1 
HETATM 522 C C91   . POH G 3 .  ? -14.265 -14.108 0.226   0.50 23.74 ? 27 POH A C91   1 
HETATM 523 C CXN   . POH G 3 .  ? -16.097 -12.776 -0.649  0.50 23.95 ? 27 POH A CXN   1 
HETATM 524 C C3A   . POH G 3 .  ? -12.384 -17.279 -2.973  0.50 17.38 ? 27 POH A C3A   1 
HETATM 525 C C4A   . POH G 3 .  ? -11.264 -16.743 -2.364  0.50 19.86 ? 27 POH A C4A   1 
HETATM 526 C C1A   . POH G 3 .  ? -10.583 -18.512 -3.462  0.50 19.49 ? 27 POH A C1A   1 
HETATM 527 C CXD   . POH G 3 .  ? -13.096 -14.272 -2.226  0.50 25.05 ? 27 POH A CXD   1 
HETATM 528 N NXT   . POH G 3 .  ? -14.841 -13.516 -0.819  0.50 24.43 ? 27 POH A NXT   1 
HETATM 529 N NA    . POH G 3 .  ? -10.195 -17.496 -2.676  0.50 20.88 ? 27 POH A NA    1 
HETATM 530 N NB    . POH G 3 .  ? -8.743  -15.511 -0.660  0.50 21.93 ? 27 POH A NB    1 
HETATM 531 N NC    . POH G 3 .  ? -6.047  -16.815 -1.103  0.50 19.64 ? 27 POH A NC    1 
HETATM 532 N ND    . POH G 3 .  ? -7.334  -18.798 -2.895  0.50 19.32 ? 27 POH A ND    1 
HETATM 533 C CHB   . POH G 3 .  ? -11.180 -15.617 -1.357  0.50 21.73 ? 27 POH A CHB   1 
HETATM 534 C C1B   . POH G 3 .  ? -10.007 -15.075 -0.619  0.50 21.12 ? 27 POH A C1B   1 
HETATM 535 C CX4   . POH G 3 .  ? -5.170  -13.119 3.480   0.50 22.31 ? 27 POH A CX4   1 
HETATM 536 C C2B   . POH G 3 .  ? -10.078 -13.985 0.242   0.50 20.32 ? 27 POH A C2B   1 
HETATM 537 C C72   . POH G 3 .  ? -5.869  -13.888 1.333   0.50 22.04 ? 27 POH A C72   1 
HETATM 538 C C82   . POH G 3 .  ? -5.095  -12.870 0.754   0.50 21.82 ? 27 POH A C82   1 
HETATM 539 C C92   . POH G 3 .  ? -4.385  -12.001 1.565   0.50 20.97 ? 27 POH A C92   1 
HETATM 540 C CXO   . POH G 3 .  ? -3.703  -11.207 3.745   0.50 21.34 ? 27 POH A CXO   1 
HETATM 541 C C3B   . POH G 3 .  ? -8.831  -13.777 0.735   0.50 20.59 ? 27 POH A C3B   1 
HETATM 542 C C4B   . POH G 3 .  ? -8.016  -14.738 0.162   0.50 21.83 ? 27 POH A C4B   1 
HETATM 543 C CXE   . POH G 3 .  ? -5.900  -14.032 2.709   0.50 20.68 ? 27 POH A CXE   1 
HETATM 544 N NXU   . POH G 3 .  ? -4.440  -12.144 2.898   0.50 22.91 ? 27 POH A NXU   1 
HETATM 545 C CHC   . POH G 3 .  ? -6.564  -14.853 0.432   0.50 20.43 ? 27 POH A CHC   1 
HETATM 546 C C1C   . POH G 3 .  ? -5.690  -15.835 -0.246  0.50 20.24 ? 27 POH A C1C   1 
HETATM 547 C CX5   . POH G 3 .  ? -1.883  -20.645 -2.212  0.50 18.91 ? 27 POH A CX5   1 
HETATM 548 C C2C   . POH G 3 .  ? -4.305  -15.841 -0.121  0.50 19.12 ? 27 POH A C2C   1 
HETATM 549 C C73   . POH G 3 .  ? -3.594  -19.154 -2.855  0.50 19.43 ? 27 POH A C73   1 
HETATM 550 C C83   . POH G 3 .  ? -2.939  -18.943 -4.072  0.50 20.39 ? 27 POH A C83   1 
HETATM 551 C C93   . POH G 3 .  ? -1.746  -19.612 -4.308  0.50 21.23 ? 27 POH A C93   1 
HETATM 552 C CXP   . POH G 3 .  ? 0.025   -21.069 -3.677  0.50 22.38 ? 27 POH A CXP   1 
HETATM 553 C C3C   . POH G 3 .  ? -3.816  -16.830 -0.928  0.50 18.84 ? 27 POH A C3C   1 
HETATM 554 C C4C   . POH G 3 .  ? -4.928  -17.413 -1.522  0.50 18.79 ? 27 POH A C4C   1 
HETATM 555 C CXF   . POH G 3 .  ? -3.090  -20.036 -1.924  0.50 20.64 ? 27 POH A CXF   1 
HETATM 556 N NXV   . POH G 3 .  ? -1.256  -20.427 -3.377  0.50 20.92 ? 27 POH A NXV   1 
HETATM 557 C CHD   . POH G 3 .  ? -4.859  -18.508 -2.489  0.50 20.19 ? 27 POH A CHD   1 
HETATM 558 C C1D   . POH G 3 .  ? -6.067  -19.155 -3.069  0.50 19.41 ? 27 POH A C1D   1 
HETATM 559 C CX6   . POH G 3 .  ? -10.941 -21.052 -7.027  0.50 19.91 ? 27 POH A CX6   1 
HETATM 560 C C2D   . POH G 3 .  ? -5.986  -20.238 -3.940  0.50 19.96 ? 27 POH A C2D   1 
HETATM 561 C C74   . POH G 3 .  ? -10.154 -20.525 -4.804  0.50 19.74 ? 27 POH A C74   1 
HETATM 562 C C84   . POH G 3 .  ? -10.460 -21.827 -4.416  0.50 18.56 ? 27 POH A C84   1 
HETATM 563 C C94   . POH G 3 .  ? -10.986 -22.691 -5.364  0.50 17.88 ? 27 POH A C94   1 
HETATM 564 C CXQ   . POH G 3 .  ? -11.786 -23.260 -7.576  0.50 19.12 ? 27 POH A CXQ   1 
HETATM 565 C C3D   . POH G 3 .  ? -7.258  -20.522 -4.333  0.50 18.77 ? 27 POH A C3D   1 
HETATM 566 C C4D   . POH G 3 .  ? -8.080  -19.623 -3.665  0.50 20.04 ? 27 POH A C4D   1 
HETATM 567 C CXG   . POH G 3 .  ? -10.391 -20.133 -6.126  0.50 18.72 ? 27 POH A CXG   1 
HETATM 568 C CHA   . POH G 3 .  ? -9.559  -19.522 -3.866  0.50 18.70 ? 27 POH A CHA   1 
HETATM 569 N NXW   . POH G 3 .  ? -11.204 -22.306 -6.628  0.50 19.50 ? 27 POH A NXW   1 
HETATM 570 O O     . HOH H 4 .  ? -8.134  -2.724  4.682   1.00 21.34 ? 34 HOH A O     1 
HETATM 571 O O     . HOH H 4 .  ? -2.095  7.014   8.922   1.00 24.09 ? 35 HOH A O     1 
HETATM 572 O O     . HOH H 4 .  ? -7.659  -5.051  3.834   1.00 32.72 ? 37 HOH A O     1 
HETATM 573 O O     . HOH H 4 .  ? -6.618  -4.036  1.994   1.00 26.17 ? 38 HOH A O     1 
HETATM 574 O O     . HOH H 4 .  ? -5.925  -4.228  -0.678  1.00 26.12 ? 39 HOH A O     1 
HETATM 575 O O     . HOH H 4 .  ? -9.458  -2.224  12.079  1.00 37.75 ? 40 HOH A O     1 
HETATM 576 O O     . HOH H 4 .  ? -2.447  -10.013 6.637   1.00 33.97 ? 43 HOH A O     1 
HETATM 577 O O     . HOH H 4 .  ? -1.618  3.378   8.952   1.00 27.67 ? 48 HOH A O     1 
HETATM 578 O O     . HOH H 4 .  ? -7.530  -10.730 3.169   1.00 37.01 ? 50 HOH A O     1 
HETATM 579 O O     . HOH H 4 .  ? -1.473  -14.632 2.183   1.00 40.28 ? 51 HOH A O     1 
HETATM 580 O O     . HOH H 4 .  ? -1.717  -0.565  8.314   1.00 29.06 ? 54 HOH A O     1 
HETATM 581 O O     . HOH H 4 .  ? 9.462   2.214   0.636   1.00 38.11 ? 56 HOH A O     1 
HETATM 582 O O     . HOH H 4 .  ? -5.644  -6.520  -5.740  1.00 30.66 ? 59 HOH A O     1 
HETATM 583 O O     . HOH H 4 .  ? -1.094  -5.859  -3.147  1.00 25.77 ? 60 HOH A O     1 
HETATM 584 O O     . HOH H 4 .  ? 7.815   6.866   -1.412  1.00 28.12 ? 61 HOH A O     1 
HETATM 585 O O     . HOH H 4 .  ? -2.305  -3.199  -6.298  1.00 36.53 ? 62 HOH A O     1 
HETATM 586 O O     . HOH H 4 .  ? -10.603 -14.779 -5.827  1.00 32.29 ? 64 HOH A O     1 
HETATM 587 O O     . HOH H 4 .  ? 12.236  4.226   -4.259  1.00 35.59 ? 65 HOH A O     1 
HETATM 588 O O     . HOH H 4 .  ? -4.149  -3.709  -3.663  1.00 29.31 ? 67 HOH A O     1 
HETATM 589 O O     . HOH H 4 .  ? -10.383 0.933   -5.655  0.50 28.97 ? 69 HOH A O     1 
HETATM 590 O O     . HOH H 4 .  ? -12.638 -16.173 -6.397  1.00 35.99 ? 70 HOH A O     1 
HETATM 591 O O     . HOH H 4 .  ? 0.655   -14.652 -5.729  1.00 37.11 ? 71 HOH A O     1 
HETATM 592 O O     . HOH H 4 .  ? 9.354   -1.453  4.435   1.00 41.65 ? 72 HOH A O     1 
HETATM 593 O O     . HOH H 4 .  ? -12.048 -10.951 1.511   1.00 44.09 ? 75 HOH A O     1 
HETATM 594 O O     . HOH H 4 .  ? -10.576 -13.165 -7.378  1.00 42.51 ? 76 HOH A O     1 
HETATM 595 O O     . HOH I 4 .  ? -2.388  12.069  -1.699  1.00 20.14 ? 32 HOH B O     1 
HETATM 596 O O     . HOH I 4 .  ? -8.142  2.434   -6.117  1.00 20.29 ? 33 HOH B O     1 
HETATM 597 O O     . HOH I 4 .  ? 2.145   -1.027  -5.716  1.00 26.04 ? 36 HOH B O     1 
HETATM 598 O O     . HOH I 4 .  ? -4.164  12.545  -3.946  1.00 22.55 ? 41 HOH B O     1 
HETATM 599 O O     . HOH I 4 .  ? 6.943   14.157  6.313   1.00 42.53 ? 42 HOH B O     1 
HETATM 600 O O     . HOH I 4 .  ? 7.140   5.339   1.830   1.00 31.59 ? 44 HOH B O     1 
HETATM 601 O O     . HOH I 4 .  ? -0.118  -5.355  5.524   0.50 21.13 ? 45 HOH B O     1 
HETATM 602 O O     . HOH I 4 .  ? 6.932   -8.178  3.387   1.00 27.17 ? 46 HOH B O     1 
HETATM 603 O O     . HOH I 4 .  ? -4.872  3.971   -6.974  1.00 34.73 ? 47 HOH B O     1 
HETATM 604 O O     . HOH I 4 .  ? 5.758   5.208   6.002   1.00 30.30 ? 49 HOH B O     1 
HETATM 605 O O     . HOH I 4 .  ? 2.943   -1.538  -7.867  1.00 43.28 ? 52 HOH B O     1 
HETATM 606 O O     . HOH I 4 .  ? 9.595   21.220  11.671  1.00 30.91 ? 53 HOH B O     1 
HETATM 607 O O     . HOH I 4 .  ? 7.207   1.965   5.273   1.00 36.60 ? 55 HOH B O     1 
HETATM 608 O O     . HOH I 4 .  ? 3.337   7.646   -5.717  1.00 34.74 ? 57 HOH B O     1 
HETATM 609 O O     . HOH I 4 .  ? -0.549  6.229   -7.159  1.00 42.29 ? 58 HOH B O     1 
HETATM 610 O O     . HOH I 4 .  ? -2.555  9.749   9.387   0.50 35.24 ? 63 HOH B O     1 
HETATM 611 O O     . HOH I 4 .  ? -0.620  14.002  -2.384  1.00 34.95 ? 66 HOH B O     1 
HETATM 612 O O     . HOH I 4 .  ? -1.036  5.213   10.761  1.00 33.01 ? 68 HOH B O     1 
HETATM 613 O O     . HOH I 4 .  ? 5.672   13.920  0.103   1.00 43.79 ? 73 HOH B O     1 
HETATM 614 O O     . HOH I 4 .  ? 3.248   15.179  -0.776  1.00 34.57 ? 74 HOH B O     1 
HETATM 615 O O     . HOH I 4 .  ? -6.567  5.521   -9.765  1.00 37.29 ? 77 HOH B O     1 
# 
loop_
_pdbx_poly_seq_scheme.asym_id 
_pdbx_poly_seq_scheme.entity_id 
_pdbx_poly_seq_scheme.seq_id 
_pdbx_poly_seq_scheme.mon_id 
_pdbx_poly_seq_scheme.ndb_seq_num 
_pdbx_poly_seq_scheme.pdb_seq_num 
_pdbx_poly_seq_scheme.auth_seq_num 
_pdbx_poly_seq_scheme.pdb_mon_id 
_pdbx_poly_seq_scheme.auth_mon_id 
_pdbx_poly_seq_scheme.pdb_strand_id 
_pdbx_poly_seq_scheme.pdb_ins_code 
_pdbx_poly_seq_scheme.hetero 
A 1 1  DT 1  1  1  DT T A . n 
A 1 2  DA 2  2  2  DA A A . n 
A 1 3  DG 3  3  3  DG G A . n 
A 1 4  DG 4  4  4  DG G A . n 
A 1 5  DG 5  5  5  DG G A . n 
A 1 6  DT 6  6  6  DT T A . n 
A 1 7  DT 7  7  7  DT T A . n 
A 1 8  DA 8  8  8  DA A A . n 
A 1 9  DG 9  9  9  DG G A . n 
A 1 10 DG 10 10 10 DG G A . n 
A 1 11 DG 11 11 11 DG G A . n 
B 1 1  DT 1  12 12 DT T B . n 
B 1 2  DA 2  13 13 DA A B . n 
B 1 3  DG 3  14 14 DG G B . n 
B 1 4  DG 4  15 15 DG G B . n 
B 1 5  DG 5  16 16 DG G B . n 
B 1 6  DT 6  17 17 DT T B . n 
B 1 7  DT 7  18 18 DT T B . n 
B 1 8  DA 8  19 19 DA A B . n 
B 1 9  DG 9  20 20 DG G B . n 
B 1 10 DG 10 21 21 DG G B . n 
B 1 11 DG 11 22 22 DG G B . n 
# 
loop_
_pdbx_nonpoly_scheme.asym_id 
_pdbx_nonpoly_scheme.entity_id 
_pdbx_nonpoly_scheme.mon_id 
_pdbx_nonpoly_scheme.ndb_seq_num 
_pdbx_nonpoly_scheme.pdb_seq_num 
_pdbx_nonpoly_scheme.auth_seq_num 
_pdbx_nonpoly_scheme.pdb_mon_id 
_pdbx_nonpoly_scheme.auth_mon_id 
_pdbx_nonpoly_scheme.pdb_strand_id 
_pdbx_nonpoly_scheme.pdb_ins_code 
C 2 K   1  23 23 K   K   A . 
D 2 K   1  24 24 K   K   A . 
E 2 K   1  25 25 K   K   A . 
F 3 POH 1  26 26 POH POH A . 
G 3 POH 1  27 27 POH POH A . 
H 4 HOH 1  34 34 HOH HOH A . 
H 4 HOH 2  35 35 HOH HOH A . 
H 4 HOH 3  37 37 HOH HOH A . 
H 4 HOH 4  38 38 HOH HOH A . 
H 4 HOH 5  39 39 HOH HOH A . 
H 4 HOH 6  40 40 HOH HOH A . 
H 4 HOH 7  43 43 HOH HOH A . 
H 4 HOH 8  48 48 HOH HOH A . 
H 4 HOH 9  50 50 HOH HOH A . 
H 4 HOH 10 51 51 HOH HOH A . 
H 4 HOH 11 54 54 HOH HOH A . 
H 4 HOH 12 56 56 HOH HOH A . 
H 4 HOH 13 59 59 HOH HOH A . 
H 4 HOH 14 60 60 HOH HOH A . 
H 4 HOH 15 61 61 HOH HOH A . 
H 4 HOH 16 62 62 HOH HOH A . 
H 4 HOH 17 64 64 HOH HOH A . 
H 4 HOH 18 65 65 HOH HOH A . 
H 4 HOH 19 67 67 HOH HOH A . 
H 4 HOH 20 69 69 HOH HOH A . 
H 4 HOH 21 70 70 HOH HOH A . 
H 4 HOH 22 71 71 HOH HOH A . 
H 4 HOH 23 72 72 HOH HOH A . 
H 4 HOH 24 75 75 HOH HOH A . 
H 4 HOH 25 76 76 HOH HOH A . 
I 4 HOH 1  32 32 HOH HOH B . 
I 4 HOH 2  33 33 HOH HOH B . 
I 4 HOH 3  36 36 HOH HOH B . 
I 4 HOH 4  41 41 HOH HOH B . 
I 4 HOH 5  42 42 HOH HOH B . 
I 4 HOH 6  44 44 HOH HOH B . 
I 4 HOH 7  45 45 HOH HOH B . 
I 4 HOH 8  46 46 HOH HOH B . 
I 4 HOH 9  47 47 HOH HOH B . 
I 4 HOH 10 49 49 HOH HOH B . 
I 4 HOH 11 52 52 HOH HOH B . 
I 4 HOH 12 53 53 HOH HOH B . 
I 4 HOH 13 55 55 HOH HOH B . 
I 4 HOH 14 57 57 HOH HOH B . 
I 4 HOH 15 58 58 HOH HOH B . 
I 4 HOH 16 63 63 HOH HOH B . 
I 4 HOH 17 66 66 HOH HOH B . 
I 4 HOH 18 68 68 HOH HOH B . 
I 4 HOH 19 73 73 HOH HOH B . 
I 4 HOH 20 74 74 HOH HOH B . 
I 4 HOH 21 77 77 HOH HOH B . 
# 
_pdbx_struct_assembly.id                   1 
_pdbx_struct_assembly.details              author_defined_assembly 
_pdbx_struct_assembly.method_details       ? 
_pdbx_struct_assembly.oligomeric_details   dimeric 
_pdbx_struct_assembly.oligomeric_count     2 
# 
_pdbx_struct_assembly_gen.assembly_id       1 
_pdbx_struct_assembly_gen.oper_expression   1 
_pdbx_struct_assembly_gen.asym_id_list      A,B,C,D,E,F,G,H,I 
# 
_pdbx_struct_oper_list.id                   1 
_pdbx_struct_oper_list.type                 'identity operation' 
_pdbx_struct_oper_list.name                 1_555 
_pdbx_struct_oper_list.symmetry_operation   x,y,z 
_pdbx_struct_oper_list.matrix[1][1]         1.0000000000 
_pdbx_struct_oper_list.matrix[1][2]         0.0000000000 
_pdbx_struct_oper_list.matrix[1][3]         0.0000000000 
_pdbx_struct_oper_list.vector[1]            0.0000000000 
_pdbx_struct_oper_list.matrix[2][1]         0.0000000000 
_pdbx_struct_oper_list.matrix[2][2]         1.0000000000 
_pdbx_struct_oper_list.matrix[2][3]         0.0000000000 
_pdbx_struct_oper_list.vector[2]            0.0000000000 
_pdbx_struct_oper_list.matrix[3][1]         0.0000000000 
_pdbx_struct_oper_list.matrix[3][2]         0.0000000000 
_pdbx_struct_oper_list.matrix[3][3]         1.0000000000 
_pdbx_struct_oper_list.vector[3]            0.0000000000 
# 
loop_
_pdbx_struct_special_symmetry.id 
_pdbx_struct_special_symmetry.PDB_model_num 
_pdbx_struct_special_symmetry.auth_asym_id 
_pdbx_struct_special_symmetry.auth_comp_id 
_pdbx_struct_special_symmetry.auth_seq_id 
_pdbx_struct_special_symmetry.PDB_ins_code 
_pdbx_struct_special_symmetry.label_asym_id 
_pdbx_struct_special_symmetry.label_comp_id 
_pdbx_struct_special_symmetry.label_seq_id 
1 1 A K   24 ? D K   . 
2 1 A POH 26 ? F POH . 
3 1 A POH 26 ? F POH . 
4 1 A HOH 69 ? H HOH . 
5 1 B HOH 63 ? I HOH . 
# 
loop_
_pdbx_struct_conn_angle.id 
_pdbx_struct_conn_angle.ptnr1_label_atom_id 
_pdbx_struct_conn_angle.ptnr1_label_alt_id 
_pdbx_struct_conn_angle.ptnr1_label_asym_id 
_pdbx_struct_conn_angle.ptnr1_label_comp_id 
_pdbx_struct_conn_angle.ptnr1_label_seq_id 
_pdbx_struct_conn_angle.ptnr1_auth_atom_id 
_pdbx_struct_conn_angle.ptnr1_auth_asym_id 
_pdbx_struct_conn_angle.ptnr1_auth_comp_id 
_pdbx_struct_conn_angle.ptnr1_auth_seq_id 
_pdbx_struct_conn_angle.ptnr1_PDB_ins_code 
_pdbx_struct_conn_angle.ptnr1_symmetry 
_pdbx_struct_conn_angle.ptnr2_label_atom_id 
_pdbx_struct_conn_angle.ptnr2_label_alt_id 
_pdbx_struct_conn_angle.ptnr2_label_asym_id 
_pdbx_struct_conn_angle.ptnr2_label_comp_id 
_pdbx_struct_conn_angle.ptnr2_label_seq_id 
_pdbx_struct_conn_angle.ptnr2_auth_atom_id 
_pdbx_struct_conn_angle.ptnr2_auth_asym_id 
_pdbx_struct_conn_angle.ptnr2_auth_comp_id 
_pdbx_struct_conn_angle.ptnr2_auth_seq_id 
_pdbx_struct_conn_angle.ptnr2_PDB_ins_code 
_pdbx_struct_conn_angle.ptnr2_symmetry 
_pdbx_struct_conn_angle.ptnr3_label_atom_id 
_pdbx_struct_conn_angle.ptnr3_label_alt_id 
_pdbx_struct_conn_angle.ptnr3_label_asym_id 
_pdbx_struct_conn_angle.ptnr3_label_comp_id 
_pdbx_struct_conn_angle.ptnr3_label_seq_id 
_pdbx_struct_conn_angle.ptnr3_auth_atom_id 
_pdbx_struct_conn_angle.ptnr3_auth_asym_id 
_pdbx_struct_conn_angle.ptnr3_auth_comp_id 
_pdbx_struct_conn_angle.ptnr3_auth_seq_id 
_pdbx_struct_conn_angle.ptnr3_PDB_ins_code 
_pdbx_struct_conn_angle.ptnr3_symmetry 
_pdbx_struct_conn_angle.value 
_pdbx_struct_conn_angle.value_esd 
1   O6 ? A DG 3  ? A DG 3  ? 1_555 K ? E K . ? A K 25 ? 1_555 O6 ? A DG 4  ? A DG 4  ? 1_555 75.8  ? 
2   O6 ? A DG 3  ? A DG 3  ? 1_555 K ? E K . ? A K 25 ? 1_555 O6 ? A DG 9  ? A DG 9  ? 1_555 74.5  ? 
3   O6 ? A DG 4  ? A DG 4  ? 1_555 K ? E K . ? A K 25 ? 1_555 O6 ? A DG 9  ? A DG 9  ? 1_555 98.8  ? 
4   O6 ? A DG 3  ? A DG 3  ? 1_555 K ? E K . ? A K 25 ? 1_555 O6 ? A DG 10 ? A DG 10 ? 1_555 130.4 ? 
5   O6 ? A DG 4  ? A DG 4  ? 1_555 K ? E K . ? A K 25 ? 1_555 O6 ? A DG 10 ? A DG 10 ? 1_555 67.5  ? 
6   O6 ? A DG 9  ? A DG 9  ? 1_555 K ? E K . ? A K 25 ? 1_555 O6 ? A DG 10 ? A DG 10 ? 1_555 79.3  ? 
7   O6 ? A DG 3  ? A DG 3  ? 1_555 K ? E K . ? A K 25 ? 1_555 N6 ? B DA 2  ? B DA 13 ? 1_555 65.3  ? 
8   O6 ? A DG 4  ? A DG 4  ? 1_555 K ? E K . ? A K 25 ? 1_555 N6 ? B DA 2  ? B DA 13 ? 1_555 138.8 ? 
9   O6 ? A DG 9  ? A DG 9  ? 1_555 K ? E K . ? A K 25 ? 1_555 N6 ? B DA 2  ? B DA 13 ? 1_555 59.2  ? 
10  O6 ? A DG 10 ? A DG 10 ? 1_555 K ? E K . ? A K 25 ? 1_555 N6 ? B DA 2  ? B DA 13 ? 1_555 130.7 ? 
11  O6 ? A DG 3  ? A DG 3  ? 1_555 K ? E K . ? A K 25 ? 1_555 O6 ? B DG 3  ? B DG 14 ? 1_555 122.5 ? 
12  O6 ? A DG 4  ? A DG 4  ? 1_555 K ? E K . ? A K 25 ? 1_555 O6 ? B DG 3  ? B DG 14 ? 1_555 156.6 ? 
13  O6 ? A DG 9  ? A DG 9  ? 1_555 K ? E K . ? A K 25 ? 1_555 O6 ? B DG 3  ? B DG 14 ? 1_555 75.1  ? 
14  O6 ? A DG 10 ? A DG 10 ? 1_555 K ? E K . ? A K 25 ? 1_555 O6 ? B DG 3  ? B DG 14 ? 1_555 89.1  ? 
15  N6 ? B DA 2  ? B DA 13 ? 1_555 K ? E K . ? A K 25 ? 1_555 O6 ? B DG 3  ? B DG 14 ? 1_555 57.3  ? 
16  O6 ? A DG 3  ? A DG 3  ? 1_555 K ? E K . ? A K 25 ? 1_555 O6 ? B DG 4  ? B DG 15 ? 1_555 154.4 ? 
17  O6 ? A DG 4  ? A DG 4  ? 1_555 K ? E K . ? A K 25 ? 1_555 O6 ? B DG 4  ? B DG 15 ? 1_555 99.5  ? 
18  O6 ? A DG 9  ? A DG 9  ? 1_555 K ? E K . ? A K 25 ? 1_555 O6 ? B DG 4  ? B DG 15 ? 1_555 130.9 ? 
19  O6 ? A DG 10 ? A DG 10 ? 1_555 K ? E K . ? A K 25 ? 1_555 O6 ? B DG 4  ? B DG 15 ? 1_555 66.7  ? 
20  N6 ? B DA 2  ? B DA 13 ? 1_555 K ? E K . ? A K 25 ? 1_555 O6 ? B DG 4  ? B DG 15 ? 1_555 121.4 ? 
21  O6 ? B DG 3  ? B DG 14 ? 1_555 K ? E K . ? A K 25 ? 1_555 O6 ? B DG 4  ? B DG 15 ? 1_555 70.2  ? 
22  O6 ? A DG 3  ? A DG 3  ? 1_555 K ? E K . ? A K 25 ? 1_555 O6 ? B DG 9  ? B DG 20 ? 1_555 75.0  ? 
23  O6 ? A DG 4  ? A DG 4  ? 1_555 K ? E K . ? A K 25 ? 1_555 O6 ? B DG 9  ? B DG 20 ? 1_555 125.9 ? 
24  O6 ? A DG 9  ? A DG 9  ? 1_555 K ? E K . ? A K 25 ? 1_555 O6 ? B DG 9  ? B DG 20 ? 1_555 115.6 ? 
25  O6 ? A DG 10 ? A DG 10 ? 1_555 K ? E K . ? A K 25 ? 1_555 O6 ? B DG 9  ? B DG 20 ? 1_555 154.5 ? 
26  N6 ? B DA 2  ? B DA 13 ? 1_555 K ? E K . ? A K 25 ? 1_555 O6 ? B DG 9  ? B DG 20 ? 1_555 56.7  ? 
27  O6 ? B DG 3  ? B DG 14 ? 1_555 K ? E K . ? A K 25 ? 1_555 O6 ? B DG 9  ? B DG 20 ? 1_555 76.0  ? 
28  O6 ? B DG 4  ? B DG 15 ? 1_555 K ? E K . ? A K 25 ? 1_555 O6 ? B DG 9  ? B DG 20 ? 1_555 88.5  ? 
29  O6 ? A DG 3  ? A DG 3  ? 1_555 K ? E K . ? A K 25 ? 1_555 O6 ? B DG 10 ? B DG 21 ? 1_555 92.3  ? 
30  O6 ? A DG 4  ? A DG 4  ? 1_555 K ? E K . ? A K 25 ? 1_555 O6 ? B DG 10 ? B DG 21 ? 1_555 63.9  ? 
31  O6 ? A DG 9  ? A DG 9  ? 1_555 K ? E K . ? A K 25 ? 1_555 O6 ? B DG 10 ? B DG 21 ? 1_555 160.8 ? 
32  O6 ? A DG 10 ? A DG 10 ? 1_555 K ? E K . ? A K 25 ? 1_555 O6 ? B DG 10 ? B DG 21 ? 1_555 99.9  ? 
33  N6 ? B DA 2  ? B DA 13 ? 1_555 K ? E K . ? A K 25 ? 1_555 O6 ? B DG 10 ? B DG 21 ? 1_555 128.1 ? 
34  O6 ? B DG 3  ? B DG 14 ? 1_555 K ? E K . ? A K 25 ? 1_555 O6 ? B DG 10 ? B DG 21 ? 1_555 124.1 ? 
35  O6 ? B DG 4  ? B DG 15 ? 1_555 K ? E K . ? A K 25 ? 1_555 O6 ? B DG 10 ? B DG 21 ? 1_555 63.8  ? 
36  O6 ? B DG 9  ? B DG 20 ? 1_555 K ? E K . ? A K 25 ? 1_555 O6 ? B DG 10 ? B DG 21 ? 1_555 72.9  ? 
37  O6 ? A DG 4  ? A DG 4  ? 1_555 K ? C K . ? A K 23 ? 1_555 O6 ? A DG 5  ? A DG 5  ? 1_555 79.7  ? 
38  O6 ? A DG 4  ? A DG 4  ? 1_555 K ? C K . ? A K 23 ? 1_555 O6 ? A DG 10 ? A DG 10 ? 1_555 70.9  ? 
39  O6 ? A DG 5  ? A DG 5  ? 1_555 K ? C K . ? A K 23 ? 1_555 O6 ? A DG 10 ? A DG 10 ? 1_555 91.3  ? 
40  O6 ? A DG 4  ? A DG 4  ? 1_555 K ? C K . ? A K 23 ? 1_555 O6 ? A DG 11 ? A DG 11 ? 1_555 132.9 ? 
41  O6 ? A DG 5  ? A DG 5  ? 1_555 K ? C K . ? A K 23 ? 1_555 O6 ? A DG 11 ? A DG 11 ? 1_555 67.8  ? 
42  O6 ? A DG 10 ? A DG 10 ? 1_555 K ? C K . ? A K 23 ? 1_555 O6 ? A DG 11 ? A DG 11 ? 1_555 76.6  ? 
43  O6 ? A DG 4  ? A DG 4  ? 1_555 K ? C K . ? A K 23 ? 1_555 K  ? D K  .  ? A K  24 ? 1_555 125.9 ? 
44  O6 ? A DG 5  ? A DG 5  ? 1_555 K ? C K . ? A K 23 ? 1_555 K  ? D K  .  ? A K  24 ? 1_555 52.4  ? 
45  O6 ? A DG 10 ? A DG 10 ? 1_555 K ? C K . ? A K 23 ? 1_555 K  ? D K  .  ? A K  24 ? 1_555 126.0 ? 
46  O6 ? A DG 11 ? A DG 11 ? 1_555 K ? C K . ? A K 23 ? 1_555 K  ? D K  .  ? A K  24 ? 1_555 54.5  ? 
47  O6 ? A DG 4  ? A DG 4  ? 1_555 K ? C K . ? A K 23 ? 1_555 K  ? D K  .  ? A K  24 ? 3_554 126.1 ? 
48  O6 ? A DG 5  ? A DG 5  ? 1_555 K ? C K . ? A K 23 ? 1_555 K  ? D K  .  ? A K  24 ? 3_554 51.7  ? 
49  O6 ? A DG 10 ? A DG 10 ? 1_555 K ? C K . ? A K 23 ? 1_555 K  ? D K  .  ? A K  24 ? 3_554 124.2 ? 
50  O6 ? A DG 11 ? A DG 11 ? 1_555 K ? C K . ? A K 23 ? 1_555 K  ? D K  .  ? A K  24 ? 3_554 52.8  ? 
51  K  ? D K  .  ? A K  24 ? 1_555 K ? C K . ? A K 23 ? 1_555 K  ? D K  .  ? A K  24 ? 3_554 1.8   ? 
52  O6 ? A DG 4  ? A DG 4  ? 1_555 K ? C K . ? A K 23 ? 1_555 K  ? E K  .  ? A K  25 ? 1_555 54.7  ? 
53  O6 ? A DG 5  ? A DG 5  ? 1_555 K ? C K . ? A K 23 ? 1_555 K  ? E K  .  ? A K  25 ? 1_555 127.3 ? 
54  O6 ? A DG 10 ? A DG 10 ? 1_555 K ? C K . ? A K 23 ? 1_555 K  ? E K  .  ? A K  25 ? 1_555 52.5  ? 
55  O6 ? A DG 11 ? A DG 11 ? 1_555 K ? C K . ? A K 23 ? 1_555 K  ? E K  .  ? A K  25 ? 1_555 123.9 ? 
56  K  ? D K  .  ? A K  24 ? 1_555 K ? C K . ? A K 23 ? 1_555 K  ? E K  .  ? A K  25 ? 1_555 178.3 ? 
57  K  ? D K  .  ? A K  24 ? 3_554 K ? C K . ? A K 23 ? 1_555 K  ? E K  .  ? A K  25 ? 1_555 176.6 ? 
58  O6 ? A DG 4  ? A DG 4  ? 1_555 K ? C K . ? A K 23 ? 1_555 O6 ? B DG 4  ? B DG 15 ? 1_555 109.4 ? 
59  O6 ? A DG 5  ? A DG 5  ? 1_555 K ? C K . ? A K 23 ? 1_555 O6 ? B DG 4  ? B DG 15 ? 1_555 155.2 ? 
60  O6 ? A DG 10 ? A DG 10 ? 1_555 K ? C K . ? A K 23 ? 1_555 O6 ? B DG 4  ? B DG 15 ? 1_555 71.2  ? 
61  O6 ? A DG 11 ? A DG 11 ? 1_555 K ? C K . ? A K 23 ? 1_555 O6 ? B DG 4  ? B DG 15 ? 1_555 90.6  ? 
62  K  ? D K  .  ? A K  24 ? 1_555 K ? C K . ? A K 23 ? 1_555 O6 ? B DG 4  ? B DG 15 ? 1_555 124.7 ? 
63  K  ? D K  .  ? A K  24 ? 3_554 K ? C K . ? A K 23 ? 1_555 O6 ? B DG 4  ? B DG 15 ? 1_555 124.5 ? 
64  K  ? E K  .  ? A K  25 ? 1_555 K ? C K . ? A K 23 ? 1_555 O6 ? B DG 4  ? B DG 15 ? 1_555 54.8  ? 
65  O6 ? A DG 4  ? A DG 4  ? 1_555 K ? C K . ? A K 23 ? 1_555 O6 ? B DG 5  ? B DG 16 ? 1_555 157.1 ? 
66  O6 ? A DG 5  ? A DG 5  ? 1_555 K ? C K . ? A K 23 ? 1_555 O6 ? B DG 5  ? B DG 16 ? 1_555 105.4 ? 
67  O6 ? A DG 10 ? A DG 10 ? 1_555 K ? C K . ? A K 23 ? 1_555 O6 ? B DG 5  ? B DG 16 ? 1_555 130.2 ? 
68  O6 ? A DG 11 ? A DG 11 ? 1_555 K ? C K . ? A K 23 ? 1_555 O6 ? B DG 5  ? B DG 16 ? 1_555 67.8  ? 
69  K  ? D K  .  ? A K  24 ? 1_555 K ? C K . ? A K 23 ? 1_555 O6 ? B DG 5  ? B DG 16 ? 1_555 53.2  ? 
70  K  ? D K  .  ? A K  24 ? 3_554 K ? C K . ? A K 23 ? 1_555 O6 ? B DG 5  ? B DG 16 ? 1_555 53.8  ? 
71  K  ? E K  .  ? A K  25 ? 1_555 K ? C K . ? A K 23 ? 1_555 O6 ? B DG 5  ? B DG 16 ? 1_555 127.0 ? 
72  O6 ? B DG 4  ? B DG 15 ? 1_555 K ? C K . ? A K 23 ? 1_555 O6 ? B DG 5  ? B DG 16 ? 1_555 75.5  ? 
73  O6 ? A DG 4  ? A DG 4  ? 1_555 K ? C K . ? A K 23 ? 1_555 O6 ? B DG 10 ? B DG 21 ? 1_555 69.2  ? 
74  O6 ? A DG 5  ? A DG 5  ? 1_555 K ? C K . ? A K 23 ? 1_555 O6 ? B DG 10 ? B DG 21 ? 1_555 133.9 ? 
75  O6 ? A DG 10 ? A DG 10 ? 1_555 K ? C K . ? A K 23 ? 1_555 O6 ? B DG 10 ? B DG 21 ? 1_555 108.7 ? 
76  O6 ? A DG 11 ? A DG 11 ? 1_555 K ? C K . ? A K 23 ? 1_555 O6 ? B DG 10 ? B DG 21 ? 1_555 155.9 ? 
77  K  ? D K  .  ? A K  24 ? 1_555 K ? C K . ? A K 23 ? 1_555 O6 ? B DG 10 ? B DG 21 ? 1_555 125.3 ? 
78  K  ? D K  .  ? A K  24 ? 3_554 K ? C K . ? A K 23 ? 1_555 O6 ? B DG 10 ? B DG 21 ? 1_555 127.1 ? 
79  K  ? E K  .  ? A K  25 ? 1_555 K ? C K . ? A K 23 ? 1_555 O6 ? B DG 10 ? B DG 21 ? 1_555 56.2  ? 
80  O6 ? B DG 4  ? B DG 15 ? 1_555 K ? C K . ? A K 23 ? 1_555 O6 ? B DG 10 ? B DG 21 ? 1_555 70.0  ? 
81  O6 ? B DG 5  ? B DG 16 ? 1_555 K ? C K . ? A K 23 ? 1_555 O6 ? B DG 10 ? B DG 21 ? 1_555 92.8  ? 
82  O6 ? A DG 4  ? A DG 4  ? 1_555 K ? C K . ? A K 23 ? 1_555 O6 ? B DG 11 ? B DG 22 ? 1_555 90.7  ? 
83  O6 ? A DG 5  ? A DG 5  ? 1_555 K ? C K . ? A K 23 ? 1_555 O6 ? B DG 11 ? B DG 22 ? 1_555 71.2  ? 
84  O6 ? A DG 10 ? A DG 10 ? 1_555 K ? C K . ? A K 23 ? 1_555 O6 ? B DG 11 ? B DG 22 ? 1_555 157.0 ? 
85  O6 ? A DG 11 ? A DG 11 ? 1_555 K ? C K . ? A K 23 ? 1_555 O6 ? B DG 11 ? B DG 22 ? 1_555 108.8 ? 
86  K  ? D K  .  ? A K  24 ? 1_555 K ? C K . ? A K 23 ? 1_555 O6 ? B DG 11 ? B DG 22 ? 1_555 54.3  ? 
87  K  ? D K  .  ? A K  24 ? 3_554 K ? C K . ? A K 23 ? 1_555 O6 ? B DG 11 ? B DG 22 ? 1_555 55.9  ? 
88  K  ? E K  .  ? A K  25 ? 1_555 K ? C K . ? A K 23 ? 1_555 O6 ? B DG 11 ? B DG 22 ? 1_555 127.4 ? 
89  O6 ? B DG 4  ? B DG 15 ? 1_555 K ? C K . ? A K 23 ? 1_555 O6 ? B DG 11 ? B DG 22 ? 1_555 129.9 ? 
90  O6 ? B DG 5  ? B DG 16 ? 1_555 K ? C K . ? A K 23 ? 1_555 O6 ? B DG 11 ? B DG 22 ? 1_555 70.6  ? 
91  O6 ? B DG 10 ? B DG 21 ? 1_555 K ? C K . ? A K 23 ? 1_555 O6 ? B DG 11 ? B DG 22 ? 1_555 75.9  ? 
92  O6 ? A DG 5  ? A DG 5  ? 1_555 K ? D K . ? A K 24 ? 1_555 O6 ? A DG 5  ? A DG 5  ? 3_554 84.0  ? 
93  O6 ? A DG 5  ? A DG 5  ? 1_555 K ? D K . ? A K 24 ? 1_555 O6 ? A DG 11 ? A DG 11 ? 1_555 69.2  ? 
94  O6 ? A DG 5  ? A DG 5  ? 3_554 K ? D K . ? A K 24 ? 1_555 O6 ? A DG 11 ? A DG 11 ? 1_555 142.9 ? 
95  O6 ? A DG 5  ? A DG 5  ? 1_555 K ? D K . ? A K 24 ? 1_555 O6 ? A DG 11 ? A DG 11 ? 3_554 145.7 ? 
96  O6 ? A DG 5  ? A DG 5  ? 3_554 K ? D K . ? A K 24 ? 1_555 O6 ? A DG 11 ? A DG 11 ? 3_554 69.3  ? 
97  O6 ? A DG 11 ? A DG 11 ? 1_555 K ? D K . ? A K 24 ? 1_555 O6 ? A DG 11 ? A DG 11 ? 3_554 144.0 ? 
98  O6 ? A DG 5  ? A DG 5  ? 1_555 K ? D K . ? A K 24 ? 1_555 O6 ? B DG 5  ? B DG 16 ? 1_555 107.7 ? 
99  O6 ? A DG 5  ? A DG 5  ? 3_554 K ? D K . ? A K 24 ? 1_555 O6 ? B DG 5  ? B DG 16 ? 1_555 147.3 ? 
100 O6 ? A DG 11 ? A DG 11 ? 1_555 K ? D K . ? A K 24 ? 1_555 O6 ? B DG 5  ? B DG 16 ? 1_555 68.2  ? 
101 O6 ? A DG 11 ? A DG 11 ? 3_554 K ? D K . ? A K 24 ? 1_555 O6 ? B DG 5  ? B DG 16 ? 1_555 86.4  ? 
102 O6 ? A DG 5  ? A DG 5  ? 1_555 K ? D K . ? A K 24 ? 1_555 O6 ? B DG 5  ? B DG 16 ? 3_554 143.1 ? 
103 O6 ? A DG 5  ? A DG 5  ? 3_554 K ? D K . ? A K 24 ? 1_555 O6 ? B DG 5  ? B DG 16 ? 3_554 104.9 ? 
104 O6 ? A DG 11 ? A DG 11 ? 1_555 K ? D K . ? A K 24 ? 1_555 O6 ? B DG 5  ? B DG 16 ? 3_554 84.4  ? 
105 O6 ? A DG 11 ? A DG 11 ? 3_554 K ? D K . ? A K 24 ? 1_555 O6 ? B DG 5  ? B DG 16 ? 3_554 67.4  ? 
106 O6 ? B DG 5  ? B DG 16 ? 1_555 K ? D K . ? A K 24 ? 1_555 O6 ? B DG 5  ? B DG 16 ? 3_554 84.2  ? 
107 O6 ? A DG 5  ? A DG 5  ? 1_555 K ? D K . ? A K 24 ? 1_555 O6 ? B DG 11 ? B DG 22 ? 1_555 71.8  ? 
108 O6 ? A DG 5  ? A DG 5  ? 3_554 K ? D K . ? A K 24 ? 1_555 O6 ? B DG 11 ? B DG 22 ? 1_555 85.8  ? 
109 O6 ? A DG 11 ? A DG 11 ? 1_555 K ? D K . ? A K 24 ? 1_555 O6 ? B DG 11 ? B DG 22 ? 1_555 108.2 ? 
110 O6 ? A DG 11 ? A DG 11 ? 3_554 K ? D K . ? A K 24 ? 1_555 O6 ? B DG 11 ? B DG 22 ? 1_555 84.9  ? 
111 O6 ? B DG 5  ? B DG 16 ? 1_555 K ? D K . ? A K 24 ? 1_555 O6 ? B DG 11 ? B DG 22 ? 1_555 70.1  ? 
112 O6 ? B DG 5  ? B DG 16 ? 3_554 K ? D K . ? A K 24 ? 1_555 O6 ? B DG 11 ? B DG 22 ? 1_555 143.3 ? 
113 O6 ? A DG 5  ? A DG 5  ? 1_555 K ? D K . ? A K 24 ? 1_555 O6 ? B DG 11 ? B DG 22 ? 3_554 83.6  ? 
114 O6 ? A DG 5  ? A DG 5  ? 3_554 K ? D K . ? A K 24 ? 1_555 O6 ? B DG 11 ? B DG 22 ? 3_554 69.6  ? 
115 O6 ? A DG 11 ? A DG 11 ? 1_555 K ? D K . ? A K 24 ? 1_555 O6 ? B DG 11 ? B DG 22 ? 3_554 82.1  ? 
116 O6 ? A DG 11 ? A DG 11 ? 3_554 K ? D K . ? A K 24 ? 1_555 O6 ? B DG 11 ? B DG 22 ? 3_554 105.4 ? 
117 O6 ? B DG 5  ? B DG 16 ? 1_555 K ? D K . ? A K 24 ? 1_555 O6 ? B DG 11 ? B DG 22 ? 3_554 140.5 ? 
118 O6 ? B DG 5  ? B DG 16 ? 3_554 K ? D K . ? A K 24 ? 1_555 O6 ? B DG 11 ? B DG 22 ? 3_554 67.1  ? 
119 O6 ? B DG 11 ? B DG 22 ? 1_555 K ? D K . ? A K 24 ? 1_555 O6 ? B DG 11 ? B DG 22 ? 3_554 146.9 ? 
# 
loop_
_pdbx_audit_revision_history.ordinal 
_pdbx_audit_revision_history.data_content_type 
_pdbx_audit_revision_history.major_revision 
_pdbx_audit_revision_history.minor_revision 
_pdbx_audit_revision_history.revision_date 
1 'Structure model' 1 0 2007-05-08 
2 'Structure model' 1 1 2008-05-01 
3 'Structure model' 1 2 2011-07-13 
4 'Structure model' 1 3 2023-08-30 
# 
_pdbx_audit_revision_details.ordinal             1 
_pdbx_audit_revision_details.revision_ordinal    1 
_pdbx_audit_revision_details.data_content_type   'Structure model' 
_pdbx_audit_revision_details.provider            repository 
_pdbx_audit_revision_details.type                'Initial release' 
_pdbx_audit_revision_details.description         ? 
_pdbx_audit_revision_details.details             ? 
# 
loop_
_pdbx_audit_revision_group.ordinal 
_pdbx_audit_revision_group.revision_ordinal 
_pdbx_audit_revision_group.data_content_type 
_pdbx_audit_revision_group.group 
1 2 'Structure model' 'Version format compliance' 
2 3 'Structure model' 'Non-polymer description'   
3 3 'Structure model' 'Version format compliance' 
4 4 'Structure model' 'Data collection'           
5 4 'Structure model' 'Database references'       
6 4 'Structure model' 'Derived calculations'      
7 4 'Structure model' 'Refinement description'    
# 
loop_
_pdbx_audit_revision_category.ordinal 
_pdbx_audit_revision_category.revision_ordinal 
_pdbx_audit_revision_category.data_content_type 
_pdbx_audit_revision_category.category 
1 4 'Structure model' chem_comp_atom                
2 4 'Structure model' chem_comp_bond                
3 4 'Structure model' database_2                    
4 4 'Structure model' pdbx_initial_refinement_model 
5 4 'Structure model' pdbx_struct_conn_angle        
6 4 'Structure model' pdbx_struct_special_symmetry  
7 4 'Structure model' struct_conn                   
8 4 'Structure model' struct_site                   
# 
loop_
_pdbx_audit_revision_item.ordinal 
_pdbx_audit_revision_item.revision_ordinal 
_pdbx_audit_revision_item.data_content_type 
_pdbx_audit_revision_item.item 
1  4 'Structure model' '_database_2.pdbx_DOI'                        
2  4 'Structure model' '_database_2.pdbx_database_accession'         
3  4 'Structure model' '_pdbx_struct_conn_angle.ptnr1_auth_asym_id'  
4  4 'Structure model' '_pdbx_struct_conn_angle.ptnr1_auth_comp_id'  
5  4 'Structure model' '_pdbx_struct_conn_angle.ptnr1_auth_seq_id'   
6  4 'Structure model' '_pdbx_struct_conn_angle.ptnr1_label_asym_id' 
7  4 'Structure model' '_pdbx_struct_conn_angle.ptnr1_label_atom_id' 
8  4 'Structure model' '_pdbx_struct_conn_angle.ptnr1_label_comp_id' 
9  4 'Structure model' '_pdbx_struct_conn_angle.ptnr1_label_seq_id'  
10 4 'Structure model' '_pdbx_struct_conn_angle.ptnr1_symmetry'      
11 4 'Structure model' '_pdbx_struct_conn_angle.ptnr3_auth_asym_id'  
12 4 'Structure model' '_pdbx_struct_conn_angle.ptnr3_auth_comp_id'  
13 4 'Structure model' '_pdbx_struct_conn_angle.ptnr3_auth_seq_id'   
14 4 'Structure model' '_pdbx_struct_conn_angle.ptnr3_label_asym_id' 
15 4 'Structure model' '_pdbx_struct_conn_angle.ptnr3_label_atom_id' 
16 4 'Structure model' '_pdbx_struct_conn_angle.ptnr3_label_comp_id' 
17 4 'Structure model' '_pdbx_struct_conn_angle.ptnr3_label_seq_id'  
18 4 'Structure model' '_pdbx_struct_conn_angle.ptnr3_symmetry'      
19 4 'Structure model' '_pdbx_struct_conn_angle.value'               
20 4 'Structure model' '_struct_conn.pdbx_dist_value'                
21 4 'Structure model' '_struct_conn.ptnr1_auth_asym_id'             
22 4 'Structure model' '_struct_conn.ptnr1_auth_comp_id'             
23 4 'Structure model' '_struct_conn.ptnr1_auth_seq_id'              
24 4 'Structure model' '_struct_conn.ptnr1_label_asym_id'            
25 4 'Structure model' '_struct_conn.ptnr1_label_atom_id'            
26 4 'Structure model' '_struct_conn.ptnr1_label_comp_id'            
27 4 'Structure model' '_struct_conn.ptnr1_label_seq_id'             
28 4 'Structure model' '_struct_conn.ptnr1_symmetry'                 
29 4 'Structure model' '_struct_conn.ptnr2_auth_asym_id'             
30 4 'Structure model' '_struct_conn.ptnr2_auth_comp_id'             
31 4 'Structure model' '_struct_conn.ptnr2_auth_seq_id'              
32 4 'Structure model' '_struct_conn.ptnr2_label_asym_id'            
33 4 'Structure model' '_struct_conn.ptnr2_label_atom_id'            
34 4 'Structure model' '_struct_conn.ptnr2_label_comp_id'            
35 4 'Structure model' '_struct_conn.ptnr2_label_seq_id'             
36 4 'Structure model' '_struct_conn.ptnr2_symmetry'                 
37 4 'Structure model' '_struct_site.pdbx_auth_asym_id'              
38 4 'Structure model' '_struct_site.pdbx_auth_comp_id'              
39 4 'Structure model' '_struct_site.pdbx_auth_seq_id'               
# 
loop_
_software.name 
_software.classification 
_software.version 
_software.citation_id 
_software.pdbx_ordinal 
REFMAC refinement       5.2.0019 ? 1 
d*TREK 'data reduction' .        ? 2 
d*TREK 'data scaling'   .        ? 3 
PHASER phasing          .        ? 4 
# 
_pdbx_validate_rmsd_bond.id                        1 
_pdbx_validate_rmsd_bond.PDB_model_num             1 
_pdbx_validate_rmsd_bond.auth_atom_id_1            "O3'" 
_pdbx_validate_rmsd_bond.auth_asym_id_1            B 
_pdbx_validate_rmsd_bond.auth_comp_id_1            DT 
_pdbx_validate_rmsd_bond.auth_seq_id_1             18 
_pdbx_validate_rmsd_bond.PDB_ins_code_1            ? 
_pdbx_validate_rmsd_bond.label_alt_id_1            ? 
_pdbx_validate_rmsd_bond.auth_atom_id_2            "C3'" 
_pdbx_validate_rmsd_bond.auth_asym_id_2            B 
_pdbx_validate_rmsd_bond.auth_comp_id_2            DT 
_pdbx_validate_rmsd_bond.auth_seq_id_2             18 
_pdbx_validate_rmsd_bond.PDB_ins_code_2            ? 
_pdbx_validate_rmsd_bond.label_alt_id_2            ? 
_pdbx_validate_rmsd_bond.bond_value                1.362 
_pdbx_validate_rmsd_bond.bond_target_value         1.419 
_pdbx_validate_rmsd_bond.bond_deviation            -0.057 
_pdbx_validate_rmsd_bond.bond_standard_deviation   0.006 
_pdbx_validate_rmsd_bond.linker_flag               N 
# 
loop_
_pdbx_validate_rmsd_angle.id 
_pdbx_validate_rmsd_angle.PDB_model_num 
_pdbx_validate_rmsd_angle.auth_atom_id_1 
_pdbx_validate_rmsd_angle.auth_asym_id_1 
_pdbx_validate_rmsd_angle.auth_comp_id_1 
_pdbx_validate_rmsd_angle.auth_seq_id_1 
_pdbx_validate_rmsd_angle.PDB_ins_code_1 
_pdbx_validate_rmsd_angle.label_alt_id_1 
_pdbx_validate_rmsd_angle.auth_atom_id_2 
_pdbx_validate_rmsd_angle.auth_asym_id_2 
_pdbx_validate_rmsd_angle.auth_comp_id_2 
_pdbx_validate_rmsd_angle.auth_seq_id_2 
_pdbx_validate_rmsd_angle.PDB_ins_code_2 
_pdbx_validate_rmsd_angle.label_alt_id_2 
_pdbx_validate_rmsd_angle.auth_atom_id_3 
_pdbx_validate_rmsd_angle.auth_asym_id_3 
_pdbx_validate_rmsd_angle.auth_comp_id_3 
_pdbx_validate_rmsd_angle.auth_seq_id_3 
_pdbx_validate_rmsd_angle.PDB_ins_code_3 
_pdbx_validate_rmsd_angle.label_alt_id_3 
_pdbx_validate_rmsd_angle.angle_value 
_pdbx_validate_rmsd_angle.angle_target_value 
_pdbx_validate_rmsd_angle.angle_deviation 
_pdbx_validate_rmsd_angle.angle_standard_deviation 
_pdbx_validate_rmsd_angle.linker_flag 
1  1 C5    A DT 1  ? ? C4    A DT 1  ? ? O4    A DT 1  ? ? 119.94 124.90 -4.96 0.70 N 
2  1 C5    A DG 4  ? ? C6    A DG 4  ? ? N1    A DG 4  ? ? 114.79 111.50 3.29  0.50 N 
3  1 C5    A DG 5  ? ? C6    A DG 5  ? ? N1    A DG 5  ? ? 114.96 111.50 3.46  0.50 N 
4  1 "O4'" A DT 6  ? ? "C4'" A DT 6  ? ? "C3'" A DT 6  ? ? 101.91 104.50 -2.59 0.40 N 
5  1 "O4'" A DT 6  ? ? "C1'" A DT 6  ? ? N1    A DT 6  ? ? 111.80 108.30 3.50  0.30 N 
6  1 "O4'" A DT 7  ? ? "C1'" A DT 7  ? ? N1    A DT 7  ? ? 110.27 108.30 1.97  0.30 N 
7  1 "O4'" A DA 8  ? ? "C1'" A DA 8  ? ? N9    A DA 8  ? ? 112.78 108.30 4.48  0.30 N 
8  1 "O4'" A DG 9  ? ? "C1'" A DG 9  ? ? N9    A DG 9  ? ? 110.47 108.30 2.17  0.30 N 
9  1 C5    A DG 11 ? ? C6    A DG 11 ? ? N1    A DG 11 ? ? 114.59 111.50 3.09  0.50 N 
10 1 "O4'" B DG 14 ? ? "C1'" B DG 14 ? ? N9    B DG 14 ? ? 110.82 108.30 2.52  0.30 N 
11 1 "C1'" B DA 19 ? ? "O4'" B DA 19 ? ? "C4'" B DA 19 ? ? 101.51 110.10 -8.59 1.00 N 
12 1 "O4'" B DA 19 ? ? "C1'" B DA 19 ? ? N9    B DA 19 ? ? 110.97 108.30 2.67  0.30 N 
13 1 N7    B DG 20 ? ? C8    B DG 20 ? ? N9    B DG 20 ? ? 116.17 113.10 3.07  0.50 N 
14 1 "C3'" B DG 21 ? ? "O3'" B DG 21 ? ? P     B DG 22 ? ? 127.47 119.70 7.77  1.20 Y 
# 
loop_
_chem_comp_atom.comp_id 
_chem_comp_atom.atom_id 
_chem_comp_atom.type_symbol 
_chem_comp_atom.pdbx_aromatic_flag 
_chem_comp_atom.pdbx_stereo_config 
_chem_comp_atom.pdbx_ordinal 
DA  OP3    O N N 1   
DA  P      P N N 2   
DA  OP1    O N N 3   
DA  OP2    O N N 4   
DA  "O5'"  O N N 5   
DA  "C5'"  C N N 6   
DA  "C4'"  C N R 7   
DA  "O4'"  O N N 8   
DA  "C3'"  C N S 9   
DA  "O3'"  O N N 10  
DA  "C2'"  C N N 11  
DA  "C1'"  C N R 12  
DA  N9     N Y N 13  
DA  C8     C Y N 14  
DA  N7     N Y N 15  
DA  C5     C Y N 16  
DA  C6     C Y N 17  
DA  N6     N N N 18  
DA  N1     N Y N 19  
DA  C2     C Y N 20  
DA  N3     N Y N 21  
DA  C4     C Y N 22  
DA  HOP3   H N N 23  
DA  HOP2   H N N 24  
DA  "H5'"  H N N 25  
DA  "H5''" H N N 26  
DA  "H4'"  H N N 27  
DA  "H3'"  H N N 28  
DA  "HO3'" H N N 29  
DA  "H2'"  H N N 30  
DA  "H2''" H N N 31  
DA  "H1'"  H N N 32  
DA  H8     H N N 33  
DA  H61    H N N 34  
DA  H62    H N N 35  
DA  H2     H N N 36  
DG  OP3    O N N 37  
DG  P      P N N 38  
DG  OP1    O N N 39  
DG  OP2    O N N 40  
DG  "O5'"  O N N 41  
DG  "C5'"  C N N 42  
DG  "C4'"  C N R 43  
DG  "O4'"  O N N 44  
DG  "C3'"  C N S 45  
DG  "O3'"  O N N 46  
DG  "C2'"  C N N 47  
DG  "C1'"  C N R 48  
DG  N9     N Y N 49  
DG  C8     C Y N 50  
DG  N7     N Y N 51  
DG  C5     C Y N 52  
DG  C6     C N N 53  
DG  O6     O N N 54  
DG  N1     N N N 55  
DG  C2     C N N 56  
DG  N2     N N N 57  
DG  N3     N N N 58  
DG  C4     C Y N 59  
DG  HOP3   H N N 60  
DG  HOP2   H N N 61  
DG  "H5'"  H N N 62  
DG  "H5''" H N N 63  
DG  "H4'"  H N N 64  
DG  "H3'"  H N N 65  
DG  "HO3'" H N N 66  
DG  "H2'"  H N N 67  
DG  "H2''" H N N 68  
DG  "H1'"  H N N 69  
DG  H8     H N N 70  
DG  H1     H N N 71  
DG  H21    H N N 72  
DG  H22    H N N 73  
DT  OP3    O N N 74  
DT  P      P N N 75  
DT  OP1    O N N 76  
DT  OP2    O N N 77  
DT  "O5'"  O N N 78  
DT  "C5'"  C N N 79  
DT  "C4'"  C N R 80  
DT  "O4'"  O N N 81  
DT  "C3'"  C N S 82  
DT  "O3'"  O N N 83  
DT  "C2'"  C N N 84  
DT  "C1'"  C N R 85  
DT  N1     N N N 86  
DT  C2     C N N 87  
DT  O2     O N N 88  
DT  N3     N N N 89  
DT  C4     C N N 90  
DT  O4     O N N 91  
DT  C5     C N N 92  
DT  C7     C N N 93  
DT  C6     C N N 94  
DT  HOP3   H N N 95  
DT  HOP2   H N N 96  
DT  "H5'"  H N N 97  
DT  "H5''" H N N 98  
DT  "H4'"  H N N 99  
DT  "H3'"  H N N 100 
DT  "HO3'" H N N 101 
DT  "H2'"  H N N 102 
DT  "H2''" H N N 103 
DT  "H1'"  H N N 104 
DT  H3     H N N 105 
DT  H71    H N N 106 
DT  H72    H N N 107 
DT  H73    H N N 108 
DT  H6     H N N 109 
HOH O      O N N 110 
HOH H1     H N N 111 
HOH H2     H N N 112 
K   K      K N N 113 
POH CX3    C Y N 114 
POH C2A    C Y N 115 
POH C71    C Y N 116 
POH C81    C Y N 117 
POH C91    C Y N 118 
POH CXN    C N N 119 
POH C3A    C Y N 120 
POH C4A    C Y N 121 
POH C1A    C Y N 122 
POH CXD    C Y N 123 
POH NXT    N Y N 124 
POH NA     N Y N 125 
POH NB     N Y N 126 
POH NC     N Y N 127 
POH ND     N Y N 128 
POH CHB    C Y N 129 
POH C1B    C Y N 130 
POH CX4    C Y N 131 
POH C2B    C Y N 132 
POH C72    C Y N 133 
POH C82    C Y N 134 
POH C92    C Y N 135 
POH CXO    C N N 136 
POH C3B    C Y N 137 
POH C4B    C Y N 138 
POH CXE    C Y N 139 
POH NXU    N Y N 140 
POH CHC    C Y N 141 
POH C1C    C Y N 142 
POH CX5    C Y N 143 
POH C2C    C Y N 144 
POH C73    C Y N 145 
POH C83    C Y N 146 
POH C93    C Y N 147 
POH CXP    C N N 148 
POH C3C    C Y N 149 
POH C4C    C Y N 150 
POH CXF    C Y N 151 
POH NXV    N Y N 152 
POH CHD    C Y N 153 
POH C1D    C Y N 154 
POH CX6    C Y N 155 
POH C2D    C Y N 156 
POH C74    C Y N 157 
POH C84    C Y N 158 
POH C94    C Y N 159 
POH CXQ    C N N 160 
POH C3D    C Y N 161 
POH C4D    C Y N 162 
POH CXG    C Y N 163 
POH CHA    C Y N 164 
POH NXW    N Y N 165 
POH H51    H N N 166 
POH H11    H N N 167 
POH H31    H N N 168 
POH H41    H N N 169 
POH H811   H N N 170 
POH H821   H N N 171 
POH H831   H N N 172 
POH H21    H N N 173 
POH H61    H N N 174 
POH H71    H N N 175 
POH H73    H N N 176 
POH H52    H N N 177 
POH H12    H N N 178 
POH H32    H N N 179 
POH H42    H N N 180 
POH H812   H N N 181 
POH H822   H N N 182 
POH H832   H N N 183 
POH H22    H N N 184 
POH H62    H N N 185 
POH H53    H N N 186 
POH H13    H N N 187 
POH H33    H N N 188 
POH H43    H N N 189 
POH H813   H N N 190 
POH H823   H N N 191 
POH H833   H N N 192 
POH H23    H N N 193 
POH H63    H N N 194 
POH H54    H N N 195 
POH H14    H N N 196 
POH H34    H N N 197 
POH H44    H N N 198 
POH H814   H N N 199 
POH H824   H N N 200 
POH H834   H N N 201 
POH H24    H N N 202 
POH H64    H N N 203 
# 
loop_
_chem_comp_bond.comp_id 
_chem_comp_bond.atom_id_1 
_chem_comp_bond.atom_id_2 
_chem_comp_bond.value_order 
_chem_comp_bond.pdbx_aromatic_flag 
_chem_comp_bond.pdbx_stereo_config 
_chem_comp_bond.pdbx_ordinal 
DA  OP3   P      sing N N 1   
DA  OP3   HOP3   sing N N 2   
DA  P     OP1    doub N N 3   
DA  P     OP2    sing N N 4   
DA  P     "O5'"  sing N N 5   
DA  OP2   HOP2   sing N N 6   
DA  "O5'" "C5'"  sing N N 7   
DA  "C5'" "C4'"  sing N N 8   
DA  "C5'" "H5'"  sing N N 9   
DA  "C5'" "H5''" sing N N 10  
DA  "C4'" "O4'"  sing N N 11  
DA  "C4'" "C3'"  sing N N 12  
DA  "C4'" "H4'"  sing N N 13  
DA  "O4'" "C1'"  sing N N 14  
DA  "C3'" "O3'"  sing N N 15  
DA  "C3'" "C2'"  sing N N 16  
DA  "C3'" "H3'"  sing N N 17  
DA  "O3'" "HO3'" sing N N 18  
DA  "C2'" "C1'"  sing N N 19  
DA  "C2'" "H2'"  sing N N 20  
DA  "C2'" "H2''" sing N N 21  
DA  "C1'" N9     sing N N 22  
DA  "C1'" "H1'"  sing N N 23  
DA  N9    C8     sing Y N 24  
DA  N9    C4     sing Y N 25  
DA  C8    N7     doub Y N 26  
DA  C8    H8     sing N N 27  
DA  N7    C5     sing Y N 28  
DA  C5    C6     sing Y N 29  
DA  C5    C4     doub Y N 30  
DA  C6    N6     sing N N 31  
DA  C6    N1     doub Y N 32  
DA  N6    H61    sing N N 33  
DA  N6    H62    sing N N 34  
DA  N1    C2     sing Y N 35  
DA  C2    N3     doub Y N 36  
DA  C2    H2     sing N N 37  
DA  N3    C4     sing Y N 38  
DG  OP3   P      sing N N 39  
DG  OP3   HOP3   sing N N 40  
DG  P     OP1    doub N N 41  
DG  P     OP2    sing N N 42  
DG  P     "O5'"  sing N N 43  
DG  OP2   HOP2   sing N N 44  
DG  "O5'" "C5'"  sing N N 45  
DG  "C5'" "C4'"  sing N N 46  
DG  "C5'" "H5'"  sing N N 47  
DG  "C5'" "H5''" sing N N 48  
DG  "C4'" "O4'"  sing N N 49  
DG  "C4'" "C3'"  sing N N 50  
DG  "C4'" "H4'"  sing N N 51  
DG  "O4'" "C1'"  sing N N 52  
DG  "C3'" "O3'"  sing N N 53  
DG  "C3'" "C2'"  sing N N 54  
DG  "C3'" "H3'"  sing N N 55  
DG  "O3'" "HO3'" sing N N 56  
DG  "C2'" "C1'"  sing N N 57  
DG  "C2'" "H2'"  sing N N 58  
DG  "C2'" "H2''" sing N N 59  
DG  "C1'" N9     sing N N 60  
DG  "C1'" "H1'"  sing N N 61  
DG  N9    C8     sing Y N 62  
DG  N9    C4     sing Y N 63  
DG  C8    N7     doub Y N 64  
DG  C8    H8     sing N N 65  
DG  N7    C5     sing Y N 66  
DG  C5    C6     sing N N 67  
DG  C5    C4     doub Y N 68  
DG  C6    O6     doub N N 69  
DG  C6    N1     sing N N 70  
DG  N1    C2     sing N N 71  
DG  N1    H1     sing N N 72  
DG  C2    N2     sing N N 73  
DG  C2    N3     doub N N 74  
DG  N2    H21    sing N N 75  
DG  N2    H22    sing N N 76  
DG  N3    C4     sing N N 77  
DT  OP3   P      sing N N 78  
DT  OP3   HOP3   sing N N 79  
DT  P     OP1    doub N N 80  
DT  P     OP2    sing N N 81  
DT  P     "O5'"  sing N N 82  
DT  OP2   HOP2   sing N N 83  
DT  "O5'" "C5'"  sing N N 84  
DT  "C5'" "C4'"  sing N N 85  
DT  "C5'" "H5'"  sing N N 86  
DT  "C5'" "H5''" sing N N 87  
DT  "C4'" "O4'"  sing N N 88  
DT  "C4'" "C3'"  sing N N 89  
DT  "C4'" "H4'"  sing N N 90  
DT  "O4'" "C1'"  sing N N 91  
DT  "C3'" "O3'"  sing N N 92  
DT  "C3'" "C2'"  sing N N 93  
DT  "C3'" "H3'"  sing N N 94  
DT  "O3'" "HO3'" sing N N 95  
DT  "C2'" "C1'"  sing N N 96  
DT  "C2'" "H2'"  sing N N 97  
DT  "C2'" "H2''" sing N N 98  
DT  "C1'" N1     sing N N 99  
DT  "C1'" "H1'"  sing N N 100 
DT  N1    C2     sing N N 101 
DT  N1    C6     sing N N 102 
DT  C2    O2     doub N N 103 
DT  C2    N3     sing N N 104 
DT  N3    C4     sing N N 105 
DT  N3    H3     sing N N 106 
DT  C4    O4     doub N N 107 
DT  C4    C5     sing N N 108 
DT  C5    C7     sing N N 109 
DT  C5    C6     doub N N 110 
DT  C7    H71    sing N N 111 
DT  C7    H72    sing N N 112 
DT  C7    H73    sing N N 113 
DT  C6    H6     sing N N 114 
HOH O     H1     sing N N 115 
HOH O     H2     sing N N 116 
POH CX3   CXD    doub Y N 117 
POH CX3   NXT    sing Y N 118 
POH C2A   C3A    doub Y N 119 
POH C2A   C1A    sing Y N 120 
POH C71   C81    doub Y N 121 
POH C71   CXD    sing Y N 122 
POH C71   CHB    sing Y N 123 
POH C81   C91    sing Y N 124 
POH C91   NXT    doub Y N 125 
POH CXN   NXT    sing N N 126 
POH C3A   C4A    sing Y N 127 
POH C4A   NA     sing Y N 128 
POH C4A   CHB    doub Y N 129 
POH C1A   NA     sing Y N 130 
POH C1A   CHA    doub Y N 131 
POH NB    C1B    doub Y N 132 
POH NB    C4B    sing Y N 133 
POH NC    C1C    sing Y N 134 
POH NC    C4C    sing Y N 135 
POH ND    C1D    sing Y N 136 
POH ND    C4D    doub Y N 137 
POH CHB   C1B    sing Y N 138 
POH C1B   C2B    sing Y N 139 
POH CX4   CXE    doub Y N 140 
POH CX4   NXU    sing Y N 141 
POH C2B   C3B    doub Y N 142 
POH C72   C82    doub Y N 143 
POH C72   CXE    sing Y N 144 
POH C72   CHC    sing Y N 145 
POH C82   C92    sing Y N 146 
POH C92   NXU    doub Y N 147 
POH CXO   NXU    sing N N 148 
POH C3B   C4B    sing Y N 149 
POH C4B   CHC    doub Y N 150 
POH CHC   C1C    sing Y N 151 
POH C1C   C2C    doub Y N 152 
POH CX5   CXF    doub Y N 153 
POH CX5   NXV    sing Y N 154 
POH C2C   C3C    sing Y N 155 
POH C73   C83    doub Y N 156 
POH C73   CXF    sing Y N 157 
POH C73   CHD    sing Y N 158 
POH C83   C93    sing Y N 159 
POH C93   NXV    doub Y N 160 
POH CXP   NXV    sing N N 161 
POH C3C   C4C    doub Y N 162 
POH C4C   CHD    sing Y N 163 
POH CHD   C1D    doub Y N 164 
POH C1D   C2D    sing Y N 165 
POH CX6   CXG    sing Y N 166 
POH CX6   NXW    doub Y N 167 
POH C2D   C3D    doub Y N 168 
POH C74   C84    sing Y N 169 
POH C74   CXG    doub Y N 170 
POH C74   CHA    sing Y N 171 
POH C84   C94    doub Y N 172 
POH C94   NXW    sing Y N 173 
POH CXQ   NXW    sing N N 174 
POH C3D   C4D    sing Y N 175 
POH C4D   CHA    sing Y N 176 
POH CX3   H51    sing N N 177 
POH C2A   H11    sing N N 178 
POH C81   H31    sing N N 179 
POH C91   H41    sing N N 180 
POH CXN   H811   sing N N 181 
POH CXN   H821   sing N N 182 
POH CXN   H831   sing N N 183 
POH C3A   H21    sing N N 184 
POH CXD   H61    sing N N 185 
POH NA    H71    sing N N 186 
POH NC    H73    sing N N 187 
POH CX4   H52    sing N N 188 
POH C2B   H12    sing N N 189 
POH C82   H32    sing N N 190 
POH C92   H42    sing N N 191 
POH CXO   H812   sing N N 192 
POH CXO   H822   sing N N 193 
POH CXO   H832   sing N N 194 
POH C3B   H22    sing N N 195 
POH CXE   H62    sing N N 196 
POH CX5   H53    sing N N 197 
POH C2C   H13    sing N N 198 
POH C83   H33    sing N N 199 
POH C93   H43    sing N N 200 
POH CXP   H813   sing N N 201 
POH CXP   H823   sing N N 202 
POH CXP   H833   sing N N 203 
POH C3C   H23    sing N N 204 
POH CXF   H63    sing N N 205 
POH CX6   H54    sing N N 206 
POH C2D   H14    sing N N 207 
POH C84   H34    sing N N 208 
POH C94   H44    sing N N 209 
POH CXQ   H814   sing N N 210 
POH CXQ   H824   sing N N 211 
POH CXQ   H834   sing N N 212 
POH C3D   H24    sing N N 213 
POH CXG   H64    sing N N 214 
# 
loop_
_ndb_struct_conf_na.entry_id 
_ndb_struct_conf_na.feature 
2HRI 'double helix'    
2HRI 'quadruple helix' 
# 
loop_
_ndb_struct_na_base_pair.model_number 
_ndb_struct_na_base_pair.i_label_asym_id 
_ndb_struct_na_base_pair.i_label_comp_id 
_ndb_struct_na_base_pair.i_label_seq_id 
_ndb_struct_na_base_pair.i_symmetry 
_ndb_struct_na_base_pair.j_label_asym_id 
_ndb_struct_na_base_pair.j_label_comp_id 
_ndb_struct_na_base_pair.j_label_seq_id 
_ndb_struct_na_base_pair.j_symmetry 
_ndb_struct_na_base_pair.shear 
_ndb_struct_na_base_pair.stretch 
_ndb_struct_na_base_pair.stagger 
_ndb_struct_na_base_pair.buckle 
_ndb_struct_na_base_pair.propeller 
_ndb_struct_na_base_pair.opening 
_ndb_struct_na_base_pair.pair_number 
_ndb_struct_na_base_pair.pair_name 
_ndb_struct_na_base_pair.i_auth_asym_id 
_ndb_struct_na_base_pair.i_auth_seq_id 
_ndb_struct_na_base_pair.i_PDB_ins_code 
_ndb_struct_na_base_pair.j_auth_asym_id 
_ndb_struct_na_base_pair.j_auth_seq_id 
_ndb_struct_na_base_pair.j_PDB_ins_code 
_ndb_struct_na_base_pair.hbond_type_28 
_ndb_struct_na_base_pair.hbond_type_12 
1 A DT 1  1_555 A DA 8  1_555 -0.214 -1.313 0.247  -11.303 -6.446 -174.542 1 A_DT1:DA8_A   A 1  ? A 8  ? 21 2 
1 A DG 3  1_555 A DG 9  1_555 1.606  3.444  -0.191 6.365   -5.844 -89.948  2 A_DG3:DG9_A   A 3  ? A 9  ? 6  ? 
1 A DA 2  1_555 B DA 2  1_555 -4.119 1.514  0.563  18.334  -0.007 -110.826 3 A_DA2:DA13_B  A 2  ? B 13 ? 5  4 
1 B DG 9  1_555 B DG 3  1_555 -1.651 -3.408 0.083  -0.749  5.581  88.408   4 B_DG20:DG14_B B 20 ? B 14 ? 6  ? 
1 B DG 4  1_555 B DG 10 1_555 1.525  3.449  -0.029 0.540   -5.303 -89.880  5 B_DG15:DG21_B B 15 ? B 21 ? 6  ? 
1 B DG 5  1_555 B DG 11 1_555 1.631  3.359  -0.047 1.306   -3.059 -91.534  6 B_DG16:DG22_B B 16 ? B 22 ? 6  ? 
1 A DG 11 1_555 A DG 5  1_555 -1.592 -3.411 0.043  3.105   1.585  90.047   7 A_DG11:DG5_A  A 11 ? A 5  ? 6  ? 
# 
loop_
_ndb_struct_na_base_pair_step.model_number 
_ndb_struct_na_base_pair_step.i_label_asym_id_1 
_ndb_struct_na_base_pair_step.i_label_comp_id_1 
_ndb_struct_na_base_pair_step.i_label_seq_id_1 
_ndb_struct_na_base_pair_step.i_symmetry_1 
_ndb_struct_na_base_pair_step.j_label_asym_id_1 
_ndb_struct_na_base_pair_step.j_label_comp_id_1 
_ndb_struct_na_base_pair_step.j_label_seq_id_1 
_ndb_struct_na_base_pair_step.j_symmetry_1 
_ndb_struct_na_base_pair_step.i_label_asym_id_2 
_ndb_struct_na_base_pair_step.i_label_comp_id_2 
_ndb_struct_na_base_pair_step.i_label_seq_id_2 
_ndb_struct_na_base_pair_step.i_symmetry_2 
_ndb_struct_na_base_pair_step.j_label_asym_id_2 
_ndb_struct_na_base_pair_step.j_label_comp_id_2 
_ndb_struct_na_base_pair_step.j_label_seq_id_2 
_ndb_struct_na_base_pair_step.j_symmetry_2 
_ndb_struct_na_base_pair_step.shift 
_ndb_struct_na_base_pair_step.slide 
_ndb_struct_na_base_pair_step.rise 
_ndb_struct_na_base_pair_step.tilt 
_ndb_struct_na_base_pair_step.roll 
_ndb_struct_na_base_pair_step.twist 
_ndb_struct_na_base_pair_step.x_displacement 
_ndb_struct_na_base_pair_step.y_displacement 
_ndb_struct_na_base_pair_step.helical_rise 
_ndb_struct_na_base_pair_step.inclination 
_ndb_struct_na_base_pair_step.tip 
_ndb_struct_na_base_pair_step.helical_twist 
_ndb_struct_na_base_pair_step.step_number 
_ndb_struct_na_base_pair_step.step_name 
_ndb_struct_na_base_pair_step.i_auth_asym_id_1 
_ndb_struct_na_base_pair_step.i_auth_seq_id_1 
_ndb_struct_na_base_pair_step.i_PDB_ins_code_1 
_ndb_struct_na_base_pair_step.j_auth_asym_id_1 
_ndb_struct_na_base_pair_step.j_auth_seq_id_1 
_ndb_struct_na_base_pair_step.j_PDB_ins_code_1 
_ndb_struct_na_base_pair_step.i_auth_asym_id_2 
_ndb_struct_na_base_pair_step.i_auth_seq_id_2 
_ndb_struct_na_base_pair_step.i_PDB_ins_code_2 
_ndb_struct_na_base_pair_step.j_auth_asym_id_2 
_ndb_struct_na_base_pair_step.j_auth_seq_id_2 
_ndb_struct_na_base_pair_step.j_PDB_ins_code_2 
1 A DT 1 1_555 A DA 8  1_555 A DG 3  1_555 A DG 9  1_555 0.947  -1.986 6.761 2.947    -9.278 38.484  -0.597 -0.656 7.085 -13.809 
-4.385  39.651   1 AA_DT1DG3:DG9DA8_AA     A 1  ? A 8  ? A 3  ? A 9  ? 
1 A DA 2 1_555 B DA 2  1_555 B DG 9  1_555 B DG 3  1_555 2.558  2.613  0.899 -168.932 27.172 -2.208  -1.547 -0.187 2.128 -14.279 
-88.773 -171.105 2 AB_DA2DG20:DG14DA13_BB  A 2  ? B 13 ? B 20 ? B 14 ? 
1 B DG 4 1_555 B DG 10 1_555 B DG 5  1_555 B DG 11 1_555 -0.368 -0.866 3.336 0.118    0.510  29.658  -1.801 0.745  3.320 0.996   
-0.231  29.663   3 BB_DG15DG16:DG22DG21_BB B 15 ? B 21 ? B 16 ? B 22 ? 
1 B DG 5 1_555 B DG 11 1_555 A DG 11 1_555 A DG 5  1_555 -1.600 -3.537 0.105 0.338    0.094  179.487 -1.768 0.800  0.105 0.047   
-0.169  179.487  4 BA_DG16DG11:DG5DG22_AB  B 16 ? B 22 ? A 11 ? A 5  ? 
# 
loop_
_pdbx_entity_nonpoly.entity_id 
_pdbx_entity_nonpoly.name 
_pdbx_entity_nonpoly.comp_id 
2 'POTASSIUM ION'                                                                         K   
3 '(1Z,4Z,9Z,15Z)-5,10,15,20-tetrakis(1-methylpyridin-1-ium-4-yl)-21,23-dihydroporphyrin' POH 
4 water                                                                                   HOH 
# 
_pdbx_initial_refinement_model.id               1 
_pdbx_initial_refinement_model.entity_id_list   ? 
_pdbx_initial_refinement_model.type             'experimental model' 
_pdbx_initial_refinement_model.source_name      PDB 
_pdbx_initial_refinement_model.accession_code   2A5R 
_pdbx_initial_refinement_model.details          'PDB ENTRY 2A5R' 
# 
